data_9MGS
# 
_entry.id   9MGS 
# 
_audit_conform.dict_name       mmcif_pdbx.dic 
_audit_conform.dict_version    5.406 
_audit_conform.dict_location   http://mmcif.pdb.org/dictionaries/ascii/mmcif_pdbx.dic 
# 
loop_
_database_2.database_id 
_database_2.database_code 
_database_2.pdbx_database_accession 
_database_2.pdbx_DOI 
PDB   9MGS         pdb_00009mgs 10.2210/pdb9mgs/pdb 
WWPDB D_1000289484 ?            ?                   
# 
loop_
_pdbx_audit_revision_history.ordinal 
_pdbx_audit_revision_history.data_content_type 
_pdbx_audit_revision_history.major_revision 
_pdbx_audit_revision_history.minor_revision 
_pdbx_audit_revision_history.revision_date 
_pdbx_audit_revision_history.part_number 
1 'Structure model' 1 0 2025-09-03 ? 
2 'Structure model' 1 1 2025-09-17 ? 
# 
_pdbx_audit_revision_details.ordinal             1 
_pdbx_audit_revision_details.revision_ordinal    1 
_pdbx_audit_revision_details.data_content_type   'Structure model' 
_pdbx_audit_revision_details.provider            repository 
_pdbx_audit_revision_details.type                'Initial release' 
_pdbx_audit_revision_details.description         ? 
_pdbx_audit_revision_details.details             ? 
# 
_pdbx_audit_revision_group.ordinal             1 
_pdbx_audit_revision_group.revision_ordinal    2 
_pdbx_audit_revision_group.data_content_type   'Structure model' 
_pdbx_audit_revision_group.group               'Database references' 
# 
loop_
_pdbx_audit_revision_category.ordinal 
_pdbx_audit_revision_category.revision_ordinal 
_pdbx_audit_revision_category.data_content_type 
_pdbx_audit_revision_category.category 
1 2 'Structure model' citation        
2 2 'Structure model' citation_author 
# 
loop_
_pdbx_audit_revision_item.ordinal 
_pdbx_audit_revision_item.revision_ordinal 
_pdbx_audit_revision_item.data_content_type 
_pdbx_audit_revision_item.item 
1  2 'Structure model' '_citation.country'                 
2  2 'Structure model' '_citation.journal_abbrev'          
3  2 'Structure model' '_citation.journal_id_CSD'          
4  2 'Structure model' '_citation.journal_id_ISSN'         
5  2 'Structure model' '_citation.journal_volume'          
6  2 'Structure model' '_citation.page_first'              
7  2 'Structure model' '_citation.page_last'               
8  2 'Structure model' '_citation.pdbx_database_id_DOI'    
9  2 'Structure model' '_citation.pdbx_database_id_PubMed' 
10 2 'Structure model' '_citation.title'                   
11 2 'Structure model' '_citation.year'                    
12 2 'Structure model' '_citation_author.identifier_ORCID' 
# 
_pdbx_database_status.status_code                     REL 
_pdbx_database_status.status_code_sf                  REL 
_pdbx_database_status.status_code_mr                  ? 
_pdbx_database_status.entry_id                        9MGS 
_pdbx_database_status.recvd_initial_deposition_date   2024-12-11 
_pdbx_database_status.SG_entry                        N 
_pdbx_database_status.deposit_site                    RCSB 
_pdbx_database_status.process_site                    RCSB 
_pdbx_database_status.status_code_cs                  ? 
_pdbx_database_status.status_code_nmr_data            ? 
_pdbx_database_status.methods_development_category    ? 
_pdbx_database_status.pdb_format_compatible           Y 
# 
_pdbx_contact_author.id                 2 
_pdbx_contact_author.email              albert.berghuis@mcgill.ca 
_pdbx_contact_author.name_first         Albert 
_pdbx_contact_author.name_last          Berghuis 
_pdbx_contact_author.name_mi            ? 
_pdbx_contact_author.role               'principal investigator/group leader' 
_pdbx_contact_author.identifier_ORCID   0000-0002-2663-025X 
# 
loop_
_audit_author.name 
_audit_author.pdbx_ordinal 
_audit_author.identifier_ORCID 
'Hemmings, M.'   1 0009-0009-2849-4894 
'Zielinski, M.'  2 ?                   
'Blanchet, J.'   3 ?                   
'Golkar, T.'     4 ?                   
'Berghuis, A.M.' 5 ?                   
# 
_citation.abstract                  ? 
_citation.abstract_id_CAS           ? 
_citation.book_id_ISBN              ? 
_citation.book_publisher            ? 
_citation.book_publisher_city       ? 
_citation.book_title                ? 
_citation.coordinate_linkage        ? 
_citation.country                   UK 
_citation.database_id_Medline       ? 
_citation.details                   ? 
_citation.id                        primary 
_citation.journal_abbrev            'Commun Chem' 
_citation.journal_id_ASTM           ? 
_citation.journal_id_CSD            ? 
_citation.journal_id_ISSN           2399-3669 
_citation.journal_full              ? 
_citation.journal_issue             ? 
_citation.journal_volume            8 
_citation.language                  ? 
_citation.page_first                258 
_citation.page_last                 258 
_citation.title                     'Enzyme-mediated aminoglycoside resistance without target mimicry.' 
_citation.year                      2025 
_citation.database_id_CSD           ? 
_citation.pdbx_database_id_DOI      10.1038/s42004-025-01666-0 
_citation.pdbx_database_id_PubMed   40855189 
_citation.pdbx_database_id_patent   ? 
_citation.unpublished_flag          ? 
# 
loop_
_citation_author.citation_id 
_citation_author.name 
_citation_author.ordinal 
_citation_author.identifier_ORCID 
primary 'Hemmings, M.'   1 0009-0009-2849-4894 
primary 'Zielinski, M.'  2 ?                   
primary 'Golkar, T.'     3 ?                   
primary 'Blanchet, J.'   4 ?                   
primary 'Pistofidis, A.' 5 ?                   
primary 'Munro, K.'      6 ?                   
primary 'Schmeing, T.M.' 7 0000-0002-8061-0436 
primary 'Bohle, D.S.'    8 ?                   
primary 'Berghuis, A.M.' 9 0000-0002-2663-025X 
# 
loop_
_entity.id 
_entity.type 
_entity.src_method 
_entity.pdbx_description 
_entity.formula_weight 
_entity.pdbx_number_of_molecules 
_entity.pdbx_ec 
_entity.pdbx_mutation 
_entity.pdbx_fragment 
_entity.details 
1 polymer     man 'Aminoglycoside acetyltransferase' 16931.188 1  ? ? ? ? 
2 non-polymer syn 'COENZYME A' 767.534   1  ? ? ? ? 
3 non-polymer syn 
;(1S,2S,3R,4S,6R)-4,6-diamino-3-{[(2S,3R)-3-amino-6-(aminomethyl)-3,4-dihydro-2H-pyran-2-yl]oxy}-2-hydroxycyclohexyl 3-deoxy-4-C-methyl-3-(methylamino)-beta-L-arabinopyranoside
;
447.526   1  ? ? ? ? 
4 water       nat water 18.015    61 ? ? ? ? 
# 
_entity_poly.entity_id                      1 
_entity_poly.type                           'polypeptide(L)' 
_entity_poly.nstd_linkage                   no 
_entity_poly.nstd_monomer                   no 
_entity_poly.pdbx_seq_one_letter_code       
;MGIIRTCRLGPDQVKSMRAALDLFGREFGGVATYSQHQPDSDYLGNLLRSKTFIALAAFDQEAVVGALAAYVLPKFEQAR
SEIYIYDLAVSGEHRRQGIATALINLLKHEANALGAYVIYVQADYGDDPAVALYTKLGIREEVMHFDIDPSTAT
;
_entity_poly.pdbx_seq_one_letter_code_can   
;MGIIRTCRLGPDQVKSMRAALDLFGREFGGVATYSQHQPDSDYLGNLLRSKTFIALAAFDQEAVVGALAAYVLPKFEQAR
SEIYIYDLAVSGEHRRQGIATALINLLKHEANALGAYVIYVQADYGDDPAVALYTKLGIREEVMHFDIDPSTAT
;
_entity_poly.pdbx_strand_id                 A 
_entity_poly.pdbx_target_identifier         ? 
# 
loop_
_pdbx_entity_nonpoly.entity_id 
_pdbx_entity_nonpoly.name 
_pdbx_entity_nonpoly.comp_id 
2 'COENZYME A' COA 
3 
;(1S,2S,3R,4S,6R)-4,6-diamino-3-{[(2S,3R)-3-amino-6-(aminomethyl)-3,4-dihydro-2H-pyran-2-yl]oxy}-2-hydroxycyclohexyl 3-deoxy-4-C-methyl-3-(methylamino)-beta-L-arabinopyranoside
;
SIS 
4 water HOH 
# 
loop_
_entity_poly_seq.entity_id 
_entity_poly_seq.num 
_entity_poly_seq.mon_id 
_entity_poly_seq.hetero 
1 1   MET n 
1 2   GLY n 
1 3   ILE n 
1 4   ILE n 
1 5   ARG n 
1 6   THR n 
1 7   CYS n 
1 8   ARG n 
1 9   LEU n 
1 10  GLY n 
1 11  PRO n 
1 12  ASP n 
1 13  GLN n 
1 14  VAL n 
1 15  LYS n 
1 16  SER n 
1 17  MET n 
1 18  ARG n 
1 19  ALA n 
1 20  ALA n 
1 21  LEU n 
1 22  ASP n 
1 23  LEU n 
1 24  PHE n 
1 25  GLY n 
1 26  ARG n 
1 27  GLU n 
1 28  PHE n 
1 29  GLY n 
1 30  GLY n 
1 31  VAL n 
1 32  ALA n 
1 33  THR n 
1 34  TYR n 
1 35  SER n 
1 36  GLN n 
1 37  HIS n 
1 38  GLN n 
1 39  PRO n 
1 40  ASP n 
1 41  SER n 
1 42  ASP n 
1 43  TYR n 
1 44  LEU n 
1 45  GLY n 
1 46  ASN n 
1 47  LEU n 
1 48  LEU n 
1 49  ARG n 
1 50  SER n 
1 51  LYS n 
1 52  THR n 
1 53  PHE n 
1 54  ILE n 
1 55  ALA n 
1 56  LEU n 
1 57  ALA n 
1 58  ALA n 
1 59  PHE n 
1 60  ASP n 
1 61  GLN n 
1 62  GLU n 
1 63  ALA n 
1 64  VAL n 
1 65  VAL n 
1 66  GLY n 
1 67  ALA n 
1 68  LEU n 
1 69  ALA n 
1 70  ALA n 
1 71  TYR n 
1 72  VAL n 
1 73  LEU n 
1 74  PRO n 
1 75  LYS n 
1 76  PHE n 
1 77  GLU n 
1 78  GLN n 
1 79  ALA n 
1 80  ARG n 
1 81  SER n 
1 82  GLU n 
1 83  ILE n 
1 84  TYR n 
1 85  ILE n 
1 86  TYR n 
1 87  ASP n 
1 88  LEU n 
1 89  ALA n 
1 90  VAL n 
1 91  SER n 
1 92  GLY n 
1 93  GLU n 
1 94  HIS n 
1 95  ARG n 
1 96  ARG n 
1 97  GLN n 
1 98  GLY n 
1 99  ILE n 
1 100 ALA n 
1 101 THR n 
1 102 ALA n 
1 103 LEU n 
1 104 ILE n 
1 105 ASN n 
1 106 LEU n 
1 107 LEU n 
1 108 LYS n 
1 109 HIS n 
1 110 GLU n 
1 111 ALA n 
1 112 ASN n 
1 113 ALA n 
1 114 LEU n 
1 115 GLY n 
1 116 ALA n 
1 117 TYR n 
1 118 VAL n 
1 119 ILE n 
1 120 TYR n 
1 121 VAL n 
1 122 GLN n 
1 123 ALA n 
1 124 ASP n 
1 125 TYR n 
1 126 GLY n 
1 127 ASP n 
1 128 ASP n 
1 129 PRO n 
1 130 ALA n 
1 131 VAL n 
1 132 ALA n 
1 133 LEU n 
1 134 TYR n 
1 135 THR n 
1 136 LYS n 
1 137 LEU n 
1 138 GLY n 
1 139 ILE n 
1 140 ARG n 
1 141 GLU n 
1 142 GLU n 
1 143 VAL n 
1 144 MET n 
1 145 HIS n 
1 146 PHE n 
1 147 ASP n 
1 148 ILE n 
1 149 ASP n 
1 150 PRO n 
1 151 SER n 
1 152 THR n 
1 153 ALA n 
1 154 THR n 
# 
_entity_src_gen.entity_id                          1 
_entity_src_gen.pdbx_src_id                        1 
_entity_src_gen.pdbx_alt_source_flag               sample 
_entity_src_gen.pdbx_seq_type                      'Biological sequence' 
_entity_src_gen.pdbx_beg_seq_num                   1 
_entity_src_gen.pdbx_end_seq_num                   154 
_entity_src_gen.gene_src_common_name               ? 
_entity_src_gen.gene_src_genus                     ? 
_entity_src_gen.pdbx_gene_src_gene                 aac1 
_entity_src_gen.gene_src_species                   ? 
_entity_src_gen.gene_src_strain                    ? 
_entity_src_gen.gene_src_tissue                    ? 
_entity_src_gen.gene_src_tissue_fraction           ? 
_entity_src_gen.gene_src_details                   ? 
_entity_src_gen.pdbx_gene_src_fragment             ? 
_entity_src_gen.pdbx_gene_src_scientific_name      'Acinetobacter baumannii' 
_entity_src_gen.pdbx_gene_src_ncbi_taxonomy_id     470 
_entity_src_gen.pdbx_gene_src_variant              ? 
_entity_src_gen.pdbx_gene_src_cell_line            ? 
_entity_src_gen.pdbx_gene_src_atcc                 ? 
_entity_src_gen.pdbx_gene_src_organ                ? 
_entity_src_gen.pdbx_gene_src_organelle            ? 
_entity_src_gen.pdbx_gene_src_cell                 ? 
_entity_src_gen.pdbx_gene_src_cellular_location    ? 
_entity_src_gen.host_org_common_name               ? 
_entity_src_gen.pdbx_host_org_scientific_name      
;Escherichia coli 'BL21-Gold(DE3)pLysS AG'
;
_entity_src_gen.pdbx_host_org_ncbi_taxonomy_id     866768 
_entity_src_gen.host_org_genus                     ? 
_entity_src_gen.pdbx_host_org_gene                 ? 
_entity_src_gen.pdbx_host_org_organ                ? 
_entity_src_gen.host_org_species                   ? 
_entity_src_gen.pdbx_host_org_tissue               ? 
_entity_src_gen.pdbx_host_org_tissue_fraction      ? 
_entity_src_gen.pdbx_host_org_strain               ? 
_entity_src_gen.pdbx_host_org_variant              ? 
_entity_src_gen.pdbx_host_org_cell_line            ? 
_entity_src_gen.pdbx_host_org_atcc                 ? 
_entity_src_gen.pdbx_host_org_culture_collection   ? 
_entity_src_gen.pdbx_host_org_cell                 ? 
_entity_src_gen.pdbx_host_org_organelle            ? 
_entity_src_gen.pdbx_host_org_cellular_location    ? 
_entity_src_gen.pdbx_host_org_vector_type          ? 
_entity_src_gen.pdbx_host_org_vector               ? 
_entity_src_gen.host_org_details                   ? 
_entity_src_gen.expression_system_id               ? 
_entity_src_gen.plasmid_name                       ? 
_entity_src_gen.plasmid_details                    ? 
_entity_src_gen.pdbx_description                   ? 
# 
loop_
_chem_comp.id 
_chem_comp.type 
_chem_comp.mon_nstd_flag 
_chem_comp.name 
_chem_comp.pdbx_synonyms 
_chem_comp.formula 
_chem_comp.formula_weight 
ALA 'L-peptide linking' y ALANINE ?         'C3 H7 N O2'          89.093  
ARG 'L-peptide linking' y ARGININE ?         'C6 H15 N4 O2 1'      175.209 
ASN 'L-peptide linking' y ASPARAGINE ?         'C4 H8 N2 O3'         132.118 
ASP 'L-peptide linking' y 'ASPARTIC ACID' ?         'C4 H7 N O4'          133.103 
COA non-polymer         . 'COENZYME A' ?         'C21 H36 N7 O16 P3 S' 767.534 
CYS 'L-peptide linking' y CYSTEINE ?         'C3 H7 N O2 S'        121.158 
GLN 'L-peptide linking' y GLUTAMINE ?         'C5 H10 N2 O3'        146.144 
GLU 'L-peptide linking' y 'GLUTAMIC ACID' ?         'C5 H9 N O4'          147.129 
GLY 'peptide linking'   y GLYCINE ?         'C2 H5 N O2'          75.067  
HIS 'L-peptide linking' y HISTIDINE ?         'C6 H10 N3 O2 1'      156.162 
HOH non-polymer         . WATER ?         'H2 O'                18.015  
ILE 'L-peptide linking' y ISOLEUCINE ?         'C6 H13 N O2'         131.173 
LEU 'L-peptide linking' y LEUCINE ?         'C6 H13 N O2'         131.173 
LYS 'L-peptide linking' y LYSINE ?         'C6 H15 N2 O2 1'      147.195 
MET 'L-peptide linking' y METHIONINE ?         'C5 H11 N O2 S'       149.211 
PHE 'L-peptide linking' y PHENYLALANINE ?         'C9 H11 N O2'         165.189 
PRO 'L-peptide linking' y PROLINE ?         'C5 H9 N O2'          115.130 
SER 'L-peptide linking' y SERINE ?         'C3 H7 N O3'          105.093 
SIS non-polymer         . 
;(1S,2S,3R,4S,6R)-4,6-diamino-3-{[(2S,3R)-3-amino-6-(aminomethyl)-3,4-dihydro-2H-pyran-2-yl]oxy}-2-hydroxycyclohexyl 3-deoxy-4-C-methyl-3-(methylamino)-beta-L-arabinopyranoside
;
Sisomicin 'C19 H37 N5 O7'       447.526 
THR 'L-peptide linking' y THREONINE ?         'C4 H9 N O3'          119.119 
TYR 'L-peptide linking' y TYROSINE ?         'C9 H11 N O3'         181.189 
VAL 'L-peptide linking' y VALINE ?         'C5 H11 N O2'         117.146 
# 
loop_
_pdbx_poly_seq_scheme.asym_id 
_pdbx_poly_seq_scheme.entity_id 
_pdbx_poly_seq_scheme.seq_id 
_pdbx_poly_seq_scheme.mon_id 
_pdbx_poly_seq_scheme.ndb_seq_num 
_pdbx_poly_seq_scheme.pdb_seq_num 
_pdbx_poly_seq_scheme.auth_seq_num 
_pdbx_poly_seq_scheme.pdb_mon_id 
_pdbx_poly_seq_scheme.auth_mon_id 
_pdbx_poly_seq_scheme.pdb_strand_id 
_pdbx_poly_seq_scheme.pdb_ins_code 
_pdbx_poly_seq_scheme.hetero 
A 1 1   MET 1   24  24  MET MET A . n 
A 1 2   GLY 2   25  25  GLY GLY A . n 
A 1 3   ILE 3   26  26  ILE ILE A . n 
A 1 4   ILE 4   27  27  ILE ILE A . n 
A 1 5   ARG 5   28  28  ARG ARG A . n 
A 1 6   THR 6   29  29  THR THR A . n 
A 1 7   CYS 7   30  30  CYS CYS A . n 
A 1 8   ARG 8   31  31  ARG ARG A . n 
A 1 9   LEU 9   32  32  LEU LEU A . n 
A 1 10  GLY 10  33  33  GLY GLY A . n 
A 1 11  PRO 11  34  34  PRO PRO A . n 
A 1 12  ASP 12  35  35  ASP ASP A . n 
A 1 13  GLN 13  36  36  GLN GLN A . n 
A 1 14  VAL 14  37  37  VAL VAL A . n 
A 1 15  LYS 15  38  38  LYS LYS A . n 
A 1 16  SER 16  39  39  SER SER A . n 
A 1 17  MET 17  40  40  MET MET A . n 
A 1 18  ARG 18  41  41  ARG ARG A . n 
A 1 19  ALA 19  42  42  ALA ALA A . n 
A 1 20  ALA 20  43  43  ALA ALA A . n 
A 1 21  LEU 21  44  44  LEU LEU A . n 
A 1 22  ASP 22  45  45  ASP ASP A . n 
A 1 23  LEU 23  46  46  LEU LEU A . n 
A 1 24  PHE 24  47  47  PHE PHE A . n 
A 1 25  GLY 25  48  48  GLY GLY A . n 
A 1 26  ARG 26  49  49  ARG ARG A . n 
A 1 27  GLU 27  50  50  GLU GLU A . n 
A 1 28  PHE 28  51  51  PHE PHE A . n 
A 1 29  GLY 29  52  52  GLY GLY A . n 
A 1 30  GLY 30  53  53  GLY GLY A . n 
A 1 31  VAL 31  54  54  VAL VAL A . n 
A 1 32  ALA 32  55  55  ALA ALA A . n 
A 1 33  THR 33  56  56  THR THR A . n 
A 1 34  TYR 34  57  57  TYR TYR A . n 
A 1 35  SER 35  58  58  SER SER A . n 
A 1 36  GLN 36  59  59  GLN GLN A . n 
A 1 37  HIS 37  60  60  HIS HIS A . n 
A 1 38  GLN 38  61  61  GLN GLN A . n 
A 1 39  PRO 39  62  62  PRO PRO A . n 
A 1 40  ASP 40  63  63  ASP ASP A . n 
A 1 41  SER 41  64  64  SER SER A . n 
A 1 42  ASP 42  65  65  ASP ASP A . n 
A 1 43  TYR 43  66  66  TYR TYR A . n 
A 1 44  LEU 44  67  67  LEU LEU A . n 
A 1 45  GLY 45  68  68  GLY GLY A . n 
A 1 46  ASN 46  69  69  ASN ASN A . n 
A 1 47  LEU 47  70  70  LEU LEU A . n 
A 1 48  LEU 48  71  71  LEU LEU A . n 
A 1 49  ARG 49  72  72  ARG ARG A . n 
A 1 50  SER 50  73  73  SER SER A . n 
A 1 51  LYS 51  74  74  LYS LYS A . n 
A 1 52  THR 52  75  75  THR THR A . n 
A 1 53  PHE 53  76  76  PHE PHE A . n 
A 1 54  ILE 54  77  77  ILE ILE A . n 
A 1 55  ALA 55  78  78  ALA ALA A . n 
A 1 56  LEU 56  79  79  LEU LEU A . n 
A 1 57  ALA 57  80  80  ALA ALA A . n 
A 1 58  ALA 58  81  81  ALA ALA A . n 
A 1 59  PHE 59  82  82  PHE PHE A . n 
A 1 60  ASP 60  83  83  ASP ASP A . n 
A 1 61  GLN 61  84  84  GLN GLN A . n 
A 1 62  GLU 62  85  85  GLU GLU A . n 
A 1 63  ALA 63  86  86  ALA ALA A . n 
A 1 64  VAL 64  87  87  VAL VAL A . n 
A 1 65  VAL 65  88  88  VAL VAL A . n 
A 1 66  GLY 66  89  89  GLY GLY A . n 
A 1 67  ALA 67  90  90  ALA ALA A . n 
A 1 68  LEU 68  91  91  LEU LEU A . n 
A 1 69  ALA 69  92  92  ALA ALA A . n 
A 1 70  ALA 70  93  93  ALA ALA A . n 
A 1 71  TYR 71  94  94  TYR TYR A . n 
A 1 72  VAL 72  95  95  VAL VAL A . n 
A 1 73  LEU 73  96  96  LEU LEU A . n 
A 1 74  PRO 74  97  97  PRO PRO A . n 
A 1 75  LYS 75  98  98  LYS LYS A . n 
A 1 76  PHE 76  99  99  PHE PHE A . n 
A 1 77  GLU 77  100 100 GLU GLU A . n 
A 1 78  GLN 78  101 101 GLN GLN A . n 
A 1 79  ALA 79  102 102 ALA ALA A . n 
A 1 80  ARG 80  103 103 ARG ARG A . n 
A 1 81  SER 81  104 104 SER SER A . n 
A 1 82  GLU 82  105 105 GLU GLU A . n 
A 1 83  ILE 83  106 106 ILE ILE A . n 
A 1 84  TYR 84  107 107 TYR TYR A . n 
A 1 85  ILE 85  108 108 ILE ILE A . n 
A 1 86  TYR 86  109 109 TYR TYR A . n 
A 1 87  ASP 87  110 110 ASP ASP A . n 
A 1 88  LEU 88  111 111 LEU LEU A . n 
A 1 89  ALA 89  112 112 ALA ALA A . n 
A 1 90  VAL 90  113 113 VAL VAL A . n 
A 1 91  SER 91  114 114 SER SER A . n 
A 1 92  GLY 92  115 115 GLY GLY A . n 
A 1 93  GLU 93  116 116 GLU GLU A . n 
A 1 94  HIS 94  117 117 HIS HIS A . n 
A 1 95  ARG 95  118 118 ARG ARG A . n 
A 1 96  ARG 96  119 119 ARG ARG A . n 
A 1 97  GLN 97  120 120 GLN GLN A . n 
A 1 98  GLY 98  121 121 GLY GLY A . n 
A 1 99  ILE 99  122 122 ILE ILE A . n 
A 1 100 ALA 100 123 123 ALA ALA A . n 
A 1 101 THR 101 124 124 THR THR A . n 
A 1 102 ALA 102 125 125 ALA ALA A . n 
A 1 103 LEU 103 126 126 LEU LEU A . n 
A 1 104 ILE 104 127 127 ILE ILE A . n 
A 1 105 ASN 105 128 128 ASN ASN A . n 
A 1 106 LEU 106 129 129 LEU LEU A . n 
A 1 107 LEU 107 130 130 LEU LEU A . n 
A 1 108 LYS 108 131 131 LYS LYS A . n 
A 1 109 HIS 109 132 132 HIS HIS A . n 
A 1 110 GLU 110 133 133 GLU GLU A . n 
A 1 111 ALA 111 134 134 ALA ALA A . n 
A 1 112 ASN 112 135 135 ASN ASN A . n 
A 1 113 ALA 113 136 136 ALA ALA A . n 
A 1 114 LEU 114 137 137 LEU LEU A . n 
A 1 115 GLY 115 138 138 GLY GLY A . n 
A 1 116 ALA 116 139 139 ALA ALA A . n 
A 1 117 TYR 117 140 140 TYR TYR A . n 
A 1 118 VAL 118 141 141 VAL VAL A . n 
A 1 119 ILE 119 142 142 ILE ILE A . n 
A 1 120 TYR 120 143 143 TYR TYR A . n 
A 1 121 VAL 121 144 144 VAL VAL A . n 
A 1 122 GLN 122 145 145 GLN GLN A . n 
A 1 123 ALA 123 146 146 ALA ALA A . n 
A 1 124 ASP 124 147 147 ASP ASP A . n 
A 1 125 TYR 125 148 148 TYR TYR A . n 
A 1 126 GLY 126 149 149 GLY GLY A . n 
A 1 127 ASP 127 150 150 ASP ASP A . n 
A 1 128 ASP 128 151 151 ASP ASP A . n 
A 1 129 PRO 129 152 152 PRO PRO A . n 
A 1 130 ALA 130 153 153 ALA ALA A . n 
A 1 131 VAL 131 154 154 VAL VAL A . n 
A 1 132 ALA 132 155 155 ALA ALA A . n 
A 1 133 LEU 133 156 156 LEU LEU A . n 
A 1 134 TYR 134 157 157 TYR TYR A . n 
A 1 135 THR 135 158 158 THR THR A . n 
A 1 136 LYS 136 159 159 LYS LYS A . n 
A 1 137 LEU 137 160 160 LEU LEU A . n 
A 1 138 GLY 138 161 161 GLY GLY A . n 
A 1 139 ILE 139 162 162 ILE ILE A . n 
A 1 140 ARG 140 163 163 ARG ARG A . n 
A 1 141 GLU 141 164 164 GLU GLU A . n 
A 1 142 GLU 142 165 165 GLU GLU A . n 
A 1 143 VAL 143 166 166 VAL VAL A . n 
A 1 144 MET 144 167 167 MET MET A . n 
A 1 145 HIS 145 168 168 HIS HIS A . n 
A 1 146 PHE 146 169 169 PHE PHE A . n 
A 1 147 ASP 147 170 170 ASP ASP A . n 
A 1 148 ILE 148 171 171 ILE ILE A . n 
A 1 149 ASP 149 172 172 ASP ASP A . n 
A 1 150 PRO 150 173 173 PRO PRO A . n 
A 1 151 SER 151 174 174 SER SER A . n 
A 1 152 THR 152 175 175 THR THR A . n 
A 1 153 ALA 153 176 176 ALA ALA A . n 
A 1 154 THR 154 177 177 THR THR A . n 
# 
loop_
_pdbx_entity_instance_feature.ordinal 
_pdbx_entity_instance_feature.comp_id 
_pdbx_entity_instance_feature.asym_id 
_pdbx_entity_instance_feature.seq_num 
_pdbx_entity_instance_feature.auth_comp_id 
_pdbx_entity_instance_feature.auth_asym_id 
_pdbx_entity_instance_feature.auth_seq_num 
_pdbx_entity_instance_feature.feature_type 
_pdbx_entity_instance_feature.details 
1 COA ? ? COA ? ? 'SUBJECT OF INVESTIGATION' ? 
2 SIS ? ? SIS ? ? 'SUBJECT OF INVESTIGATION' ? 
# 
loop_
_pdbx_nonpoly_scheme.asym_id 
_pdbx_nonpoly_scheme.entity_id 
_pdbx_nonpoly_scheme.mon_id 
_pdbx_nonpoly_scheme.ndb_seq_num 
_pdbx_nonpoly_scheme.pdb_seq_num 
_pdbx_nonpoly_scheme.auth_seq_num 
_pdbx_nonpoly_scheme.pdb_mon_id 
_pdbx_nonpoly_scheme.auth_mon_id 
_pdbx_nonpoly_scheme.pdb_strand_id 
_pdbx_nonpoly_scheme.pdb_ins_code 
B 2 COA 1  201 201 COA COA A . 
C 3 SIS 1  202 202 SIS SIS A . 
D 4 HOH 1  301 61  HOH HOH A . 
D 4 HOH 2  302 55  HOH HOH A . 
D 4 HOH 3  303 11  HOH HOH A . 
D 4 HOH 4  304 44  HOH HOH A . 
D 4 HOH 5  305 8   HOH HOH A . 
D 4 HOH 6  306 37  HOH HOH A . 
D 4 HOH 7  307 60  HOH HOH A . 
D 4 HOH 8  308 29  HOH HOH A . 
D 4 HOH 9  309 2   HOH HOH A . 
D 4 HOH 10 310 14  HOH HOH A . 
D 4 HOH 11 311 12  HOH HOH A . 
D 4 HOH 12 312 49  HOH HOH A . 
D 4 HOH 13 313 3   HOH HOH A . 
D 4 HOH 14 314 1   HOH HOH A . 
D 4 HOH 15 315 4   HOH HOH A . 
D 4 HOH 16 316 50  HOH HOH A . 
D 4 HOH 17 317 5   HOH HOH A . 
D 4 HOH 18 318 58  HOH HOH A . 
D 4 HOH 19 319 51  HOH HOH A . 
D 4 HOH 20 320 36  HOH HOH A . 
D 4 HOH 21 321 6   HOH HOH A . 
D 4 HOH 22 322 7   HOH HOH A . 
D 4 HOH 23 323 34  HOH HOH A . 
D 4 HOH 24 324 13  HOH HOH A . 
D 4 HOH 25 325 30  HOH HOH A . 
D 4 HOH 26 326 48  HOH HOH A . 
D 4 HOH 27 327 35  HOH HOH A . 
D 4 HOH 28 328 20  HOH HOH A . 
D 4 HOH 29 329 23  HOH HOH A . 
D 4 HOH 30 330 10  HOH HOH A . 
D 4 HOH 31 331 21  HOH HOH A . 
D 4 HOH 32 332 39  HOH HOH A . 
D 4 HOH 33 333 27  HOH HOH A . 
D 4 HOH 34 334 9   HOH HOH A . 
D 4 HOH 35 335 25  HOH HOH A . 
D 4 HOH 36 336 16  HOH HOH A . 
D 4 HOH 37 337 33  HOH HOH A . 
D 4 HOH 38 338 53  HOH HOH A . 
D 4 HOH 39 339 24  HOH HOH A . 
D 4 HOH 40 340 56  HOH HOH A . 
D 4 HOH 41 341 41  HOH HOH A . 
D 4 HOH 42 342 28  HOH HOH A . 
D 4 HOH 43 343 26  HOH HOH A . 
D 4 HOH 44 344 42  HOH HOH A . 
D 4 HOH 45 345 32  HOH HOH A . 
D 4 HOH 46 346 59  HOH HOH A . 
D 4 HOH 47 347 31  HOH HOH A . 
D 4 HOH 48 348 52  HOH HOH A . 
D 4 HOH 49 349 40  HOH HOH A . 
D 4 HOH 50 350 57  HOH HOH A . 
D 4 HOH 51 351 38  HOH HOH A . 
D 4 HOH 52 352 18  HOH HOH A . 
D 4 HOH 53 353 43  HOH HOH A . 
D 4 HOH 54 354 17  HOH HOH A . 
D 4 HOH 55 355 47  HOH HOH A . 
D 4 HOH 56 356 19  HOH HOH A . 
D 4 HOH 57 357 45  HOH HOH A . 
D 4 HOH 58 358 15  HOH HOH A . 
D 4 HOH 59 359 46  HOH HOH A . 
D 4 HOH 60 360 54  HOH HOH A . 
D 4 HOH 61 361 22  HOH HOH A . 
# 
loop_
_pdbx_unobs_or_zero_occ_atoms.id 
_pdbx_unobs_or_zero_occ_atoms.PDB_model_num 
_pdbx_unobs_or_zero_occ_atoms.polymer_flag 
_pdbx_unobs_or_zero_occ_atoms.occupancy_flag 
_pdbx_unobs_or_zero_occ_atoms.auth_asym_id 
_pdbx_unobs_or_zero_occ_atoms.auth_comp_id 
_pdbx_unobs_or_zero_occ_atoms.auth_seq_id 
_pdbx_unobs_or_zero_occ_atoms.PDB_ins_code 
_pdbx_unobs_or_zero_occ_atoms.auth_atom_id 
_pdbx_unobs_or_zero_occ_atoms.label_alt_id 
_pdbx_unobs_or_zero_occ_atoms.label_asym_id 
_pdbx_unobs_or_zero_occ_atoms.label_comp_id 
_pdbx_unobs_or_zero_occ_atoms.label_seq_id 
_pdbx_unobs_or_zero_occ_atoms.label_atom_id 
1  1 Y 1 A MET 24  ? CG  ? A MET 1  CG  
2  1 Y 1 A MET 24  ? SD  ? A MET 1  SD  
3  1 Y 1 A MET 24  ? CE  ? A MET 1  CE  
4  1 Y 1 A ARG 28  ? CG  ? A ARG 5  CG  
5  1 Y 1 A ARG 28  ? CD  ? A ARG 5  CD  
6  1 Y 1 A ARG 28  ? NE  ? A ARG 5  NE  
7  1 Y 1 A ARG 28  ? CZ  ? A ARG 5  CZ  
8  1 Y 1 A ARG 28  ? NH1 ? A ARG 5  NH1 
9  1 Y 1 A ARG 28  ? NH2 ? A ARG 5  NH2 
10 1 Y 1 A LYS 38  ? CG  ? A LYS 15 CG  
11 1 Y 1 A LYS 38  ? CD  ? A LYS 15 CD  
12 1 Y 1 A LYS 38  ? CE  ? A LYS 15 CE  
13 1 Y 1 A LYS 38  ? NZ  ? A LYS 15 NZ  
14 1 Y 1 A LYS 74  ? CG  ? A LYS 51 CG  
15 1 Y 1 A LYS 74  ? CD  ? A LYS 51 CD  
16 1 Y 1 A LYS 74  ? CE  ? A LYS 51 CE  
17 1 Y 1 A LYS 74  ? NZ  ? A LYS 51 NZ  
18 1 Y 1 A GLN 84  ? CG  ? A GLN 61 CG  
19 1 Y 1 A GLN 84  ? CD  ? A GLN 61 CD  
20 1 Y 1 A GLN 84  ? OE1 ? A GLN 61 OE1 
21 1 Y 1 A GLN 84  ? NE2 ? A GLN 61 NE2 
22 1 Y 1 A GLU 116 ? CG  ? A GLU 93 CG  
23 1 Y 1 A GLU 116 ? CD  ? A GLU 93 CD  
24 1 Y 1 A GLU 116 ? OE1 ? A GLU 93 OE1 
25 1 Y 1 A GLU 116 ? OE2 ? A GLU 93 OE2 
# 
loop_
_software.citation_id 
_software.classification 
_software.compiler_name 
_software.compiler_version 
_software.contact_author 
_software.contact_author_email 
_software.date 
_software.description 
_software.dependencies 
_software.hardware 
_software.language 
_software.location 
_software.mods 
_software.name 
_software.os 
_software.os_version 
_software.type 
_software.version 
_software.pdbx_ordinal 
? refinement       ? ? ? ? ? ? ? ? ? ? ? REFMAC ? ? ? 5.8.0425 1 
? 'data scaling'   ? ? ? ? ? ? ? ? ? ? ? DIALS  ? ? ? .        2 
? phasing          ? ? ? ? ? ? ? ? ? ? ? PHASER ? ? ? .        3 
? 'model building' ? ? ? ? ? ? ? ? ? ? ? Coot   ? ? ? .        4 
# 
_cell.angle_alpha                  90.00 
_cell.angle_alpha_esd              ? 
_cell.angle_beta                   90.00 
_cell.angle_beta_esd               ? 
_cell.angle_gamma                  90.00 
_cell.angle_gamma_esd              ? 
_cell.entry_id                     9MGS 
_cell.details                      ? 
_cell.formula_units_Z              ? 
_cell.length_a                     57.213 
_cell.length_a_esd                 ? 
_cell.length_b                     57.213 
_cell.length_b_esd                 ? 
_cell.length_c                     125.238 
_cell.length_c_esd                 ? 
_cell.volume                       ? 
_cell.volume_esd                   ? 
_cell.Z_PDB                        8 
_cell.reciprocal_angle_alpha       ? 
_cell.reciprocal_angle_beta        ? 
_cell.reciprocal_angle_gamma       ? 
_cell.reciprocal_angle_alpha_esd   ? 
_cell.reciprocal_angle_beta_esd    ? 
_cell.reciprocal_angle_gamma_esd   ? 
_cell.reciprocal_length_a          ? 
_cell.reciprocal_length_b          ? 
_cell.reciprocal_length_c          ? 
_cell.reciprocal_length_a_esd      ? 
_cell.reciprocal_length_b_esd      ? 
_cell.reciprocal_length_c_esd      ? 
_cell.pdbx_unique_axis             ? 
_cell.pdbx_esd_method              ? 
# 
_symmetry.entry_id                         9MGS 
_symmetry.cell_setting                     ? 
_symmetry.Int_Tables_number                96 
_symmetry.space_group_name_Hall            ? 
_symmetry.space_group_name_H-M             'P 43 21 2' 
_symmetry.pdbx_full_space_group_name_H-M   ? 
# 
_exptl.absorpt_coefficient_mu     ? 
_exptl.absorpt_correction_T_max   ? 
_exptl.absorpt_correction_T_min   ? 
_exptl.absorpt_correction_type    ? 
_exptl.absorpt_process_details    ? 
_exptl.entry_id                   9MGS 
_exptl.crystals_number            1 
_exptl.details                    ? 
_exptl.method                     'X-RAY DIFFRACTION' 
_exptl.method_details             ? 
# 
_exptl_crystal.colour                       ? 
_exptl_crystal.density_diffrn               ? 
_exptl_crystal.density_Matthews             3.03 
_exptl_crystal.density_method               ? 
_exptl_crystal.density_percent_sol          59.36 
_exptl_crystal.description                  ? 
_exptl_crystal.F_000                        ? 
_exptl_crystal.id                           1 
_exptl_crystal.preparation                  ? 
_exptl_crystal.size_max                     ? 
_exptl_crystal.size_mid                     ? 
_exptl_crystal.size_min                     ? 
_exptl_crystal.size_rad                     ? 
_exptl_crystal.colour_lustre                ? 
_exptl_crystal.colour_modifier              ? 
_exptl_crystal.colour_primary               ? 
_exptl_crystal.density_meas                 ? 
_exptl_crystal.density_meas_esd             ? 
_exptl_crystal.density_meas_gt              ? 
_exptl_crystal.density_meas_lt              ? 
_exptl_crystal.density_meas_temp            ? 
_exptl_crystal.density_meas_temp_esd        ? 
_exptl_crystal.density_meas_temp_gt         ? 
_exptl_crystal.density_meas_temp_lt         ? 
_exptl_crystal.pdbx_crystal_image_url       ? 
_exptl_crystal.pdbx_crystal_image_format    ? 
_exptl_crystal.pdbx_mosaicity               ? 
_exptl_crystal.pdbx_mosaicity_esd           ? 
_exptl_crystal.pdbx_mosaic_method           ? 
_exptl_crystal.pdbx_mosaic_block_size       ? 
_exptl_crystal.pdbx_mosaic_block_size_esd   ? 
# 
_exptl_crystal_grow.apparatus       ? 
_exptl_crystal_grow.atmosphere      ? 
_exptl_crystal_grow.crystal_id      1 
_exptl_crystal_grow.details         ? 
_exptl_crystal_grow.method          'VAPOR DIFFUSION, SITTING DROP' 
_exptl_crystal_grow.method_ref      ? 
_exptl_crystal_grow.pH              ? 
_exptl_crystal_grow.pressure        ? 
_exptl_crystal_grow.pressure_esd    ? 
_exptl_crystal_grow.seeding         ? 
_exptl_crystal_grow.seeding_ref     ? 
_exptl_crystal_grow.temp_details    ? 
_exptl_crystal_grow.temp_esd        ? 
_exptl_crystal_grow.time            ? 
_exptl_crystal_grow.pdbx_details    
'10 mg/mL AAC(3)-Ia with a 10x molar excess of gentamicin and CoASH in 0.1 M Tris Ph 8.5, 0.05 M MgCl2, 20% EtOH, 35% PEG 400.' 
_exptl_crystal_grow.pdbx_pH_range   ? 
_exptl_crystal_grow.temp            293.15 
# 
_diffrn.ambient_environment              ? 
_diffrn.ambient_temp                     100 
_diffrn.ambient_temp_details             ? 
_diffrn.ambient_temp_esd                 ? 
_diffrn.crystal_id                       1 
_diffrn.crystal_support                  ? 
_diffrn.crystal_treatment                ? 
_diffrn.details                          ? 
_diffrn.id                               1 
_diffrn.ambient_pressure                 ? 
_diffrn.ambient_pressure_esd             ? 
_diffrn.ambient_pressure_gt              ? 
_diffrn.ambient_pressure_lt              ? 
_diffrn.ambient_temp_gt                  ? 
_diffrn.ambient_temp_lt                  ? 
_diffrn.pdbx_serial_crystal_experiment   N 
# 
_diffrn_detector.details                      ? 
_diffrn_detector.detector                     PIXEL 
_diffrn_detector.diffrn_id                    1 
_diffrn_detector.type                         'DECTRIS PILATUS 6M' 
_diffrn_detector.area_resol_mean              ? 
_diffrn_detector.dtime                        ? 
_diffrn_detector.pdbx_frames_total            ? 
_diffrn_detector.pdbx_collection_time_total   ? 
_diffrn_detector.pdbx_collection_date         2022-10-01 
_diffrn_detector.pdbx_frequency               ? 
_diffrn_detector.id                           ? 
_diffrn_detector.number_of_axes               ? 
# 
_diffrn_radiation.collimation                      ? 
_diffrn_radiation.diffrn_id                        1 
_diffrn_radiation.filter_edge                      ? 
_diffrn_radiation.inhomogeneity                    ? 
_diffrn_radiation.monochromator                    ? 
_diffrn_radiation.polarisn_norm                    ? 
_diffrn_radiation.polarisn_ratio                   ? 
_diffrn_radiation.probe                            ? 
_diffrn_radiation.type                             ? 
_diffrn_radiation.xray_symbol                      ? 
_diffrn_radiation.wavelength_id                    1 
_diffrn_radiation.pdbx_monochromatic_or_laue_m_l   M 
_diffrn_radiation.pdbx_wavelength_list             ? 
_diffrn_radiation.pdbx_wavelength                  ? 
_diffrn_radiation.pdbx_diffrn_protocol             'SINGLE WAVELENGTH' 
_diffrn_radiation.pdbx_analyzer                    ? 
_diffrn_radiation.pdbx_scattering_type             x-ray 
# 
_diffrn_radiation_wavelength.id           1 
_diffrn_radiation_wavelength.wavelength   0.9537 
_diffrn_radiation_wavelength.wt           1.0 
# 
_diffrn_source.current                     ? 
_diffrn_source.details                     ? 
_diffrn_source.diffrn_id                   1 
_diffrn_source.power                       ? 
_diffrn_source.size                        ? 
_diffrn_source.source                      SYNCHROTRON 
_diffrn_source.target                      ? 
_diffrn_source.type                        'CLSI BEAMLINE 08B1-1' 
_diffrn_source.voltage                     ? 
_diffrn_source.take-off_angle              ? 
_diffrn_source.pdbx_wavelength_list        0.9537 
_diffrn_source.pdbx_wavelength             ? 
_diffrn_source.pdbx_synchrotron_beamline   08B1-1 
_diffrn_source.pdbx_synchrotron_site       CLSI 
# 
_reflns.B_iso_Wilson_estimate                          ? 
_reflns.entry_id                                       9MGS 
_reflns.data_reduction_details                         ? 
_reflns.data_reduction_method                          ? 
_reflns.d_resolution_high                              2.1 
_reflns.d_resolution_low                               30.00 
_reflns.details                                        ? 
_reflns.limit_h_max                                    ? 
_reflns.limit_h_min                                    ? 
_reflns.limit_k_max                                    ? 
_reflns.limit_k_min                                    ? 
_reflns.limit_l_max                                    ? 
_reflns.limit_l_min                                    ? 
_reflns.number_all                                     ? 
_reflns.number_obs                                     10939 
_reflns.observed_criterion                             ? 
_reflns.observed_criterion_F_max                       ? 
_reflns.observed_criterion_F_min                       ? 
_reflns.observed_criterion_I_max                       ? 
_reflns.observed_criterion_I_min                       ? 
_reflns.observed_criterion_sigma_F                     ? 
_reflns.observed_criterion_sigma_I                     ? 
_reflns.percent_possible_obs                           85.07 
_reflns.R_free_details                                 ? 
_reflns.Rmerge_F_all                                   ? 
_reflns.Rmerge_F_obs                                   ? 
_reflns.Friedel_coverage                               ? 
_reflns.number_gt                                      ? 
_reflns.threshold_expression                           ? 
_reflns.pdbx_redundancy                                21.1 
_reflns.pdbx_netI_over_av_sigmaI                       ? 
_reflns.pdbx_netI_over_sigmaI                          14.10 
_reflns.pdbx_res_netI_over_av_sigmaI_2                 ? 
_reflns.pdbx_res_netI_over_sigmaI_2                    ? 
_reflns.pdbx_chi_squared                               ? 
_reflns.pdbx_scaling_rejects                           ? 
_reflns.pdbx_d_res_high_opt                            ? 
_reflns.pdbx_d_res_low_opt                             ? 
_reflns.pdbx_d_res_opt_method                          ? 
_reflns.phase_calculation_details                      ? 
_reflns.pdbx_Rrim_I_all                                ? 
_reflns.pdbx_Rpim_I_all                                ? 
_reflns.pdbx_d_opt                                     ? 
_reflns.pdbx_number_measured_all                       ? 
_reflns.pdbx_diffrn_id                                 1 
_reflns.pdbx_ordinal                                   1 
_reflns.pdbx_CC_half                                   0.992 
_reflns.pdbx_CC_star                                   ? 
_reflns.pdbx_R_split                                   ? 
_reflns.pdbx_Rmerge_I_obs                              ? 
_reflns.pdbx_Rmerge_I_all                              ? 
_reflns.pdbx_Rsym_value                                ? 
_reflns.pdbx_CC_split_method                           ? 
_reflns.pdbx_aniso_diffraction_limit_axis_1_ortho[1]   ? 
_reflns.pdbx_aniso_diffraction_limit_axis_1_ortho[2]   ? 
_reflns.pdbx_aniso_diffraction_limit_axis_1_ortho[3]   ? 
_reflns.pdbx_aniso_diffraction_limit_axis_2_ortho[1]   ? 
_reflns.pdbx_aniso_diffraction_limit_axis_2_ortho[2]   ? 
_reflns.pdbx_aniso_diffraction_limit_axis_2_ortho[3]   ? 
_reflns.pdbx_aniso_diffraction_limit_axis_3_ortho[1]   ? 
_reflns.pdbx_aniso_diffraction_limit_axis_3_ortho[2]   ? 
_reflns.pdbx_aniso_diffraction_limit_axis_3_ortho[3]   ? 
_reflns.pdbx_aniso_diffraction_limit_1                 ? 
_reflns.pdbx_aniso_diffraction_limit_2                 ? 
_reflns.pdbx_aniso_diffraction_limit_3                 ? 
_reflns.pdbx_aniso_B_tensor_eigenvector_1_ortho[1]     ? 
_reflns.pdbx_aniso_B_tensor_eigenvector_1_ortho[2]     ? 
_reflns.pdbx_aniso_B_tensor_eigenvector_1_ortho[3]     ? 
_reflns.pdbx_aniso_B_tensor_eigenvector_2_ortho[1]     ? 
_reflns.pdbx_aniso_B_tensor_eigenvector_2_ortho[2]     ? 
_reflns.pdbx_aniso_B_tensor_eigenvector_2_ortho[3]     ? 
_reflns.pdbx_aniso_B_tensor_eigenvector_3_ortho[1]     ? 
_reflns.pdbx_aniso_B_tensor_eigenvector_3_ortho[2]     ? 
_reflns.pdbx_aniso_B_tensor_eigenvector_3_ortho[3]     ? 
_reflns.pdbx_aniso_B_tensor_eigenvalue_1               ? 
_reflns.pdbx_aniso_B_tensor_eigenvalue_2               ? 
_reflns.pdbx_aniso_B_tensor_eigenvalue_3               ? 
_reflns.pdbx_orthogonalization_convention              ? 
_reflns.pdbx_percent_possible_ellipsoidal              ? 
_reflns.pdbx_percent_possible_spherical                ? 
_reflns.pdbx_percent_possible_ellipsoidal_anomalous    ? 
_reflns.pdbx_percent_possible_spherical_anomalous      ? 
_reflns.pdbx_redundancy_anomalous                      ? 
_reflns.pdbx_CC_half_anomalous                         ? 
_reflns.pdbx_absDiff_over_sigma_anomalous              ? 
_reflns.pdbx_percent_possible_anomalous                ? 
_reflns.pdbx_observed_signal_threshold                 ? 
_reflns.pdbx_signal_type                               ? 
_reflns.pdbx_signal_details                            ? 
_reflns.pdbx_signal_software_id                        ? 
# 
_reflns_shell.d_res_high                                    2.1 
_reflns_shell.d_res_low                                     2.18 
_reflns_shell.meanI_over_sigI_all                           ? 
_reflns_shell.meanI_over_sigI_obs                           1.2 
_reflns_shell.number_measured_all                           ? 
_reflns_shell.number_measured_obs                           ? 
_reflns_shell.number_possible                               ? 
_reflns_shell.number_unique_all                             ? 
_reflns_shell.number_unique_obs                             1244 
_reflns_shell.percent_possible_obs                          ? 
_reflns_shell.Rmerge_F_all                                  ? 
_reflns_shell.Rmerge_F_obs                                  ? 
_reflns_shell.meanI_over_sigI_gt                            ? 
_reflns_shell.meanI_over_uI_all                             ? 
_reflns_shell.meanI_over_uI_gt                              ? 
_reflns_shell.number_measured_gt                            ? 
_reflns_shell.number_unique_gt                              ? 
_reflns_shell.percent_possible_gt                           ? 
_reflns_shell.Rmerge_F_gt                                   ? 
_reflns_shell.Rmerge_I_gt                                   ? 
_reflns_shell.pdbx_redundancy                               ? 
_reflns_shell.pdbx_chi_squared                              ? 
_reflns_shell.pdbx_netI_over_sigmaI_all                     ? 
_reflns_shell.pdbx_netI_over_sigmaI_obs                     ? 
_reflns_shell.pdbx_Rrim_I_all                               ? 
_reflns_shell.pdbx_Rpim_I_all                               ? 
_reflns_shell.pdbx_rejects                                  ? 
_reflns_shell.pdbx_ordinal                                  1 
_reflns_shell.pdbx_diffrn_id                                1 
_reflns_shell.pdbx_CC_half                                  0.97 
_reflns_shell.pdbx_CC_star                                  ? 
_reflns_shell.pdbx_R_split                                  ? 
_reflns_shell.percent_possible_all                          ? 
_reflns_shell.Rmerge_I_all                                  ? 
_reflns_shell.Rmerge_I_obs                                  ? 
_reflns_shell.pdbx_Rsym_value                               ? 
_reflns_shell.pdbx_percent_possible_ellipsoidal             ? 
_reflns_shell.pdbx_percent_possible_spherical               ? 
_reflns_shell.pdbx_percent_possible_ellipsoidal_anomalous   ? 
_reflns_shell.pdbx_percent_possible_spherical_anomalous     ? 
_reflns_shell.pdbx_redundancy_anomalous                     ? 
_reflns_shell.pdbx_CC_half_anomalous                        ? 
_reflns_shell.pdbx_absDiff_over_sigma_anomalous             ? 
_reflns_shell.pdbx_percent_possible_anomalous               ? 
# 
_refine.aniso_B[1][1]                            -1.16 
_refine.aniso_B[1][2]                            0.00 
_refine.aniso_B[1][3]                            -0.00 
_refine.aniso_B[2][2]                            -1.16 
_refine.aniso_B[2][3]                            0.00 
_refine.aniso_B[3][3]                            2.32 
_refine.B_iso_max                                ? 
_refine.B_iso_mean                               39.357 
_refine.B_iso_min                                ? 
_refine.correlation_coeff_Fo_to_Fc               0.937 
_refine.correlation_coeff_Fo_to_Fc_free          0.915 
_refine.details                                  'HYDROGENS HAVE BEEN USED IF PRESENT IN THE INPUT' 
_refine.diff_density_max                         ? 
_refine.diff_density_max_esd                     ? 
_refine.diff_density_min                         ? 
_refine.diff_density_min_esd                     ? 
_refine.diff_density_rms                         ? 
_refine.diff_density_rms_esd                     ? 
_refine.entry_id                                 9MGS 
_refine.pdbx_refine_id                           'X-RAY DIFFRACTION' 
_refine.ls_abs_structure_details                 ? 
_refine.ls_abs_structure_Flack                   ? 
_refine.ls_abs_structure_Flack_esd               ? 
_refine.ls_abs_structure_Rogers                  ? 
_refine.ls_abs_structure_Rogers_esd              ? 
_refine.ls_d_res_high                            2.10 
_refine.ls_d_res_low                             30.00 
_refine.ls_extinction_coef                       ? 
_refine.ls_extinction_coef_esd                   ? 
_refine.ls_extinction_expression                 ? 
_refine.ls_extinction_method                     ? 
_refine.ls_goodness_of_fit_all                   ? 
_refine.ls_goodness_of_fit_all_esd               ? 
_refine.ls_goodness_of_fit_obs                   ? 
_refine.ls_goodness_of_fit_obs_esd               ? 
_refine.ls_hydrogen_treatment                    ? 
_refine.ls_matrix_type                           ? 
_refine.ls_number_constraints                    ? 
_refine.ls_number_parameters                     ? 
_refine.ls_number_reflns_all                     ? 
_refine.ls_number_reflns_obs                     10406 
_refine.ls_number_reflns_R_free                  528 
_refine.ls_number_reflns_R_work                  ? 
_refine.ls_number_restraints                     ? 
_refine.ls_percent_reflns_obs                    85.41 
_refine.ls_percent_reflns_R_free                 4.8 
_refine.ls_R_factor_all                          ? 
_refine.ls_R_factor_obs                          0.23160 
_refine.ls_R_factor_R_free                       0.27394 
_refine.ls_R_factor_R_free_error                 ? 
_refine.ls_R_factor_R_free_error_details         ? 
_refine.ls_R_factor_R_work                       0.22919 
_refine.ls_R_Fsqd_factor_obs                     ? 
_refine.ls_R_I_factor_obs                        ? 
_refine.ls_redundancy_reflns_all                 ? 
_refine.ls_redundancy_reflns_obs                 ? 
_refine.ls_restrained_S_all                      ? 
_refine.ls_restrained_S_obs                      ? 
_refine.ls_shift_over_esd_max                    ? 
_refine.ls_shift_over_esd_mean                   ? 
_refine.ls_structure_factor_coef                 ? 
_refine.ls_weighting_details                     ? 
_refine.ls_weighting_scheme                      ? 
_refine.ls_wR_factor_all                         ? 
_refine.ls_wR_factor_obs                         ? 
_refine.ls_wR_factor_R_free                      ? 
_refine.ls_wR_factor_R_work                      ? 
_refine.occupancy_max                            ? 
_refine.occupancy_min                            ? 
_refine.solvent_model_details                    MASK 
_refine.solvent_model_param_bsol                 ? 
_refine.solvent_model_param_ksol                 ? 
_refine.pdbx_R_complete                          ? 
_refine.ls_R_factor_gt                           ? 
_refine.ls_goodness_of_fit_gt                    ? 
_refine.ls_goodness_of_fit_ref                   ? 
_refine.ls_shift_over_su_max                     ? 
_refine.ls_shift_over_su_max_lt                  ? 
_refine.ls_shift_over_su_mean                    ? 
_refine.ls_shift_over_su_mean_lt                 ? 
_refine.pdbx_ls_sigma_I                          ? 
_refine.pdbx_ls_sigma_F                          ? 
_refine.pdbx_ls_sigma_Fsqd                       ? 
_refine.pdbx_data_cutoff_high_absF               ? 
_refine.pdbx_data_cutoff_high_rms_absF           ? 
_refine.pdbx_data_cutoff_low_absF                ? 
_refine.pdbx_isotropic_thermal_model             ? 
_refine.pdbx_ls_cross_valid_method               THROUGHOUT 
_refine.pdbx_method_to_determine_struct          'MOLECULAR REPLACEMENT' 
_refine.pdbx_starting_model                      ? 
_refine.pdbx_stereochemistry_target_values       'MAXIMUM LIKELIHOOD' 
_refine.pdbx_R_Free_selection_details            RANDOM 
_refine.pdbx_stereochem_target_val_spec_case     ? 
_refine.pdbx_overall_ESU_R                       0.259 
_refine.pdbx_overall_ESU_R_Free                  0.219 
_refine.pdbx_solvent_vdw_probe_radii             1.20 
_refine.pdbx_solvent_ion_probe_radii             0.80 
_refine.pdbx_solvent_shrinkage_radii             0.80 
_refine.pdbx_real_space_R                        ? 
_refine.pdbx_density_correlation                 ? 
_refine.pdbx_pd_number_of_powder_patterns        ? 
_refine.pdbx_pd_number_of_points                 ? 
_refine.pdbx_pd_meas_number_of_points            ? 
_refine.pdbx_pd_proc_ls_prof_R_factor            ? 
_refine.pdbx_pd_proc_ls_prof_wR_factor           ? 
_refine.pdbx_pd_Marquardt_correlation_coeff      ? 
_refine.pdbx_pd_Fsqrd_R_factor                   ? 
_refine.pdbx_pd_ls_matrix_band_width             ? 
_refine.pdbx_overall_phase_error                 ? 
_refine.pdbx_overall_SU_R_free_Cruickshank_DPI   ? 
_refine.pdbx_overall_SU_R_free_Blow_DPI          ? 
_refine.pdbx_overall_SU_R_Blow_DPI               ? 
_refine.pdbx_TLS_residual_ADP_flag               ? 
_refine.pdbx_diffrn_id                           1 
_refine.overall_SU_B                             7.172 
_refine.overall_SU_ML                            0.179 
_refine.overall_SU_R_Cruickshank_DPI             ? 
_refine.overall_SU_R_free                        ? 
_refine.overall_FOM_free_R_set                   ? 
_refine.overall_FOM_work_R_set                   ? 
_refine.pdbx_average_fsc_overall                 ? 
_refine.pdbx_average_fsc_work                    ? 
_refine.pdbx_average_fsc_free                    ? 
# 
_refine_hist.pdbx_refine_id                   'X-RAY DIFFRACTION' 
_refine_hist.cycle_id                         1 
_refine_hist.details                          ? 
_refine_hist.d_res_high                       2.10 
_refine_hist.d_res_low                        30.00 
_refine_hist.number_atoms_solvent             61 
_refine_hist.number_atoms_total               1308 
_refine_hist.number_reflns_all                ? 
_refine_hist.number_reflns_obs                ? 
_refine_hist.number_reflns_R_free             ? 
_refine_hist.number_reflns_R_work             ? 
_refine_hist.R_factor_all                     ? 
_refine_hist.R_factor_obs                     ? 
_refine_hist.R_factor_R_free                  ? 
_refine_hist.R_factor_R_work                  ? 
_refine_hist.pdbx_number_residues_total       ? 
_refine_hist.pdbx_B_iso_mean_ligand           ? 
_refine_hist.pdbx_B_iso_mean_solvent          ? 
_refine_hist.pdbx_number_atoms_protein        1168 
_refine_hist.pdbx_number_atoms_nucleic_acid   0 
_refine_hist.pdbx_number_atoms_ligand         79 
_refine_hist.pdbx_number_atoms_lipid          ? 
_refine_hist.pdbx_number_atoms_carb           ? 
_refine_hist.pdbx_pseudo_atom_details         ? 
# 
loop_
_refine_ls_restr.pdbx_refine_id 
_refine_ls_restr.criterion 
_refine_ls_restr.dev_ideal 
_refine_ls_restr.dev_ideal_target 
_refine_ls_restr.number 
_refine_ls_restr.rejects 
_refine_ls_restr.type 
_refine_ls_restr.weight 
_refine_ls_restr.pdbx_restraint_function 
'X-RAY DIFFRACTION' ? 0.010  0.012  1274 ? r_bond_refined_d             ? ? 
'X-RAY DIFFRACTION' ? 0.001  0.016  1163 ? r_bond_other_d               ? ? 
'X-RAY DIFFRACTION' ? 2.012  1.813  1745 ? r_angle_refined_deg          ? ? 
'X-RAY DIFFRACTION' ? 0.656  1.729  2670 ? r_angle_other_deg            ? ? 
'X-RAY DIFFRACTION' ? 6.707  5.000  153  ? r_dihedral_angle_1_deg       ? ? 
'X-RAY DIFFRACTION' ? 10.413 5.000  12   ? r_dihedral_angle_2_deg       ? ? 
'X-RAY DIFFRACTION' ? 13.881 10.000 178  ? r_dihedral_angle_3_deg       ? ? 
'X-RAY DIFFRACTION' ? ?      ?      ?    ? r_dihedral_angle_4_deg       ? ? 
'X-RAY DIFFRACTION' ? 0.088  0.200  205  ? r_chiral_restr               ? ? 
'X-RAY DIFFRACTION' ? 0.009  0.020  1466 ? r_gen_planes_refined         ? ? 
'X-RAY DIFFRACTION' ? 0.001  0.020  287  ? r_gen_planes_other           ? ? 
'X-RAY DIFFRACTION' ? ?      ?      ?    ? r_nbd_refined                ? ? 
'X-RAY DIFFRACTION' ? ?      ?      ?    ? r_nbd_other                  ? ? 
'X-RAY DIFFRACTION' ? ?      ?      ?    ? r_nbtor_refined              ? ? 
'X-RAY DIFFRACTION' ? ?      ?      ?    ? r_nbtor_other                ? ? 
'X-RAY DIFFRACTION' ? ?      ?      ?    ? r_xyhbond_nbd_refined        ? ? 
'X-RAY DIFFRACTION' ? ?      ?      ?    ? r_xyhbond_nbd_other          ? ? 
'X-RAY DIFFRACTION' ? ?      ?      ?    ? r_metal_ion_refined          ? ? 
'X-RAY DIFFRACTION' ? ?      ?      ?    ? r_metal_ion_other            ? ? 
'X-RAY DIFFRACTION' ? ?      ?      ?    ? r_symmetry_vdw_refined       ? ? 
'X-RAY DIFFRACTION' ? ?      ?      ?    ? r_symmetry_vdw_other         ? ? 
'X-RAY DIFFRACTION' ? ?      ?      ?    ? r_symmetry_hbond_refined     ? ? 
'X-RAY DIFFRACTION' ? ?      ?      ?    ? r_symmetry_hbond_other       ? ? 
'X-RAY DIFFRACTION' ? ?      ?      ?    ? r_symmetry_metal_ion_refined ? ? 
'X-RAY DIFFRACTION' ? ?      ?      ?    ? r_symmetry_metal_ion_other   ? ? 
'X-RAY DIFFRACTION' ? 4.159  3.748  615  ? r_mcbond_it                  ? ? 
'X-RAY DIFFRACTION' ? 4.160  3.748  615  ? r_mcbond_other               ? ? 
'X-RAY DIFFRACTION' ? 5.633  6.695  767  ? r_mcangle_it                 ? ? 
'X-RAY DIFFRACTION' ? 5.629  6.695  768  ? r_mcangle_other              ? ? 
'X-RAY DIFFRACTION' ? 5.267  4.270  659  ? r_scbond_it                  ? ? 
'X-RAY DIFFRACTION' ? 5.263  4.273  660  ? r_scbond_other               ? ? 
'X-RAY DIFFRACTION' ? ?      ?      ?    ? r_scangle_it                 ? ? 
'X-RAY DIFFRACTION' ? 7.120  7.678  979  ? r_scangle_other              ? ? 
'X-RAY DIFFRACTION' ? 8.822  43.07  1442 ? r_long_range_B_refined       ? ? 
'X-RAY DIFFRACTION' ? 8.828  42.74  1435 ? r_long_range_B_other         ? ? 
'X-RAY DIFFRACTION' ? ?      ?      ?    ? r_rigid_bond_restr           ? ? 
'X-RAY DIFFRACTION' ? ?      ?      ?    ? r_sphericity_free            ? ? 
'X-RAY DIFFRACTION' ? ?      ?      ?    ? r_sphericity_bonded          ? ? 
# 
_refine_ls_shell.pdbx_refine_id                   'X-RAY DIFFRACTION' 
_refine_ls_shell.d_res_high                       2.100 
_refine_ls_shell.d_res_low                        2.154 
_refine_ls_shell.number_reflns_all                ? 
_refine_ls_shell.number_reflns_obs                ? 
_refine_ls_shell.number_reflns_R_free             39 
_refine_ls_shell.number_reflns_R_work             882 
_refine_ls_shell.percent_reflns_obs               100.00 
_refine_ls_shell.percent_reflns_R_free            ? 
_refine_ls_shell.R_factor_all                     ? 
_refine_ls_shell.R_factor_obs                     ? 
_refine_ls_shell.R_factor_R_free_error            ? 
_refine_ls_shell.R_factor_R_work                  0.266 
_refine_ls_shell.redundancy_reflns_all            ? 
_refine_ls_shell.redundancy_reflns_obs            ? 
_refine_ls_shell.wR_factor_all                    ? 
_refine_ls_shell.wR_factor_obs                    ? 
_refine_ls_shell.wR_factor_R_free                 ? 
_refine_ls_shell.wR_factor_R_work                 ? 
_refine_ls_shell.pdbx_R_complete                  ? 
_refine_ls_shell.pdbx_total_number_of_bins_used   20 
_refine_ls_shell.pdbx_phase_error                 ? 
_refine_ls_shell.pdbx_fsc_work                    ? 
_refine_ls_shell.pdbx_fsc_free                    ? 
_refine_ls_shell.R_factor_R_free                  0.343 
# 
_struct.entry_id                     9MGS 
_struct.title                        'Structure of aminoglycoside acetyltransferase AAC(3)-Ia in complex with sisomicin and CoA' 
_struct.pdbx_model_details           ? 
_struct.pdbx_formula_weight          ? 
_struct.pdbx_formula_weight_method   ? 
_struct.pdbx_model_type_details      ? 
_struct.pdbx_CASP_flag               N 
# 
_struct_keywords.entry_id        9MGS 
_struct_keywords.text            'antibiotic resistance, aminoglycosides, transferase' 
_struct_keywords.pdbx_keywords   TRANSFERASE 
# 
loop_
_struct_asym.id 
_struct_asym.pdbx_blank_PDB_chainid_flag 
_struct_asym.pdbx_modified 
_struct_asym.entity_id 
_struct_asym.details 
A N N 1 ? 
B N N 2 ? 
C N N 3 ? 
D N N 4 ? 
# 
_struct_ref.id                         1 
_struct_ref.db_name                    UNP 
_struct_ref.db_code                    D7R512_ACIBA 
_struct_ref.pdbx_db_accession          D7R512 
_struct_ref.pdbx_db_isoform            ? 
_struct_ref.entity_id                  1 
_struct_ref.pdbx_seq_one_letter_code   
;MGIIRTCRLGPDQVKSMRAALDLFGREFGGVATYSQHQPDSDYLGNLLRSKTFIALAAFDQEAVVGALAAYVLPKFEQAR
SEIYIYDLAVSGEHRRQGIATALINLLKHEANALGAYVIYVQADYGDDPAVALYTKLGIREEVMHFDIDPSTAT
;
_struct_ref.pdbx_align_begin           1 
# 
_struct_ref_seq.align_id                      1 
_struct_ref_seq.ref_id                        1 
_struct_ref_seq.pdbx_PDB_id_code              9MGS 
_struct_ref_seq.pdbx_strand_id                A 
_struct_ref_seq.seq_align_beg                 1 
_struct_ref_seq.pdbx_seq_align_beg_ins_code   ? 
_struct_ref_seq.seq_align_end                 154 
_struct_ref_seq.pdbx_seq_align_end_ins_code   ? 
_struct_ref_seq.pdbx_db_accession             D7R512 
_struct_ref_seq.db_align_beg                  1 
_struct_ref_seq.pdbx_db_align_beg_ins_code    ? 
_struct_ref_seq.db_align_end                  154 
_struct_ref_seq.pdbx_db_align_end_ins_code    ? 
_struct_ref_seq.pdbx_auth_seq_align_beg       24 
_struct_ref_seq.pdbx_auth_seq_align_end       177 
# 
_pdbx_struct_assembly.id                   1 
_pdbx_struct_assembly.details              author_and_software_defined_assembly 
_pdbx_struct_assembly.method_details       PISA 
_pdbx_struct_assembly.oligomeric_details   dimeric 
_pdbx_struct_assembly.oligomeric_count     2 
# 
loop_
_pdbx_struct_assembly_prop.biol_id 
_pdbx_struct_assembly_prop.type 
_pdbx_struct_assembly_prop.value 
_pdbx_struct_assembly_prop.details 
1 'ABSA (A^2)' 8450  ? 
1 MORE         -39   ? 
1 'SSA (A^2)'  12730 ? 
# 
_pdbx_struct_assembly_gen.assembly_id       1 
_pdbx_struct_assembly_gen.oper_expression   1,2 
_pdbx_struct_assembly_gen.asym_id_list      A,B,C,D 
# 
_pdbx_struct_assembly_auth_evidence.id                     1 
_pdbx_struct_assembly_auth_evidence.assembly_id            1 
_pdbx_struct_assembly_auth_evidence.experimental_support   none 
_pdbx_struct_assembly_auth_evidence.details                ? 
# 
loop_
_pdbx_struct_oper_list.id 
_pdbx_struct_oper_list.type 
_pdbx_struct_oper_list.name 
_pdbx_struct_oper_list.symmetry_operation 
_pdbx_struct_oper_list.matrix[1][1] 
_pdbx_struct_oper_list.matrix[1][2] 
_pdbx_struct_oper_list.matrix[1][3] 
_pdbx_struct_oper_list.vector[1] 
_pdbx_struct_oper_list.matrix[2][1] 
_pdbx_struct_oper_list.matrix[2][2] 
_pdbx_struct_oper_list.matrix[2][3] 
_pdbx_struct_oper_list.vector[2] 
_pdbx_struct_oper_list.matrix[3][1] 
_pdbx_struct_oper_list.matrix[3][2] 
_pdbx_struct_oper_list.matrix[3][3] 
_pdbx_struct_oper_list.vector[3] 
1 'identity operation'         1_555 x,y,z        1.0000000000 0.0000000000  0.0000000000  0.0000000000 0.0000000000  1.0000000000  0.0000000000 0.0000000000  0.0000000000  0.0000000000 1.0000000000  0.0000000000  
2 'crystal symmetry operation' 8_555 -y,-x,-z+1/2 0.6222758688 -0.6502127011 -0.4358855199 6.4100923971 -0.6502127011 -0.7393929326 0.1747041343 21.2625237362 -0.4358855199 0.1747041343 -0.8828829362 -7.8603776000 
# 
loop_
_struct_conf.conf_type_id 
_struct_conf.id 
_struct_conf.pdbx_PDB_helix_id 
_struct_conf.beg_label_comp_id 
_struct_conf.beg_label_asym_id 
_struct_conf.beg_label_seq_id 
_struct_conf.pdbx_beg_PDB_ins_code 
_struct_conf.end_label_comp_id 
_struct_conf.end_label_asym_id 
_struct_conf.end_label_seq_id 
_struct_conf.pdbx_end_PDB_ins_code 
_struct_conf.beg_auth_comp_id 
_struct_conf.beg_auth_asym_id 
_struct_conf.beg_auth_seq_id 
_struct_conf.end_auth_comp_id 
_struct_conf.end_auth_asym_id 
_struct_conf.end_auth_seq_id 
_struct_conf.pdbx_PDB_helix_class 
_struct_conf.details 
_struct_conf.pdbx_PDB_helix_length 
HELX_P HELX_P1 AA1 GLN A 13  ? GLY A 29  ? GLN A 36  GLY A 52  1 ? 17 
HELX_P HELX_P2 AA2 GLY A 30  ? GLN A 36  ? GLY A 53  GLN A 59  1 ? 7  
HELX_P HELX_P3 AA3 ASP A 40  ? SER A 50  ? ASP A 63  SER A 73  1 ? 11 
HELX_P HELX_P4 AA4 GLY A 92  ? ARG A 95  ? GLY A 115 ARG A 118 5 ? 4  
HELX_P HELX_P5 AA5 GLY A 98  ? GLY A 115 ? GLY A 121 GLY A 138 1 ? 18 
HELX_P HELX_P6 AA6 ASP A 127 ? GLY A 138 ? ASP A 150 GLY A 161 1 ? 12 
HELX_P HELX_P7 AA7 ASP A 149 ? ALA A 153 ? ASP A 172 ALA A 176 5 ? 5  
# 
_struct_conf_type.id          HELX_P 
_struct_conf_type.criteria    ? 
_struct_conf_type.reference   ? 
# 
_struct_sheet.id               AA1 
_struct_sheet.type             ? 
_struct_sheet.number_strands   5 
_struct_sheet.details          ? 
# 
loop_
_struct_sheet_order.sheet_id 
_struct_sheet_order.range_id_1 
_struct_sheet_order.range_id_2 
_struct_sheet_order.offset 
_struct_sheet_order.sense 
AA1 1 2 ? anti-parallel 
AA1 2 3 ? anti-parallel 
AA1 3 4 ? anti-parallel 
AA1 4 5 ? parallel      
# 
loop_
_struct_sheet_range.sheet_id 
_struct_sheet_range.id 
_struct_sheet_range.beg_label_comp_id 
_struct_sheet_range.beg_label_asym_id 
_struct_sheet_range.beg_label_seq_id 
_struct_sheet_range.pdbx_beg_PDB_ins_code 
_struct_sheet_range.end_label_comp_id 
_struct_sheet_range.end_label_asym_id 
_struct_sheet_range.end_label_seq_id 
_struct_sheet_range.pdbx_end_PDB_ins_code 
_struct_sheet_range.beg_auth_comp_id 
_struct_sheet_range.beg_auth_asym_id 
_struct_sheet_range.beg_auth_seq_id 
_struct_sheet_range.end_auth_comp_id 
_struct_sheet_range.end_auth_asym_id 
_struct_sheet_range.end_auth_seq_id 
AA1 1 ILE A 4   ? ARG A 8   ? ILE A 27  ARG A 31  
AA1 2 PHE A 53  ? ASP A 60  ? PHE A 76  ASP A 83  
AA1 3 ALA A 63  ? PRO A 74  ? ALA A 86  PRO A 97  
AA1 4 SER A 81  ? VAL A 90  ? SER A 104 VAL A 113 
AA1 5 VAL A 118 ? VAL A 121 ? VAL A 141 VAL A 144 
# 
loop_
_pdbx_struct_sheet_hbond.sheet_id 
_pdbx_struct_sheet_hbond.range_id_1 
_pdbx_struct_sheet_hbond.range_id_2 
_pdbx_struct_sheet_hbond.range_1_label_atom_id 
_pdbx_struct_sheet_hbond.range_1_label_comp_id 
_pdbx_struct_sheet_hbond.range_1_label_asym_id 
_pdbx_struct_sheet_hbond.range_1_label_seq_id 
_pdbx_struct_sheet_hbond.range_1_PDB_ins_code 
_pdbx_struct_sheet_hbond.range_1_auth_atom_id 
_pdbx_struct_sheet_hbond.range_1_auth_comp_id 
_pdbx_struct_sheet_hbond.range_1_auth_asym_id 
_pdbx_struct_sheet_hbond.range_1_auth_seq_id 
_pdbx_struct_sheet_hbond.range_2_label_atom_id 
_pdbx_struct_sheet_hbond.range_2_label_comp_id 
_pdbx_struct_sheet_hbond.range_2_label_asym_id 
_pdbx_struct_sheet_hbond.range_2_label_seq_id 
_pdbx_struct_sheet_hbond.range_2_PDB_ins_code 
_pdbx_struct_sheet_hbond.range_2_auth_atom_id 
_pdbx_struct_sheet_hbond.range_2_auth_comp_id 
_pdbx_struct_sheet_hbond.range_2_auth_asym_id 
_pdbx_struct_sheet_hbond.range_2_auth_seq_id 
AA1 1 2 N CYS A 7  ? N CYS A 30  O ALA A 57  ? O ALA A 80  
AA1 2 3 N ALA A 58 ? N ALA A 81  O GLY A 66  ? O GLY A 89  
AA1 3 4 N LEU A 73 ? N LEU A 96  O GLU A 82  ? O GLU A 105 
AA1 4 5 N ILE A 85 ? N ILE A 108 O TYR A 120 ? O TYR A 143 
# 
_pdbx_entry_details.entry_id                   9MGS 
_pdbx_entry_details.nonpolymer_details         ? 
_pdbx_entry_details.sequence_details           ? 
_pdbx_entry_details.compound_details           ? 
_pdbx_entry_details.source_details             ? 
_pdbx_entry_details.has_ligand_of_interest     Y 
_pdbx_entry_details.has_protein_modification   N 
# 
loop_
_pdbx_validate_torsion.id 
_pdbx_validate_torsion.PDB_model_num 
_pdbx_validate_torsion.auth_comp_id 
_pdbx_validate_torsion.auth_asym_id 
_pdbx_validate_torsion.auth_seq_id 
_pdbx_validate_torsion.PDB_ins_code 
_pdbx_validate_torsion.label_alt_id 
_pdbx_validate_torsion.phi 
_pdbx_validate_torsion.psi 
1 1 HIS A 60  ? ? -140.69 44.24   
2 1 GLN A 84  ? ? 51.69   -115.13 
3 1 HIS A 117 ? ? -147.97 19.58   
# 
_pdbx_struct_special_symmetry.id              1 
_pdbx_struct_special_symmetry.PDB_model_num   1 
_pdbx_struct_special_symmetry.auth_asym_id    A 
_pdbx_struct_special_symmetry.auth_comp_id    HOH 
_pdbx_struct_special_symmetry.auth_seq_id     313 
_pdbx_struct_special_symmetry.PDB_ins_code    ? 
_pdbx_struct_special_symmetry.label_asym_id   D 
_pdbx_struct_special_symmetry.label_comp_id   HOH 
_pdbx_struct_special_symmetry.label_seq_id    . 
# 
loop_
_pdbx_distant_solvent_atoms.id 
_pdbx_distant_solvent_atoms.PDB_model_num 
_pdbx_distant_solvent_atoms.auth_atom_id 
_pdbx_distant_solvent_atoms.label_alt_id 
_pdbx_distant_solvent_atoms.auth_asym_id 
_pdbx_distant_solvent_atoms.auth_comp_id 
_pdbx_distant_solvent_atoms.auth_seq_id 
_pdbx_distant_solvent_atoms.PDB_ins_code 
_pdbx_distant_solvent_atoms.neighbor_macromolecule_distance 
_pdbx_distant_solvent_atoms.neighbor_ligand_distance 
1 1 O ? A HOH 356 ? 5.88 . 
2 1 O ? A HOH 357 ? 6.96 . 
3 1 O ? A HOH 358 ? 7.70 . 
4 1 O ? A HOH 359 ? 8.08 . 
5 1 O ? A HOH 360 ? 8.23 . 
6 1 O ? A HOH 361 ? 9.47 . 
# 
loop_
_chem_comp_atom.comp_id 
_chem_comp_atom.atom_id 
_chem_comp_atom.type_symbol 
_chem_comp_atom.pdbx_aromatic_flag 
_chem_comp_atom.pdbx_stereo_config 
_chem_comp_atom.pdbx_ordinal 
ALA N    N N N 1   
ALA CA   C N S 2   
ALA C    C N N 3   
ALA O    O N N 4   
ALA CB   C N N 5   
ALA OXT  O N N 6   
ALA H    H N N 7   
ALA H2   H N N 8   
ALA HA   H N N 9   
ALA HB1  H N N 10  
ALA HB2  H N N 11  
ALA HB3  H N N 12  
ALA HXT  H N N 13  
ARG N    N N N 14  
ARG CA   C N S 15  
ARG C    C N N 16  
ARG O    O N N 17  
ARG CB   C N N 18  
ARG CG   C N N 19  
ARG CD   C N N 20  
ARG NE   N N N 21  
ARG CZ   C N N 22  
ARG NH1  N N N 23  
ARG NH2  N N N 24  
ARG OXT  O N N 25  
ARG H    H N N 26  
ARG H2   H N N 27  
ARG HA   H N N 28  
ARG HB2  H N N 29  
ARG HB3  H N N 30  
ARG HG2  H N N 31  
ARG HG3  H N N 32  
ARG HD2  H N N 33  
ARG HD3  H N N 34  
ARG HE   H N N 35  
ARG HH11 H N N 36  
ARG HH12 H N N 37  
ARG HH21 H N N 38  
ARG HH22 H N N 39  
ARG HXT  H N N 40  
ASN N    N N N 41  
ASN CA   C N S 42  
ASN C    C N N 43  
ASN O    O N N 44  
ASN CB   C N N 45  
ASN CG   C N N 46  
ASN OD1  O N N 47  
ASN ND2  N N N 48  
ASN OXT  O N N 49  
ASN H    H N N 50  
ASN H2   H N N 51  
ASN HA   H N N 52  
ASN HB2  H N N 53  
ASN HB3  H N N 54  
ASN HD21 H N N 55  
ASN HD22 H N N 56  
ASN HXT  H N N 57  
ASP N    N N N 58  
ASP CA   C N S 59  
ASP C    C N N 60  
ASP O    O N N 61  
ASP CB   C N N 62  
ASP CG   C N N 63  
ASP OD1  O N N 64  
ASP OD2  O N N 65  
ASP OXT  O N N 66  
ASP H    H N N 67  
ASP H2   H N N 68  
ASP HA   H N N 69  
ASP HB2  H N N 70  
ASP HB3  H N N 71  
ASP HD2  H N N 72  
ASP HXT  H N N 73  
COA N1A  N Y N 74  
COA C2A  C Y N 75  
COA N3A  N Y N 76  
COA C4A  C Y N 77  
COA C5A  C Y N 78  
COA C6A  C Y N 79  
COA N6A  N N N 80  
COA N7A  N Y N 81  
COA C8A  C Y N 82  
COA N9A  N Y N 83  
COA C1B  C N R 84  
COA C2B  C N R 85  
COA O2B  O N N 86  
COA C3B  C N S 87  
COA O3B  O N N 88  
COA P3B  P N N 89  
COA O7A  O N N 90  
COA O8A  O N N 91  
COA O9A  O N N 92  
COA C4B  C N R 93  
COA O4B  O N N 94  
COA C5B  C N N 95  
COA O5B  O N N 96  
COA P1A  P N S 97  
COA O1A  O N N 98  
COA O2A  O N N 99  
COA O3A  O N N 100 
COA P2A  P N S 101 
COA O4A  O N N 102 
COA O5A  O N N 103 
COA O6A  O N N 104 
COA CBP  C N N 105 
COA CCP  C N N 106 
COA CDP  C N N 107 
COA CEP  C N N 108 
COA CAP  C N R 109 
COA OAP  O N N 110 
COA C9P  C N N 111 
COA O9P  O N N 112 
COA N8P  N N N 113 
COA C7P  C N N 114 
COA C6P  C N N 115 
COA C5P  C N N 116 
COA O5P  O N N 117 
COA N4P  N N N 118 
COA C3P  C N N 119 
COA C2P  C N N 120 
COA S1P  S N N 121 
COA H2A  H N N 122 
COA H61A H N N 123 
COA H62A H N N 124 
COA H8A  H N N 125 
COA H1B  H N N 126 
COA H2B  H N N 127 
COA HO2A H N N 128 
COA H3B  H N N 129 
COA HOA8 H N N 130 
COA HOA9 H N N 131 
COA H4B  H N N 132 
COA H51A H N N 133 
COA H52A H N N 134 
COA HOA2 H N N 135 
COA HOA5 H N N 136 
COA H121 H N N 137 
COA H122 H N N 138 
COA H131 H N N 139 
COA H132 H N N 140 
COA H133 H N N 141 
COA H141 H N N 142 
COA H142 H N N 143 
COA H143 H N N 144 
COA H10  H N N 145 
COA HO1  H N N 146 
COA HN8  H N N 147 
COA H71  H N N 148 
COA H72  H N N 149 
COA H61  H N N 150 
COA H62  H N N 151 
COA HN4  H N N 152 
COA H31  H N N 153 
COA H32  H N N 154 
COA H21  H N N 155 
COA H22  H N N 156 
COA HS1  H N N 157 
CYS N    N N N 158 
CYS CA   C N R 159 
CYS C    C N N 160 
CYS O    O N N 161 
CYS CB   C N N 162 
CYS SG   S N N 163 
CYS OXT  O N N 164 
CYS H    H N N 165 
CYS H2   H N N 166 
CYS HA   H N N 167 
CYS HB2  H N N 168 
CYS HB3  H N N 169 
CYS HG   H N N 170 
CYS HXT  H N N 171 
GLN N    N N N 172 
GLN CA   C N S 173 
GLN C    C N N 174 
GLN O    O N N 175 
GLN CB   C N N 176 
GLN CG   C N N 177 
GLN CD   C N N 178 
GLN OE1  O N N 179 
GLN NE2  N N N 180 
GLN OXT  O N N 181 
GLN H    H N N 182 
GLN H2   H N N 183 
GLN HA   H N N 184 
GLN HB2  H N N 185 
GLN HB3  H N N 186 
GLN HG2  H N N 187 
GLN HG3  H N N 188 
GLN HE21 H N N 189 
GLN HE22 H N N 190 
GLN HXT  H N N 191 
GLU N    N N N 192 
GLU CA   C N S 193 
GLU C    C N N 194 
GLU O    O N N 195 
GLU CB   C N N 196 
GLU CG   C N N 197 
GLU CD   C N N 198 
GLU OE1  O N N 199 
GLU OE2  O N N 200 
GLU OXT  O N N 201 
GLU H    H N N 202 
GLU H2   H N N 203 
GLU HA   H N N 204 
GLU HB2  H N N 205 
GLU HB3  H N N 206 
GLU HG2  H N N 207 
GLU HG3  H N N 208 
GLU HE2  H N N 209 
GLU HXT  H N N 210 
GLY N    N N N 211 
GLY CA   C N N 212 
GLY C    C N N 213 
GLY O    O N N 214 
GLY OXT  O N N 215 
GLY H    H N N 216 
GLY H2   H N N 217 
GLY HA2  H N N 218 
GLY HA3  H N N 219 
GLY HXT  H N N 220 
HIS N    N N N 221 
HIS CA   C N S 222 
HIS C    C N N 223 
HIS O    O N N 224 
HIS CB   C N N 225 
HIS CG   C Y N 226 
HIS ND1  N Y N 227 
HIS CD2  C Y N 228 
HIS CE1  C Y N 229 
HIS NE2  N Y N 230 
HIS OXT  O N N 231 
HIS H    H N N 232 
HIS H2   H N N 233 
HIS HA   H N N 234 
HIS HB2  H N N 235 
HIS HB3  H N N 236 
HIS HD1  H N N 237 
HIS HD2  H N N 238 
HIS HE1  H N N 239 
HIS HE2  H N N 240 
HIS HXT  H N N 241 
HOH O    O N N 242 
HOH H1   H N N 243 
HOH H2   H N N 244 
ILE N    N N N 245 
ILE CA   C N S 246 
ILE C    C N N 247 
ILE O    O N N 248 
ILE CB   C N S 249 
ILE CG1  C N N 250 
ILE CG2  C N N 251 
ILE CD1  C N N 252 
ILE OXT  O N N 253 
ILE H    H N N 254 
ILE H2   H N N 255 
ILE HA   H N N 256 
ILE HB   H N N 257 
ILE HG12 H N N 258 
ILE HG13 H N N 259 
ILE HG21 H N N 260 
ILE HG22 H N N 261 
ILE HG23 H N N 262 
ILE HD11 H N N 263 
ILE HD12 H N N 264 
ILE HD13 H N N 265 
ILE HXT  H N N 266 
LEU N    N N N 267 
LEU CA   C N S 268 
LEU C    C N N 269 
LEU O    O N N 270 
LEU CB   C N N 271 
LEU CG   C N N 272 
LEU CD1  C N N 273 
LEU CD2  C N N 274 
LEU OXT  O N N 275 
LEU H    H N N 276 
LEU H2   H N N 277 
LEU HA   H N N 278 
LEU HB2  H N N 279 
LEU HB3  H N N 280 
LEU HG   H N N 281 
LEU HD11 H N N 282 
LEU HD12 H N N 283 
LEU HD13 H N N 284 
LEU HD21 H N N 285 
LEU HD22 H N N 286 
LEU HD23 H N N 287 
LEU HXT  H N N 288 
LYS N    N N N 289 
LYS CA   C N S 290 
LYS C    C N N 291 
LYS O    O N N 292 
LYS CB   C N N 293 
LYS CG   C N N 294 
LYS CD   C N N 295 
LYS CE   C N N 296 
LYS NZ   N N N 297 
LYS OXT  O N N 298 
LYS H    H N N 299 
LYS H2   H N N 300 
LYS HA   H N N 301 
LYS HB2  H N N 302 
LYS HB3  H N N 303 
LYS HG2  H N N 304 
LYS HG3  H N N 305 
LYS HD2  H N N 306 
LYS HD3  H N N 307 
LYS HE2  H N N 308 
LYS HE3  H N N 309 
LYS HZ1  H N N 310 
LYS HZ2  H N N 311 
LYS HZ3  H N N 312 
LYS HXT  H N N 313 
MET N    N N N 314 
MET CA   C N S 315 
MET C    C N N 316 
MET O    O N N 317 
MET CB   C N N 318 
MET CG   C N N 319 
MET SD   S N N 320 
MET CE   C N N 321 
MET OXT  O N N 322 
MET H    H N N 323 
MET H2   H N N 324 
MET HA   H N N 325 
MET HB2  H N N 326 
MET HB3  H N N 327 
MET HG2  H N N 328 
MET HG3  H N N 329 
MET HE1  H N N 330 
MET HE2  H N N 331 
MET HE3  H N N 332 
MET HXT  H N N 333 
PHE N    N N N 334 
PHE CA   C N S 335 
PHE C    C N N 336 
PHE O    O N N 337 
PHE CB   C N N 338 
PHE CG   C Y N 339 
PHE CD1  C Y N 340 
PHE CD2  C Y N 341 
PHE CE1  C Y N 342 
PHE CE2  C Y N 343 
PHE CZ   C Y N 344 
PHE OXT  O N N 345 
PHE H    H N N 346 
PHE H2   H N N 347 
PHE HA   H N N 348 
PHE HB2  H N N 349 
PHE HB3  H N N 350 
PHE HD1  H N N 351 
PHE HD2  H N N 352 
PHE HE1  H N N 353 
PHE HE2  H N N 354 
PHE HZ   H N N 355 
PHE HXT  H N N 356 
PRO N    N N N 357 
PRO CA   C N S 358 
PRO C    C N N 359 
PRO O    O N N 360 
PRO CB   C N N 361 
PRO CG   C N N 362 
PRO CD   C N N 363 
PRO OXT  O N N 364 
PRO H    H N N 365 
PRO HA   H N N 366 
PRO HB2  H N N 367 
PRO HB3  H N N 368 
PRO HG2  H N N 369 
PRO HG3  H N N 370 
PRO HD2  H N N 371 
PRO HD3  H N N 372 
PRO HXT  H N N 373 
SER N    N N N 374 
SER CA   C N S 375 
SER C    C N N 376 
SER O    O N N 377 
SER CB   C N N 378 
SER OG   O N N 379 
SER OXT  O N N 380 
SER H    H N N 381 
SER H2   H N N 382 
SER HA   H N N 383 
SER HB2  H N N 384 
SER HB3  H N N 385 
SER HG   H N N 386 
SER HXT  H N N 387 
SIS C11  C N S 388 
SIS C12  C N R 389 
SIS C13  C N R 390 
SIS C21  C N R 391 
SIS C22  C N N 392 
SIS C23  C N R 393 
SIS C31  C N N 394 
SIS C32  C N S 395 
SIS C33  C N R 396 
SIS C41  C N N 397 
SIS C42  C N R 398 
SIS C43  C N R 399 
SIS C51  C N N 400 
SIS C52  C N S 401 
SIS C53  C N N 402 
SIS C61  C N N 403 
SIS C62  C N S 404 
SIS C83  C N N 405 
SIS C93  C N N 406 
SIS N12  N N N 407 
SIS N21  N N N 408 
SIS N32  N N N 409 
SIS N33  N N N 410 
SIS N61  N N N 411 
SIS O11  O N N 412 
SIS O23  O N N 413 
SIS O43  O N N 414 
SIS O51  O N N 415 
SIS O52  O N N 416 
SIS O53  O N N 417 
SIS O62  O N N 418 
SIS H1   H N N 419 
SIS H2   H N N 420 
SIS H3   H N N 421 
SIS H4   H N N 422 
SIS H5   H N N 423 
SIS H6   H N N 424 
SIS H7   H N N 425 
SIS H8   H N N 426 
SIS H9   H N N 427 
SIS H10  H N N 428 
SIS H11  H N N 429 
SIS H12  H N N 430 
SIS H13  H N N 431 
SIS H14  H N N 432 
SIS H15  H N N 433 
SIS H16  H N N 434 
SIS H17  H N N 435 
SIS H18  H N N 436 
SIS H19  H N N 437 
SIS H20  H N N 438 
SIS H21  H N N 439 
SIS H22  H N N 440 
SIS H23  H N N 441 
SIS H24  H N N 442 
SIS H25  H N N 443 
SIS H26  H N N 444 
SIS H27  H N N 445 
SIS H29  H N N 446 
SIS H30  H N N 447 
SIS H32  H N N 448 
SIS H33  H N N 449 
SIS H35  H N N 450 
SIS H37  H N N 451 
SIS H38  H N N 452 
SIS H40  H N N 453 
SIS H41  H N N 454 
SIS H42  H N N 455 
THR N    N N N 456 
THR CA   C N S 457 
THR C    C N N 458 
THR O    O N N 459 
THR CB   C N R 460 
THR OG1  O N N 461 
THR CG2  C N N 462 
THR OXT  O N N 463 
THR H    H N N 464 
THR H2   H N N 465 
THR HA   H N N 466 
THR HB   H N N 467 
THR HG1  H N N 468 
THR HG21 H N N 469 
THR HG22 H N N 470 
THR HG23 H N N 471 
THR HXT  H N N 472 
TYR N    N N N 473 
TYR CA   C N S 474 
TYR C    C N N 475 
TYR O    O N N 476 
TYR CB   C N N 477 
TYR CG   C Y N 478 
TYR CD1  C Y N 479 
TYR CD2  C Y N 480 
TYR CE1  C Y N 481 
TYR CE2  C Y N 482 
TYR CZ   C Y N 483 
TYR OH   O N N 484 
TYR OXT  O N N 485 
TYR H    H N N 486 
TYR H2   H N N 487 
TYR HA   H N N 488 
TYR HB2  H N N 489 
TYR HB3  H N N 490 
TYR HD1  H N N 491 
TYR HD2  H N N 492 
TYR HE1  H N N 493 
TYR HE2  H N N 494 
TYR HH   H N N 495 
TYR HXT  H N N 496 
VAL N    N N N 497 
VAL CA   C N S 498 
VAL C    C N N 499 
VAL O    O N N 500 
VAL CB   C N N 501 
VAL CG1  C N N 502 
VAL CG2  C N N 503 
VAL OXT  O N N 504 
VAL H    H N N 505 
VAL H2   H N N 506 
VAL HA   H N N 507 
VAL HB   H N N 508 
VAL HG11 H N N 509 
VAL HG12 H N N 510 
VAL HG13 H N N 511 
VAL HG21 H N N 512 
VAL HG22 H N N 513 
VAL HG23 H N N 514 
VAL HXT  H N N 515 
# 
loop_
_chem_comp_bond.comp_id 
_chem_comp_bond.atom_id_1 
_chem_comp_bond.atom_id_2 
_chem_comp_bond.value_order 
_chem_comp_bond.pdbx_aromatic_flag 
_chem_comp_bond.pdbx_stereo_config 
_chem_comp_bond.pdbx_ordinal 
ALA N   CA   sing N N 1   
ALA N   H    sing N N 2   
ALA N   H2   sing N N 3   
ALA CA  C    sing N N 4   
ALA CA  CB   sing N N 5   
ALA CA  HA   sing N N 6   
ALA C   O    doub N N 7   
ALA C   OXT  sing N N 8   
ALA CB  HB1  sing N N 9   
ALA CB  HB2  sing N N 10  
ALA CB  HB3  sing N N 11  
ALA OXT HXT  sing N N 12  
ARG N   CA   sing N N 13  
ARG N   H    sing N N 14  
ARG N   H2   sing N N 15  
ARG CA  C    sing N N 16  
ARG CA  CB   sing N N 17  
ARG CA  HA   sing N N 18  
ARG C   O    doub N N 19  
ARG C   OXT  sing N N 20  
ARG CB  CG   sing N N 21  
ARG CB  HB2  sing N N 22  
ARG CB  HB3  sing N N 23  
ARG CG  CD   sing N N 24  
ARG CG  HG2  sing N N 25  
ARG CG  HG3  sing N N 26  
ARG CD  NE   sing N N 27  
ARG CD  HD2  sing N N 28  
ARG CD  HD3  sing N N 29  
ARG NE  CZ   sing N N 30  
ARG NE  HE   sing N N 31  
ARG CZ  NH1  sing N N 32  
ARG CZ  NH2  doub N N 33  
ARG NH1 HH11 sing N N 34  
ARG NH1 HH12 sing N N 35  
ARG NH2 HH21 sing N N 36  
ARG NH2 HH22 sing N N 37  
ARG OXT HXT  sing N N 38  
ASN N   CA   sing N N 39  
ASN N   H    sing N N 40  
ASN N   H2   sing N N 41  
ASN CA  C    sing N N 42  
ASN CA  CB   sing N N 43  
ASN CA  HA   sing N N 44  
ASN C   O    doub N N 45  
ASN C   OXT  sing N N 46  
ASN CB  CG   sing N N 47  
ASN CB  HB2  sing N N 48  
ASN CB  HB3  sing N N 49  
ASN CG  OD1  doub N N 50  
ASN CG  ND2  sing N N 51  
ASN ND2 HD21 sing N N 52  
ASN ND2 HD22 sing N N 53  
ASN OXT HXT  sing N N 54  
ASP N   CA   sing N N 55  
ASP N   H    sing N N 56  
ASP N   H2   sing N N 57  
ASP CA  C    sing N N 58  
ASP CA  CB   sing N N 59  
ASP CA  HA   sing N N 60  
ASP C   O    doub N N 61  
ASP C   OXT  sing N N 62  
ASP CB  CG   sing N N 63  
ASP CB  HB2  sing N N 64  
ASP CB  HB3  sing N N 65  
ASP CG  OD1  doub N N 66  
ASP CG  OD2  sing N N 67  
ASP OD2 HD2  sing N N 68  
ASP OXT HXT  sing N N 69  
COA N1A C2A  sing Y N 70  
COA N1A C6A  doub Y N 71  
COA C2A N3A  doub Y N 72  
COA C2A H2A  sing N N 73  
COA N3A C4A  sing Y N 74  
COA C4A C5A  doub Y N 75  
COA C4A N9A  sing Y N 76  
COA C5A C6A  sing Y N 77  
COA C5A N7A  sing Y N 78  
COA C6A N6A  sing N N 79  
COA N6A H61A sing N N 80  
COA N6A H62A sing N N 81  
COA N7A C8A  doub Y N 82  
COA C8A N9A  sing Y N 83  
COA C8A H8A  sing N N 84  
COA N9A C1B  sing N N 85  
COA C1B C2B  sing N N 86  
COA C1B O4B  sing N N 87  
COA C1B H1B  sing N N 88  
COA C2B O2B  sing N N 89  
COA C2B C3B  sing N N 90  
COA C2B H2B  sing N N 91  
COA O2B HO2A sing N N 92  
COA C3B O3B  sing N N 93  
COA C3B C4B  sing N N 94  
COA C3B H3B  sing N N 95  
COA O3B P3B  sing N N 96  
COA P3B O7A  doub N N 97  
COA P3B O8A  sing N N 98  
COA P3B O9A  sing N N 99  
COA O8A HOA8 sing N N 100 
COA O9A HOA9 sing N N 101 
COA C4B O4B  sing N N 102 
COA C4B C5B  sing N N 103 
COA C4B H4B  sing N N 104 
COA C5B O5B  sing N N 105 
COA C5B H51A sing N N 106 
COA C5B H52A sing N N 107 
COA O5B P1A  sing N N 108 
COA P1A O1A  doub N N 109 
COA P1A O2A  sing N N 110 
COA P1A O3A  sing N N 111 
COA O2A HOA2 sing N N 112 
COA O3A P2A  sing N N 113 
COA P2A O4A  doub N N 114 
COA P2A O5A  sing N N 115 
COA P2A O6A  sing N N 116 
COA O5A HOA5 sing N N 117 
COA O6A CCP  sing N N 118 
COA CBP CCP  sing N N 119 
COA CBP CDP  sing N N 120 
COA CBP CEP  sing N N 121 
COA CBP CAP  sing N N 122 
COA CCP H121 sing N N 123 
COA CCP H122 sing N N 124 
COA CDP H131 sing N N 125 
COA CDP H132 sing N N 126 
COA CDP H133 sing N N 127 
COA CEP H141 sing N N 128 
COA CEP H142 sing N N 129 
COA CEP H143 sing N N 130 
COA CAP OAP  sing N N 131 
COA CAP C9P  sing N N 132 
COA CAP H10  sing N N 133 
COA OAP HO1  sing N N 134 
COA C9P O9P  doub N N 135 
COA C9P N8P  sing N N 136 
COA N8P C7P  sing N N 137 
COA N8P HN8  sing N N 138 
COA C7P C6P  sing N N 139 
COA C7P H71  sing N N 140 
COA C7P H72  sing N N 141 
COA C6P C5P  sing N N 142 
COA C6P H61  sing N N 143 
COA C6P H62  sing N N 144 
COA C5P O5P  doub N N 145 
COA C5P N4P  sing N N 146 
COA N4P C3P  sing N N 147 
COA N4P HN4  sing N N 148 
COA C3P C2P  sing N N 149 
COA C3P H31  sing N N 150 
COA C3P H32  sing N N 151 
COA C2P S1P  sing N N 152 
COA C2P H21  sing N N 153 
COA C2P H22  sing N N 154 
COA S1P HS1  sing N N 155 
CYS N   CA   sing N N 156 
CYS N   H    sing N N 157 
CYS N   H2   sing N N 158 
CYS CA  C    sing N N 159 
CYS CA  CB   sing N N 160 
CYS CA  HA   sing N N 161 
CYS C   O    doub N N 162 
CYS C   OXT  sing N N 163 
CYS CB  SG   sing N N 164 
CYS CB  HB2  sing N N 165 
CYS CB  HB3  sing N N 166 
CYS SG  HG   sing N N 167 
CYS OXT HXT  sing N N 168 
GLN N   CA   sing N N 169 
GLN N   H    sing N N 170 
GLN N   H2   sing N N 171 
GLN CA  C    sing N N 172 
GLN CA  CB   sing N N 173 
GLN CA  HA   sing N N 174 
GLN C   O    doub N N 175 
GLN C   OXT  sing N N 176 
GLN CB  CG   sing N N 177 
GLN CB  HB2  sing N N 178 
GLN CB  HB3  sing N N 179 
GLN CG  CD   sing N N 180 
GLN CG  HG2  sing N N 181 
GLN CG  HG3  sing N N 182 
GLN CD  OE1  doub N N 183 
GLN CD  NE2  sing N N 184 
GLN NE2 HE21 sing N N 185 
GLN NE2 HE22 sing N N 186 
GLN OXT HXT  sing N N 187 
GLU N   CA   sing N N 188 
GLU N   H    sing N N 189 
GLU N   H2   sing N N 190 
GLU CA  C    sing N N 191 
GLU CA  CB   sing N N 192 
GLU CA  HA   sing N N 193 
GLU C   O    doub N N 194 
GLU C   OXT  sing N N 195 
GLU CB  CG   sing N N 196 
GLU CB  HB2  sing N N 197 
GLU CB  HB3  sing N N 198 
GLU CG  CD   sing N N 199 
GLU CG  HG2  sing N N 200 
GLU CG  HG3  sing N N 201 
GLU CD  OE1  doub N N 202 
GLU CD  OE2  sing N N 203 
GLU OE2 HE2  sing N N 204 
GLU OXT HXT  sing N N 205 
GLY N   CA   sing N N 206 
GLY N   H    sing N N 207 
GLY N   H2   sing N N 208 
GLY CA  C    sing N N 209 
GLY CA  HA2  sing N N 210 
GLY CA  HA3  sing N N 211 
GLY C   O    doub N N 212 
GLY C   OXT  sing N N 213 
GLY OXT HXT  sing N N 214 
HIS N   CA   sing N N 215 
HIS N   H    sing N N 216 
HIS N   H2   sing N N 217 
HIS CA  C    sing N N 218 
HIS CA  CB   sing N N 219 
HIS CA  HA   sing N N 220 
HIS C   O    doub N N 221 
HIS C   OXT  sing N N 222 
HIS CB  CG   sing N N 223 
HIS CB  HB2  sing N N 224 
HIS CB  HB3  sing N N 225 
HIS CG  ND1  sing Y N 226 
HIS CG  CD2  doub Y N 227 
HIS ND1 CE1  doub Y N 228 
HIS ND1 HD1  sing N N 229 
HIS CD2 NE2  sing Y N 230 
HIS CD2 HD2  sing N N 231 
HIS CE1 NE2  sing Y N 232 
HIS CE1 HE1  sing N N 233 
HIS NE2 HE2  sing N N 234 
HIS OXT HXT  sing N N 235 
HOH O   H1   sing N N 236 
HOH O   H2   sing N N 237 
ILE N   CA   sing N N 238 
ILE N   H    sing N N 239 
ILE N   H2   sing N N 240 
ILE CA  C    sing N N 241 
ILE CA  CB   sing N N 242 
ILE CA  HA   sing N N 243 
ILE C   O    doub N N 244 
ILE C   OXT  sing N N 245 
ILE CB  CG1  sing N N 246 
ILE CB  CG2  sing N N 247 
ILE CB  HB   sing N N 248 
ILE CG1 CD1  sing N N 249 
ILE CG1 HG12 sing N N 250 
ILE CG1 HG13 sing N N 251 
ILE CG2 HG21 sing N N 252 
ILE CG2 HG22 sing N N 253 
ILE CG2 HG23 sing N N 254 
ILE CD1 HD11 sing N N 255 
ILE CD1 HD12 sing N N 256 
ILE CD1 HD13 sing N N 257 
ILE OXT HXT  sing N N 258 
LEU N   CA   sing N N 259 
LEU N   H    sing N N 260 
LEU N   H2   sing N N 261 
LEU CA  C    sing N N 262 
LEU CA  CB   sing N N 263 
LEU CA  HA   sing N N 264 
LEU C   O    doub N N 265 
LEU C   OXT  sing N N 266 
LEU CB  CG   sing N N 267 
LEU CB  HB2  sing N N 268 
LEU CB  HB3  sing N N 269 
LEU CG  CD1  sing N N 270 
LEU CG  CD2  sing N N 271 
LEU CG  HG   sing N N 272 
LEU CD1 HD11 sing N N 273 
LEU CD1 HD12 sing N N 274 
LEU CD1 HD13 sing N N 275 
LEU CD2 HD21 sing N N 276 
LEU CD2 HD22 sing N N 277 
LEU CD2 HD23 sing N N 278 
LEU OXT HXT  sing N N 279 
LYS N   CA   sing N N 280 
LYS N   H    sing N N 281 
LYS N   H2   sing N N 282 
LYS CA  C    sing N N 283 
LYS CA  CB   sing N N 284 
LYS CA  HA   sing N N 285 
LYS C   O    doub N N 286 
LYS C   OXT  sing N N 287 
LYS CB  CG   sing N N 288 
LYS CB  HB2  sing N N 289 
LYS CB  HB3  sing N N 290 
LYS CG  CD   sing N N 291 
LYS CG  HG2  sing N N 292 
LYS CG  HG3  sing N N 293 
LYS CD  CE   sing N N 294 
LYS CD  HD2  sing N N 295 
LYS CD  HD3  sing N N 296 
LYS CE  NZ   sing N N 297 
LYS CE  HE2  sing N N 298 
LYS CE  HE3  sing N N 299 
LYS NZ  HZ1  sing N N 300 
LYS NZ  HZ2  sing N N 301 
LYS NZ  HZ3  sing N N 302 
LYS OXT HXT  sing N N 303 
MET N   CA   sing N N 304 
MET N   H    sing N N 305 
MET N   H2   sing N N 306 
MET CA  C    sing N N 307 
MET CA  CB   sing N N 308 
MET CA  HA   sing N N 309 
MET C   O    doub N N 310 
MET C   OXT  sing N N 311 
MET CB  CG   sing N N 312 
MET CB  HB2  sing N N 313 
MET CB  HB3  sing N N 314 
MET CG  SD   sing N N 315 
MET CG  HG2  sing N N 316 
MET CG  HG3  sing N N 317 
MET SD  CE   sing N N 318 
MET CE  HE1  sing N N 319 
MET CE  HE2  sing N N 320 
MET CE  HE3  sing N N 321 
MET OXT HXT  sing N N 322 
PHE N   CA   sing N N 323 
PHE N   H    sing N N 324 
PHE N   H2   sing N N 325 
PHE CA  C    sing N N 326 
PHE CA  CB   sing N N 327 
PHE CA  HA   sing N N 328 
PHE C   O    doub N N 329 
PHE C   OXT  sing N N 330 
PHE CB  CG   sing N N 331 
PHE CB  HB2  sing N N 332 
PHE CB  HB3  sing N N 333 
PHE CG  CD1  doub Y N 334 
PHE CG  CD2  sing Y N 335 
PHE CD1 CE1  sing Y N 336 
PHE CD1 HD1  sing N N 337 
PHE CD2 CE2  doub Y N 338 
PHE CD2 HD2  sing N N 339 
PHE CE1 CZ   doub Y N 340 
PHE CE1 HE1  sing N N 341 
PHE CE2 CZ   sing Y N 342 
PHE CE2 HE2  sing N N 343 
PHE CZ  HZ   sing N N 344 
PHE OXT HXT  sing N N 345 
PRO N   CA   sing N N 346 
PRO N   CD   sing N N 347 
PRO N   H    sing N N 348 
PRO CA  C    sing N N 349 
PRO CA  CB   sing N N 350 
PRO CA  HA   sing N N 351 
PRO C   O    doub N N 352 
PRO C   OXT  sing N N 353 
PRO CB  CG   sing N N 354 
PRO CB  HB2  sing N N 355 
PRO CB  HB3  sing N N 356 
PRO CG  CD   sing N N 357 
PRO CG  HG2  sing N N 358 
PRO CG  HG3  sing N N 359 
PRO CD  HD2  sing N N 360 
PRO CD  HD3  sing N N 361 
PRO OXT HXT  sing N N 362 
SER N   CA   sing N N 363 
SER N   H    sing N N 364 
SER N   H2   sing N N 365 
SER CA  C    sing N N 366 
SER CA  CB   sing N N 367 
SER CA  HA   sing N N 368 
SER C   O    doub N N 369 
SER C   OXT  sing N N 370 
SER CB  OG   sing N N 371 
SER CB  HB2  sing N N 372 
SER CB  HB3  sing N N 373 
SER OG  HG   sing N N 374 
SER OXT HXT  sing N N 375 
SIS O43 C43  sing N N 376 
SIS C83 C43  sing N N 377 
SIS C43 C53  sing N N 378 
SIS C43 C33  sing N N 379 
SIS N33 C33  sing N N 380 
SIS N33 C93  sing N N 381 
SIS C53 O53  sing N N 382 
SIS C33 C23  sing N N 383 
SIS O53 C13  sing N N 384 
SIS C23 C13  sing N N 385 
SIS C23 O23  sing N N 386 
SIS C13 O62  sing N N 387 
SIS O62 C62  sing N N 388 
SIS O52 C52  sing N N 389 
SIS C62 C52  sing N N 390 
SIS C62 C12  sing N N 391 
SIS N12 C12  sing N N 392 
SIS C52 C42  sing N N 393 
SIS C12 C22  sing N N 394 
SIS C42 O11  sing N N 395 
SIS C42 C32  sing N N 396 
SIS C22 C32  sing N N 397 
SIS C11 O11  sing N N 398 
SIS C11 O51  sing N N 399 
SIS C11 C21  sing N N 400 
SIS N21 C21  sing N N 401 
SIS O51 C51  sing N N 402 
SIS C32 N32  sing N N 403 
SIS C21 C31  sing N N 404 
SIS C51 C61  sing N N 405 
SIS C51 C41  doub N N 406 
SIS N61 C61  sing N N 407 
SIS C31 C41  sing N N 408 
SIS C11 H1   sing N N 409 
SIS C12 H2   sing N N 410 
SIS C13 H3   sing N N 411 
SIS C21 H4   sing N N 412 
SIS C22 H5   sing N N 413 
SIS C22 H6   sing N N 414 
SIS C23 H7   sing N N 415 
SIS C31 H8   sing N N 416 
SIS C31 H9   sing N N 417 
SIS C32 H10  sing N N 418 
SIS C33 H11  sing N N 419 
SIS C41 H12  sing N N 420 
SIS C42 H13  sing N N 421 
SIS C52 H14  sing N N 422 
SIS C53 H15  sing N N 423 
SIS C53 H16  sing N N 424 
SIS C61 H17  sing N N 425 
SIS C61 H18  sing N N 426 
SIS C62 H19  sing N N 427 
SIS C83 H20  sing N N 428 
SIS C83 H21  sing N N 429 
SIS C83 H22  sing N N 430 
SIS C93 H23  sing N N 431 
SIS C93 H24  sing N N 432 
SIS C93 H25  sing N N 433 
SIS N12 H26  sing N N 434 
SIS N12 H27  sing N N 435 
SIS N21 H29  sing N N 436 
SIS N21 H30  sing N N 437 
SIS N32 H32  sing N N 438 
SIS N32 H33  sing N N 439 
SIS N33 H35  sing N N 440 
SIS N61 H37  sing N N 441 
SIS N61 H38  sing N N 442 
SIS O23 H40  sing N N 443 
SIS O43 H41  sing N N 444 
SIS O52 H42  sing N N 445 
THR N   CA   sing N N 446 
THR N   H    sing N N 447 
THR N   H2   sing N N 448 
THR CA  C    sing N N 449 
THR CA  CB   sing N N 450 
THR CA  HA   sing N N 451 
THR C   O    doub N N 452 
THR C   OXT  sing N N 453 
THR CB  OG1  sing N N 454 
THR CB  CG2  sing N N 455 
THR CB  HB   sing N N 456 
THR OG1 HG1  sing N N 457 
THR CG2 HG21 sing N N 458 
THR CG2 HG22 sing N N 459 
THR CG2 HG23 sing N N 460 
THR OXT HXT  sing N N 461 
TYR N   CA   sing N N 462 
TYR N   H    sing N N 463 
TYR N   H2   sing N N 464 
TYR CA  C    sing N N 465 
TYR CA  CB   sing N N 466 
TYR CA  HA   sing N N 467 
TYR C   O    doub N N 468 
TYR C   OXT  sing N N 469 
TYR CB  CG   sing N N 470 
TYR CB  HB2  sing N N 471 
TYR CB  HB3  sing N N 472 
TYR CG  CD1  doub Y N 473 
TYR CG  CD2  sing Y N 474 
TYR CD1 CE1  sing Y N 475 
TYR CD1 HD1  sing N N 476 
TYR CD2 CE2  doub Y N 477 
TYR CD2 HD2  sing N N 478 
TYR CE1 CZ   doub Y N 479 
TYR CE1 HE1  sing N N 480 
TYR CE2 CZ   sing Y N 481 
TYR CE2 HE2  sing N N 482 
TYR CZ  OH   sing N N 483 
TYR OH  HH   sing N N 484 
TYR OXT HXT  sing N N 485 
VAL N   CA   sing N N 486 
VAL N   H    sing N N 487 
VAL N   H2   sing N N 488 
VAL CA  C    sing N N 489 
VAL CA  CB   sing N N 490 
VAL CA  HA   sing N N 491 
VAL C   O    doub N N 492 
VAL C   OXT  sing N N 493 
VAL CB  CG1  sing N N 494 
VAL CB  CG2  sing N N 495 
VAL CB  HB   sing N N 496 
VAL CG1 HG11 sing N N 497 
VAL CG1 HG12 sing N N 498 
VAL CG1 HG13 sing N N 499 
VAL CG2 HG21 sing N N 500 
VAL CG2 HG22 sing N N 501 
VAL CG2 HG23 sing N N 502 
VAL OXT HXT  sing N N 503 
# 
_pdbx_audit_support.funding_organization   'Canadian Institutes of Health Research (CIHR)' 
_pdbx_audit_support.country                Canada 
_pdbx_audit_support.grant_number           PJT-162365 
_pdbx_audit_support.ordinal                1 
# 
_pdbx_initial_refinement_model.id               1 
_pdbx_initial_refinement_model.entity_id_list   ? 
_pdbx_initial_refinement_model.type             'experimental model' 
_pdbx_initial_refinement_model.source_name      PDB 
_pdbx_initial_refinement_model.accession_code   6BVC 
_pdbx_initial_refinement_model.details          ? 
# 
_atom_sites.entry_id                    9MGS 
_atom_sites.Cartn_transf_matrix[1][1]   ? 
_atom_sites.Cartn_transf_matrix[1][2]   ? 
_atom_sites.Cartn_transf_matrix[1][3]   ? 
_atom_sites.Cartn_transf_matrix[2][1]   ? 
_atom_sites.Cartn_transf_matrix[2][2]   ? 
_atom_sites.Cartn_transf_matrix[2][3]   ? 
_atom_sites.Cartn_transf_matrix[3][1]   ? 
_atom_sites.Cartn_transf_matrix[3][2]   ? 
_atom_sites.Cartn_transf_matrix[3][3]   ? 
_atom_sites.Cartn_transf_vector[1]      ? 
_atom_sites.Cartn_transf_vector[2]      ? 
_atom_sites.Cartn_transf_vector[3]      ? 
_atom_sites.Cartn_transform_axes        ? 
_atom_sites.fract_transf_matrix[1][1]   0.00887950 
_atom_sites.fract_transf_matrix[1][2]   -0.00208975 
_atom_sites.fract_transf_matrix[1][3]   -0.01490983 
_atom_sites.fract_transf_matrix[2][1]   -0.01338326 
_atom_sites.fract_transf_matrix[2][2]   0.00683322 
_atom_sites.fract_transf_matrix[2][3]   -0.00892810 
_atom_sites.fract_transf_matrix[3][1]   0.00315044 
_atom_sites.fract_transf_matrix[3][2]   0.00728726 
_atom_sites.fract_transf_matrix[3][3]   0.00085486 
_atom_sites.fract_transf_vector[1]      -0.042846 
_atom_sites.fract_transf_vector[2]      -0.086836 
_atom_sites.fract_transf_vector[3]      0.165796 
_atom_sites.solution_primary            ? 
_atom_sites.solution_secondary          ? 
_atom_sites.solution_hydrogens          ? 
_atom_sites.special_details             ? 
# 
loop_
_atom_type.symbol 
C 
N 
O 
P 
S 
# 
loop_
_atom_site.group_PDB 
_atom_site.id 
_atom_site.type_symbol 
_atom_site.label_atom_id 
_atom_site.label_alt_id 
_atom_site.label_comp_id 
_atom_site.label_asym_id 
_atom_site.label_entity_id 
_atom_site.label_seq_id 
_atom_site.pdbx_PDB_ins_code 
_atom_site.Cartn_x 
_atom_site.Cartn_y 
_atom_site.Cartn_z 
_atom_site.occupancy 
_atom_site.B_iso_or_equiv 
_atom_site.pdbx_formal_charge 
_atom_site.auth_seq_id 
_atom_site.auth_comp_id 
_atom_site.auth_asym_id 
_atom_site.auth_atom_id 
_atom_site.pdbx_PDB_model_num 
ATOM   1    N N   . MET A 1 1   ? -5.001  -22.430 11.892  1.00 87.62  ? 24  MET A N   1 
ATOM   2    C CA  . MET A 1 1   ? -4.863  -21.399 10.824  1.00 90.06  ? 24  MET A CA  1 
ATOM   3    C C   . MET A 1 1   ? -5.258  -20.046 11.406  1.00 94.10  ? 24  MET A C   1 
ATOM   4    O O   . MET A 1 1   ? -5.631  -19.966 12.572  1.00 99.14  ? 24  MET A O   1 
ATOM   5    C CB  . MET A 1 1   ? -5.730  -21.706 9.593   1.00 83.71  ? 24  MET A CB  1 
ATOM   6    N N   . GLY A 1 2   ? -5.173  -18.990 10.587  1.00 87.23  ? 25  GLY A N   1 
ATOM   7    C CA  . GLY A 1 2   ? -5.268  -17.624 11.082  1.00 74.93  ? 25  GLY A CA  1 
ATOM   8    C C   . GLY A 1 2   ? -4.018  -17.218 11.869  1.00 66.06  ? 25  GLY A C   1 
ATOM   9    O O   . GLY A 1 2   ? -4.085  -16.468 12.835  1.00 61.31  ? 25  GLY A O   1 
ATOM   10   N N   . ILE A 1 3   ? -2.856  -17.724 11.455  1.00 66.85  ? 26  ILE A N   1 
ATOM   11   C CA  . ILE A 1 3   ? -1.593  -17.196 11.935  1.00 60.55  ? 26  ILE A CA  1 
ATOM   12   C C   . ILE A 1 3   ? -1.067  -16.208 10.888  1.00 58.44  ? 26  ILE A C   1 
ATOM   13   O O   . ILE A 1 3   ? -0.505  -16.599 9.852   1.00 45.62  ? 26  ILE A O   1 
ATOM   14   C CB  . ILE A 1 3   ? -0.621  -18.352 12.215  1.00 54.60  ? 26  ILE A CB  1 
ATOM   15   C CG1 . ILE A 1 3   ? -1.259  -19.401 13.110  1.00 67.38  ? 26  ILE A CG1 1 
ATOM   16   C CG2 . ILE A 1 3   ? 0.674   -17.815 12.820  1.00 59.33  ? 26  ILE A CG2 1 
ATOM   17   C CD1 . ILE A 1 3   ? -0.411  -20.651 13.287  1.00 70.11  ? 26  ILE A CD1 1 
ATOM   18   N N   . ILE A 1 4   ? -1.272  -14.912 11.134  1.00 47.17  ? 27  ILE A N   1 
ATOM   19   C CA  . ILE A 1 4   ? -0.933  -13.902 10.142  1.00 42.11  ? 27  ILE A CA  1 
ATOM   20   C C   . ILE A 1 4   ? 0.472   -13.382 10.374  1.00 40.56  ? 27  ILE A C   1 
ATOM   21   O O   . ILE A 1 4   ? 0.736   -12.967 11.487  1.00 44.86  ? 27  ILE A O   1 
ATOM   22   C CB  . ILE A 1 4   ? -1.907  -12.718 10.187  1.00 39.88  ? 27  ILE A CB  1 
ATOM   23   C CG1 . ILE A 1 4   ? -3.380  -13.141 10.153  1.00 39.16  ? 27  ILE A CG1 1 
ATOM   24   C CG2 . ILE A 1 4   ? -1.567  -11.768 9.056   1.00 47.37  ? 27  ILE A CG2 1 
ATOM   25   C CD1 . ILE A 1 4   ? -3.722  -14.154 9.077   1.00 39.95  ? 27  ILE A CD1 1 
ATOM   26   N N   . ARG A 1 5   ? 1.321   -13.336 9.324   1.00 44.32  ? 28  ARG A N   1 
ATOM   27   C CA  . ARG A 1 5   ? 2.683   -12.786 9.392   1.00 37.01  ? 28  ARG A CA  1 
ATOM   28   C C   . ARG A 1 5   ? 2.835   -11.629 8.392   1.00 42.31  ? 28  ARG A C   1 
ATOM   29   O O   . ARG A 1 5   ? 2.421   -11.711 7.228   1.00 39.96  ? 28  ARG A O   1 
ATOM   30   C CB  . ARG A 1 5   ? 3.731   -13.887 9.189   1.00 36.02  ? 28  ARG A CB  1 
ATOM   31   N N   . THR A 1 6   ? 3.438   -10.527 8.844   1.00 41.65  ? 29  THR A N   1 
ATOM   32   C CA  . THR A 1 6   ? 3.507   -9.334  8.017   1.00 40.89  ? 29  THR A CA  1 
ATOM   33   C C   . THR A 1 6   ? 4.968   -9.126  7.663   1.00 37.86  ? 29  THR A C   1 
ATOM   34   O O   . THR A 1 6   ? 5.829   -9.309  8.494   1.00 37.29  ? 29  THR A O   1 
ATOM   35   C CB  . THR A 1 6   ? 2.924   -8.059  8.647   1.00 39.53  ? 29  THR A CB  1 
ATOM   36   O OG1 . THR A 1 6   ? 3.691   -7.818  9.823   1.00 43.07  ? 29  THR A OG1 1 
ATOM   37   C CG2 . THR A 1 6   ? 1.437   -8.141  8.976   1.00 36.03  ? 29  THR A CG2 1 
ATOM   38   N N   . CYS A 1 7   ? 5.226   -8.765  6.407   1.00 38.44  ? 30  CYS A N   1 
ATOM   39   C CA  . CYS A 1 7   ? 6.574   -8.394  6.013   1.00 36.11  ? 30  CYS A CA  1 
ATOM   40   C C   . CYS A 1 7   ? 6.568   -7.417  4.830   1.00 30.82  ? 30  CYS A C   1 
ATOM   41   O O   . CYS A 1 7   ? 5.593   -7.251  4.064   1.00 28.77  ? 30  CYS A O   1 
ATOM   42   C CB  . CYS A 1 7   ? 7.394   -9.624  5.651   1.00 42.79  ? 30  CYS A CB  1 
ATOM   43   S SG  . CYS A 1 7   ? 6.631   -10.432 4.236   1.00 54.57  ? 30  CYS A SG  1 
ATOM   44   N N   . ARG A 1 8   ? 7.718   -6.763  4.714   1.00 26.68  ? 31  ARG A N   1 
ATOM   45   C CA  . ARG A 1 8   ? 8.014   -5.898  3.599   1.00 31.54  ? 31  ARG A CA  1 
ATOM   46   C C   . ARG A 1 8   ? 8.644   -6.747  2.502   1.00 33.83  ? 31  ARG A C   1 
ATOM   47   O O   . ARG A 1 8   ? 9.668   -7.346  2.738   1.00 28.78  ? 31  ARG A O   1 
ATOM   48   C CB  . ARG A 1 8   ? 9.059   -4.860  4.022   1.00 28.62  ? 31  ARG A CB  1 
ATOM   49   C CG  . ARG A 1 8   ? 9.403   -4.067  2.779   1.00 28.01  ? 31  ARG A CG  1 
ATOM   50   C CD  . ARG A 1 8   ? 10.212  -2.871  3.153   1.00 25.60  ? 31  ARG A CD  1 
ATOM   51   N NE  . ARG A 1 8   ? 10.622  -2.210  1.910   1.00 26.31  ? 31  ARG A NE  1 
ATOM   52   C CZ  . ARG A 1 8   ? 11.291  -1.057  1.946   1.00 25.29  ? 31  ARG A CZ  1 
ATOM   53   N NH1 . ARG A 1 8   ? 11.609  -0.541  3.124   1.00 22.44  ? 31  ARG A NH1 1 
ATOM   54   N NH2 . ARG A 1 8   ? 11.624  -0.425  0.834   1.00 21.80  ? 31  ARG A NH2 1 
ATOM   55   N N   . LEU A 1 9   ? 8.065   -6.750  1.314   1.00 34.62  ? 32  LEU A N   1 
ATOM   56   C CA  . LEU A 1 9   ? 8.526   -7.602  0.240   1.00 32.71  ? 32  LEU A CA  1 
ATOM   57   C C   . LEU A 1 9   ? 9.835   -7.087  -0.368  1.00 32.86  ? 32  LEU A C   1 
ATOM   58   O O   . LEU A 1 9   ? 9.955   -5.894  -0.652  1.00 25.45  ? 32  LEU A O   1 
ATOM   59   C CB  . LEU A 1 9   ? 7.437   -7.608  -0.832  1.00 31.45  ? 32  LEU A CB  1 
ATOM   60   C CG  . LEU A 1 9   ? 6.144   -8.300  -0.435  1.00 31.54  ? 32  LEU A CG  1 
ATOM   61   C CD1 . LEU A 1 9   ? 5.277   -8.463  -1.648  1.00 41.28  ? 32  LEU A CD1 1 
ATOM   62   C CD2 . LEU A 1 9   ? 6.431   -9.633  0.223   1.00 30.63  ? 32  LEU A CD2 1 
ATOM   63   N N   . GLY A 1 10  ? 10.767  -8.018  -0.632  1.00 27.15  ? 33  GLY A N   1 
ATOM   64   C CA  . GLY A 1 10  ? 11.945  -7.710  -1.410  1.00 26.77  ? 33  GLY A CA  1 
ATOM   65   C C   . GLY A 1 10  ? 11.853  -8.226  -2.841  1.00 29.04  ? 33  GLY A C   1 
ATOM   66   O O   . GLY A 1 10  ? 10.850  -8.827  -3.225  1.00 28.78  ? 33  GLY A O   1 
ATOM   67   N N   . PRO A 1 11  ? 12.911  -7.959  -3.646  1.00 31.33  ? 34  PRO A N   1 
ATOM   68   C CA  . PRO A 1 11  ? 12.994  -8.323  -5.069  1.00 34.95  ? 34  PRO A CA  1 
ATOM   69   C C   . PRO A 1 11  ? 13.004  -9.825  -5.309  1.00 34.46  ? 34  PRO A C   1 
ATOM   70   O O   . PRO A 1 11  ? 12.838  -10.283 -6.417  1.00 37.22  ? 34  PRO A O   1 
ATOM   71   C CB  . PRO A 1 11  ? 14.280  -7.721  -5.582  1.00 28.83  ? 34  PRO A CB  1 
ATOM   72   C CG  . PRO A 1 11  ? 15.082  -7.484  -4.321  1.00 32.20  ? 34  PRO A CG  1 
ATOM   73   C CD  . PRO A 1 11  ? 14.116  -7.274  -3.186  1.00 32.61  ? 34  PRO A CD  1 
ATOM   74   N N   . ASP A 1 12  ? 13.168  -10.597 -4.258  1.00 36.33  ? 35  ASP A N   1 
ATOM   75   C CA  . ASP A 1 12  ? 13.091  -12.039 -4.370  1.00 37.53  ? 35  ASP A CA  1 
ATOM   76   C C   . ASP A 1 12  ? 11.647  -12.484 -4.221  1.00 32.57  ? 35  ASP A C   1 
ATOM   77   O O   . ASP A 1 12  ? 11.413  -13.658 -4.200  1.00 34.67  ? 35  ASP A O   1 
ATOM   78   C CB  . ASP A 1 12  ? 13.995  -12.696 -3.334  1.00 44.99  ? 35  ASP A CB  1 
ATOM   79   C CG  . ASP A 1 12  ? 13.746  -12.292 -1.879  1.00 53.15  ? 35  ASP A CG  1 
ATOM   80   O OD1 . ASP A 1 12  ? 13.440  -11.087 -1.613  1.00 50.95  ? 35  ASP A OD1 1 
ATOM   81   O OD2 . ASP A 1 12  ? 13.882  -13.182 -1.006  1.00 61.32  ? 35  ASP A OD2 1 
ATOM   82   N N   . GLN A 1 13  ? 10.681  -11.573 -4.110  1.00 34.92  ? 36  GLN A N   1 
ATOM   83   C CA  . GLN A 1 13  ? 9.322   -11.965 -3.770  1.00 31.73  ? 36  GLN A CA  1 
ATOM   84   C C   . GLN A 1 13  ? 8.311   -11.452 -4.782  1.00 34.04  ? 36  GLN A C   1 
ATOM   85   O O   . GLN A 1 13  ? 7.159   -11.137 -4.397  1.00 23.70  ? 36  GLN A O   1 
ATOM   86   C CB  . GLN A 1 13  ? 8.924   -11.578 -2.345  1.00 32.75  ? 36  GLN A CB  1 
ATOM   87   C CG  . GLN A 1 13  ? 9.777   -12.312 -1.323  1.00 35.24  ? 36  GLN A CG  1 
ATOM   88   C CD  . GLN A 1 13  ? 9.772   -11.664 0.038   1.00 36.83  ? 36  GLN A CD  1 
ATOM   89   O OE1 . GLN A 1 13  ? 10.220  -10.532 0.233   1.00 38.97  ? 36  GLN A OE1 1 
ATOM   90   N NE2 . GLN A 1 13  ? 9.277   -12.416 1.002   1.00 43.54  ? 36  GLN A NE2 1 
ATOM   91   N N   . VAL A 1 14  ? 8.706   -11.532 -6.072  1.00 27.44  ? 37  VAL A N   1 
ATOM   92   C CA  . VAL A 1 14  ? 7.802   -11.191 -7.133  1.00 25.66  ? 37  VAL A CA  1 
ATOM   93   C C   . VAL A 1 14  ? 6.522   -12.039 -7.072  1.00 31.18  ? 37  VAL A C   1 
ATOM   94   O O   . VAL A 1 14  ? 5.437   -11.483 -7.369  1.00 29.26  ? 37  VAL A O   1 
ATOM   95   C CB  . VAL A 1 14  ? 8.422   -11.155 -8.539  1.00 27.43  ? 37  VAL A CB  1 
ATOM   96   C CG1 . VAL A 1 14  ? 7.347   -11.001 -9.619  1.00 27.12  ? 37  VAL A CG1 1 
ATOM   97   C CG2 . VAL A 1 14  ? 9.455   -10.035 -8.668  1.00 27.11  ? 37  VAL A CG2 1 
ATOM   98   N N   . LYS A 1 15  ? 6.636   -13.346 -6.722  1.00 28.34  ? 38  LYS A N   1 
ATOM   99   C CA  . LYS A 1 15  ? 5.448   -14.196 -6.639  1.00 28.62  ? 38  LYS A CA  1 
ATOM   100  C C   . LYS A 1 15  ? 4.499   -13.622 -5.583  1.00 30.36  ? 38  LYS A C   1 
ATOM   101  O O   . LYS A 1 15  ? 3.314   -13.475 -5.810  1.00 26.23  ? 38  LYS A O   1 
ATOM   102  C CB  . LYS A 1 15  ? 5.704   -15.702 -6.412  1.00 24.78  ? 38  LYS A CB  1 
ATOM   103  N N   . SER A 1 16  ? 5.001   -13.259 -4.411  1.00 32.02  ? 39  SER A N   1 
ATOM   104  C CA  . SER A 1 16  ? 4.110   -12.677 -3.420  1.00 31.87  ? 39  SER A CA  1 
ATOM   105  C C   . SER A 1 16  ? 3.594   -11.312 -3.849  1.00 28.81  ? 39  SER A C   1 
ATOM   106  O O   . SER A 1 16  ? 2.451   -10.946 -3.547  1.00 32.17  ? 39  SER A O   1 
ATOM   107  C CB  . SER A 1 16  ? 4.788   -12.631 -2.082  1.00 35.32  ? 39  SER A CB  1 
ATOM   108  O OG  . SER A 1 16  ? 4.961   -13.956 -1.604  1.00 37.73  ? 39  SER A OG  1 
ATOM   109  N N   . MET A 1 17  ? 4.401   -10.528 -4.571  1.00 27.80  ? 40  MET A N   1 
ATOM   110  C CA  . MET A 1 17  ? 3.888   -9.246  -5.021  1.00 28.98  ? 40  MET A CA  1 
ATOM   111  C C   . MET A 1 17  ? 2.694   -9.445  -5.969  1.00 28.32  ? 40  MET A C   1 
ATOM   112  O O   . MET A 1 17  ? 1.695   -8.745  -5.877  1.00 26.77  ? 40  MET A O   1 
ATOM   113  C CB  . MET A 1 17  ? 4.988   -8.447  -5.720  1.00 31.87  ? 40  MET A CB  1 
ATOM   114  C CG  . MET A 1 17  ? 4.545   -7.120  -6.193  1.00 32.58  ? 40  MET A CG  1 
ATOM   115  S SD  . MET A 1 17  ? 4.279   -6.043  -4.773  1.00 39.32  ? 40  MET A SD  1 
ATOM   116  C CE  . MET A 1 17  ? 3.616   -4.565  -5.546  1.00 46.09  ? 40  MET A CE  1 
ATOM   117  N N   . ARG A 1 18  ? 2.811   -10.380 -6.918  1.00 31.27  ? 41  ARG A N   1 
ATOM   118  C CA  . ARG A 1 18  ? 1.740   -10.644 -7.855  1.00 31.29  ? 41  ARG A CA  1 
ATOM   119  C C   . ARG A 1 18  ? 0.486   -11.035 -7.085  1.00 30.98  ? 41  ARG A C   1 
ATOM   120  O O   . ARG A 1 18  ? -0.605  -10.808 -7.556  1.00 33.52  ? 41  ARG A O   1 
ATOM   121  C CB  . ARG A 1 18  ? 2.018   -11.774 -8.849  1.00 34.12  ? 41  ARG A CB  1 
ATOM   122  C CG  . ARG A 1 18  ? 2.973   -11.347 -9.950  1.00 36.66  ? 41  ARG A CG  1 
ATOM   123  C CD  . ARG A 1 18  ? 3.136   -12.296 -11.138 1.00 39.33  ? 41  ARG A CD  1 
ATOM   124  N NE  . ARG A 1 18  ? 4.295   -11.860 -11.946 1.00 38.58  ? 41  ARG A NE  1 
ATOM   125  C CZ  . ARG A 1 18  ? 4.401   -10.757 -12.719 1.00 35.16  ? 41  ARG A CZ  1 
ATOM   126  N NH1 . ARG A 1 18  ? 3.396   -9.874  -12.767 1.00 33.97  ? 41  ARG A NH1 1 
ATOM   127  N NH2 . ARG A 1 18  ? 5.501   -10.544 -13.460 1.00 27.00  ? 41  ARG A NH2 1 
ATOM   128  N N   . ALA A 1 19  ? 0.637   -11.715 -5.953  1.00 32.73  ? 42  ALA A N   1 
ATOM   129  C CA  . ALA A 1 19  ? -0.541  -12.134 -5.194  1.00 34.70  ? 42  ALA A CA  1 
ATOM   130  C C   . ALA A 1 19  ? -1.142  -10.904 -4.504  1.00 36.53  ? 42  ALA A C   1 
ATOM   131  O O   . ALA A 1 19  ? -2.343  -10.812 -4.309  1.00 34.44  ? 42  ALA A O   1 
ATOM   132  C CB  . ALA A 1 19  ? -0.164  -13.223 -4.201  1.00 35.15  ? 42  ALA A CB  1 
ATOM   133  N N   . ALA A 1 20  ? -0.296  -9.942  -4.128  1.00 31.36  ? 43  ALA A N   1 
ATOM   134  C CA  . ALA A 1 20  ? -0.806  -8.707  -3.525  1.00 35.47  ? 43  ALA A CA  1 
ATOM   135  C C   . ALA A 1 20  ? -1.677  -7.967  -4.538  1.00 31.00  ? 43  ALA A C   1 
ATOM   136  O O   . ALA A 1 20  ? -2.754  -7.475  -4.229  1.00 37.04  ? 43  ALA A O   1 
ATOM   137  C CB  . ALA A 1 20  ? 0.358   -7.826  -3.028  1.00 33.82  ? 43  ALA A CB  1 
ATOM   138  N N   . LEU A 1 21  ? -1.176  -7.882  -5.768  1.00 28.87  ? 44  LEU A N   1 
ATOM   139  C CA  . LEU A 1 21  ? -1.897  -7.254  -6.845  1.00 28.47  ? 44  LEU A CA  1 
ATOM   140  C C   . LEU A 1 21  ? -3.226  -7.922  -7.129  1.00 26.13  ? 44  LEU A C   1 
ATOM   141  O O   . LEU A 1 21  ? -4.158  -7.220  -7.404  1.00 25.62  ? 44  LEU A O   1 
ATOM   142  C CB  . LEU A 1 21  ? -1.021  -7.283  -8.072  1.00 30.74  ? 44  LEU A CB  1 
ATOM   143  C CG  . LEU A 1 21  ? 0.293   -6.518  -7.950  1.00 31.47  ? 44  LEU A CG  1 
ATOM   144  C CD1 . LEU A 1 21  ? 1.037   -6.773  -9.254  1.00 30.97  ? 44  LEU A CD1 1 
ATOM   145  C CD2 . LEU A 1 21  ? 0.143   -5.023  -7.658  1.00 31.96  ? 44  LEU A CD2 1 
ATOM   146  N N   . ASP A 1 22  ? -3.287  -9.255  -7.166  1.00 28.72  ? 45  ASP A N   1 
ATOM   147  C CA  . ASP A 1 22  ? -4.582  -9.895  -7.334  1.00 32.43  ? 45  ASP A CA  1 
ATOM   148  C C   . ASP A 1 22  ? -5.500  -9.552  -6.157  1.00 36.07  ? 45  ASP A C   1 
ATOM   149  O O   . ASP A 1 22  ? -6.701  -9.398  -6.329  1.00 36.21  ? 45  ASP A O   1 
ATOM   150  C CB  . ASP A 1 22  ? -4.467  -11.408 -7.484  1.00 37.40  ? 45  ASP A CB  1 
ATOM   151  C CG  . ASP A 1 22  ? -3.565  -11.883 -8.626  1.00 39.74  ? 45  ASP A CG  1 
ATOM   152  O OD1 . ASP A 1 22  ? -3.527  -11.250 -9.704  1.00 38.73  ? 45  ASP A OD1 1 
ATOM   153  O OD2 . ASP A 1 22  ? -2.879  -12.867 -8.424  1.00 42.71  ? 45  ASP A OD2 1 
ATOM   154  N N   . LEU A 1 23  ? -4.953  -9.542  -4.937  1.00 35.37  ? 46  LEU A N   1 
ATOM   155  C CA  . LEU A 1 23  ? -5.743  -9.172  -3.780  1.00 35.65  ? 46  LEU A CA  1 
ATOM   156  C C   . LEU A 1 23  ? -6.344  -7.796  -4.041  1.00 36.12  ? 46  LEU A C   1 
ATOM   157  O O   . LEU A 1 23  ? -7.559  -7.621  -3.948  1.00 33.94  ? 46  LEU A O   1 
ATOM   158  C CB  . LEU A 1 23  ? -4.879  -9.197  -2.522  1.00 40.32  ? 46  LEU A CB  1 
ATOM   159  C CG  . LEU A 1 23  ? -5.574  -8.778  -1.207  1.00 44.28  ? 46  LEU A CG  1 
ATOM   160  C CD1 . LEU A 1 23  ? -6.588  -9.781  -0.708  1.00 40.26  ? 46  LEU A CD1 1 
ATOM   161  C CD2 . LEU A 1 23  ? -4.619  -8.499  -0.074  1.00 46.07  ? 46  LEU A CD2 1 
ATOM   162  N N   . PHE A 1 24  ? -5.477  -6.837  -4.407  1.00 37.31  ? 47  PHE A N   1 
ATOM   163  C CA  . PHE A 1 24  ? -5.907  -5.504  -4.770  1.00 37.48  ? 47  PHE A CA  1 
ATOM   164  C C   . PHE A 1 24  ? -7.031  -5.560  -5.810  1.00 40.17  ? 47  PHE A C   1 
ATOM   165  O O   . PHE A 1 24  ? -8.037  -4.874  -5.661  1.00 40.47  ? 47  PHE A O   1 
ATOM   166  C CB  . PHE A 1 24  ? -4.769  -4.641  -5.329  1.00 36.15  ? 47  PHE A CB  1 
ATOM   167  C CG  . PHE A 1 24  ? -3.820  -4.096  -4.270  1.00 34.51  ? 47  PHE A CG  1 
ATOM   168  C CD1 . PHE A 1 24  ? -4.282  -3.752  -2.990  1.00 34.88  ? 47  PHE A CD1 1 
ATOM   169  C CD2 . PHE A 1 24  ? -2.469  -3.968  -4.537  1.00 27.33  ? 47  PHE A CD2 1 
ATOM   170  C CE1 . PHE A 1 24  ? -3.400  -3.285  -2.028  1.00 36.31  ? 47  PHE A CE1 1 
ATOM   171  C CE2 . PHE A 1 24  ? -1.583  -3.529  -3.564  1.00 33.94  ? 47  PHE A CE2 1 
ATOM   172  C CZ  . PHE A 1 24  ? -2.055  -3.151  -2.316  1.00 37.42  ? 47  PHE A CZ  1 
ATOM   173  N N   . GLY A 1 25  ? -6.867  -6.380  -6.852  1.00 36.98  ? 48  GLY A N   1 
ATOM   174  C CA  . GLY A 1 25  ? -7.908  -6.533  -7.861  1.00 40.26  ? 48  GLY A CA  1 
ATOM   175  C C   . GLY A 1 25  ? -9.244  -6.977  -7.253  1.00 45.82  ? 48  GLY A C   1 
ATOM   176  O O   . GLY A 1 25  ? -10.269 -6.285  -7.336  1.00 45.98  ? 48  GLY A O   1 
ATOM   177  N N   . ARG A 1 26  ? -9.225  -8.146  -6.621  1.00 49.98  ? 49  ARG A N   1 
ATOM   178  C CA  . ARG A 1 26  ? -10.447 -8.720  -6.095  1.00 49.79  ? 49  ARG A CA  1 
ATOM   179  C C   . ARG A 1 26  ? -11.129 -7.715  -5.190  1.00 51.03  ? 49  ARG A C   1 
ATOM   180  O O   . ARG A 1 26  ? -12.318 -7.503  -5.333  1.00 62.48  ? 49  ARG A O   1 
ATOM   181  C CB  . ARG A 1 26  ? -10.206 -9.988  -5.288  1.00 51.65  ? 49  ARG A CB  1 
ATOM   182  C CG  . ARG A 1 26  ? -10.136 -11.195 -6.210  1.00 61.67  ? 49  ARG A CG  1 
ATOM   183  C CD  . ARG A 1 26  ? -9.918  -12.459 -5.399  1.00 61.02  ? 49  ARG A CD  1 
ATOM   184  N NE  . ARG A 1 26  ? -8.824  -12.270 -4.435  1.00 65.37  ? 49  ARG A NE  1 
ATOM   185  C CZ  . ARG A 1 26  ? -7.563  -12.685 -4.568  1.00 57.75  ? 49  ARG A CZ  1 
ATOM   186  N NH1 . ARG A 1 26  ? -7.168  -13.343 -5.640  1.00 60.57  ? 49  ARG A NH1 1 
ATOM   187  N NH2 . ARG A 1 26  ? -6.685  -12.442 -3.619  1.00 49.83  ? 49  ARG A NH2 1 
ATOM   188  N N   . GLU A 1 27  ? -10.361 -7.053  -4.324  1.00 53.39  ? 50  GLU A N   1 
ATOM   189  C CA  . GLU A 1 27  ? -10.949 -6.280  -3.235  1.00 55.83  ? 50  GLU A CA  1 
ATOM   190  C C   . GLU A 1 27  ? -11.355 -4.882  -3.697  1.00 49.14  ? 50  GLU A C   1 
ATOM   191  O O   . GLU A 1 27  ? -12.219 -4.277  -3.067  1.00 48.60  ? 50  GLU A O   1 
ATOM   192  C CB  . GLU A 1 27  ? -10.076 -6.183  -1.974  1.00 44.55  ? 50  GLU A CB  1 
ATOM   193  C CG  . GLU A 1 27  ? -9.727  -7.531  -1.342  1.00 46.91  ? 50  GLU A CG  1 
ATOM   194  C CD  . GLU A 1 27  ? -10.873 -8.523  -1.107  1.00 48.76  ? 50  GLU A CD  1 
ATOM   195  O OE1 . GLU A 1 27  ? -12.043 -8.105  -1.045  1.00 57.69  ? 50  GLU A OE1 1 
ATOM   196  O OE2 . GLU A 1 27  ? -10.612 -9.730  -0.991  1.00 45.06  ? 50  GLU A OE2 1 
ATOM   197  N N   . PHE A 1 28  ? -10.702 -4.334  -4.721  1.00 47.93  ? 51  PHE A N   1 
ATOM   198  C CA  . PHE A 1 28  ? -11.108 -3.027  -5.222  1.00 52.22  ? 51  PHE A CA  1 
ATOM   199  C C   . PHE A 1 28  ? -12.108 -3.202  -6.362  1.00 49.39  ? 51  PHE A C   1 
ATOM   200  O O   . PHE A 1 28  ? -12.471 -2.238  -7.013  1.00 42.84  ? 51  PHE A O   1 
ATOM   201  C CB  . PHE A 1 28  ? -9.953  -2.201  -5.774  1.00 55.54  ? 51  PHE A CB  1 
ATOM   202  C CG  . PHE A 1 28  ? -8.877  -1.794  -4.778  1.00 61.66  ? 51  PHE A CG  1 
ATOM   203  C CD1 . PHE A 1 28  ? -9.176  -1.522  -3.454  1.00 58.98  ? 51  PHE A CD1 1 
ATOM   204  C CD2 . PHE A 1 28  ? -7.550  -1.664  -5.191  1.00 63.83  ? 51  PHE A CD2 1 
ATOM   205  C CE1 . PHE A 1 28  ? -8.167  -1.140  -2.571  1.00 53.42  ? 51  PHE A CE1 1 
ATOM   206  C CE2 . PHE A 1 28  ? -6.557  -1.270  -4.310  1.00 55.88  ? 51  PHE A CE2 1 
ATOM   207  C CZ  . PHE A 1 28  ? -6.872  -1.002  -2.999  1.00 56.71  ? 51  PHE A CZ  1 
ATOM   208  N N   . GLY A 1 29  ? -12.517 -4.448  -6.631  1.00 53.81  ? 52  GLY A N   1 
ATOM   209  C CA  . GLY A 1 29  ? -13.312 -4.768  -7.804  1.00 59.55  ? 52  GLY A CA  1 
ATOM   210  C C   . GLY A 1 29  ? -12.698 -4.186  -9.074  1.00 64.07  ? 52  GLY A C   1 
ATOM   211  O O   . GLY A 1 29  ? -13.417 -3.601  -9.880  1.00 70.89  ? 52  GLY A O   1 
ATOM   212  N N   . GLY A 1 30  ? -11.371 -4.323  -9.233  1.00 58.78  ? 53  GLY A N   1 
ATOM   213  C CA  . GLY A 1 30  ? -10.697 -3.933  -10.466 1.00 52.37  ? 53  GLY A CA  1 
ATOM   214  C C   . GLY A 1 30  ? -9.757  -5.044  -10.932 1.00 54.81  ? 53  GLY A C   1 
ATOM   215  O O   . GLY A 1 30  ? -8.571  -4.790  -11.100 1.00 38.85  ? 53  GLY A O   1 
ATOM   216  N N   . VAL A 1 31  ? -10.326 -6.250  -11.120 1.00 48.45  ? 54  VAL A N   1 
ATOM   217  C CA  . VAL A 1 31  ? -9.618  -7.483  -11.419 1.00 51.74  ? 54  VAL A CA  1 
ATOM   218  C C   . VAL A 1 31  ? -8.820  -7.296  -12.704 1.00 55.95  ? 54  VAL A C   1 
ATOM   219  O O   . VAL A 1 31  ? -7.729  -7.863  -12.851 1.00 56.37  ? 54  VAL A O   1 
ATOM   220  C CB  . VAL A 1 31  ? -10.624 -8.656  -11.529 1.00 48.79  ? 54  VAL A CB  1 
ATOM   221  C CG1 . VAL A 1 31  ? -10.016 -9.930  -12.126 1.00 50.60  ? 54  VAL A CG1 1 
ATOM   222  C CG2 . VAL A 1 31  ? -11.271 -8.969  -10.189 1.00 48.26  ? 54  VAL A CG2 1 
ATOM   223  N N   . ALA A 1 32  ? -9.378  -6.496  -13.622 1.00 52.11  ? 55  ALA A N   1 
ATOM   224  C CA  . ALA A 1 32  ? -8.706  -6.199  -14.873 1.00 58.07  ? 55  ALA A CA  1 
ATOM   225  C C   . ALA A 1 32  ? -7.477  -5.323  -14.621 1.00 58.04  ? 55  ALA A C   1 
ATOM   226  O O   . ALA A 1 32  ? -6.359  -5.664  -15.032 1.00 62.60  ? 55  ALA A O   1 
ATOM   227  C CB  . ALA A 1 32  ? -9.679  -5.534  -15.834 1.00 61.49  ? 55  ALA A CB  1 
ATOM   228  N N   . THR A 1 33  ? -7.715  -4.184  -13.962 1.00 52.00  ? 56  THR A N   1 
ATOM   229  C CA  . THR A 1 33  ? -6.675  -3.200  -13.708 1.00 60.02  ? 56  THR A CA  1 
ATOM   230  C C   . THR A 1 33  ? -5.443  -3.875  -13.094 1.00 54.73  ? 56  THR A C   1 
ATOM   231  O O   . THR A 1 33  ? -4.336  -3.682  -13.600 1.00 54.74  ? 56  THR A O   1 
ATOM   232  C CB  . THR A 1 33  ? -7.260  -2.084  -12.828 1.00 66.32  ? 56  THR A CB  1 
ATOM   233  O OG1 . THR A 1 33  ? -8.193  -1.355  -13.627 1.00 55.53  ? 56  THR A OG1 1 
ATOM   234  C CG2 . THR A 1 33  ? -6.233  -1.080  -12.328 1.00 61.32  ? 56  THR A CG2 1 
ATOM   235  N N   . TYR A 1 34  ? -5.672  -4.732  -12.069 1.00 48.01  ? 57  TYR A N   1 
ATOM   236  C CA  . TYR A 1 34  ? -4.646  -5.198  -11.138 1.00 45.63  ? 57  TYR A CA  1 
ATOM   237  C C   . TYR A 1 34  ? -4.074  -6.583  -11.493 1.00 48.40  ? 57  TYR A C   1 
ATOM   238  O O   . TYR A 1 34  ? -2.936  -6.866  -11.079 1.00 39.91  ? 57  TYR A O   1 
ATOM   239  C CB  . TYR A 1 34  ? -5.173  -5.208  -9.687  1.00 42.32  ? 57  TYR A CB  1 
ATOM   240  C CG  . TYR A 1 34  ? -5.279  -3.839  -9.025  1.00 40.79  ? 57  TYR A CG  1 
ATOM   241  C CD1 . TYR A 1 34  ? -6.410  -3.059  -9.187  1.00 43.57  ? 57  TYR A CD1 1 
ATOM   242  C CD2 . TYR A 1 34  ? -4.220  -3.302  -8.276  1.00 43.77  ? 57  TYR A CD2 1 
ATOM   243  C CE1 . TYR A 1 34  ? -6.499  -1.804  -8.618  1.00 45.18  ? 57  TYR A CE1 1 
ATOM   244  C CE2 . TYR A 1 34  ? -4.294  -2.050  -7.688  1.00 41.90  ? 57  TYR A CE2 1 
ATOM   245  C CZ  . TYR A 1 34  ? -5.448  -1.299  -7.866  1.00 47.66  ? 57  TYR A CZ  1 
ATOM   246  O OH  . TYR A 1 34  ? -5.595  -0.056  -7.338  1.00 44.03  ? 57  TYR A OH  1 
ATOM   247  N N   . SER A 1 35  ? -4.860  -7.456  -12.171 1.00 39.68  ? 58  SER A N   1 
ATOM   248  C CA  . SER A 1 35  ? -4.405  -8.817  -12.464 1.00 42.82  ? 58  SER A CA  1 
ATOM   249  C C   . SER A 1 35  ? -4.094  -9.083  -13.946 1.00 41.41  ? 58  SER A C   1 
ATOM   250  O O   . SER A 1 35  ? -3.389  -10.043 -14.243 1.00 45.32  ? 58  SER A O   1 
ATOM   251  C CB  . SER A 1 35  ? -5.399  -9.862  -11.977 1.00 41.73  ? 58  SER A CB  1 
ATOM   252  O OG  . SER A 1 35  ? -5.801  -9.583  -10.650 1.00 49.81  ? 58  SER A OG  1 
ATOM   253  N N   . GLN A 1 36  ? -4.723  -8.372  -14.883 1.00 46.12  ? 59  GLN A N   1 
ATOM   254  C CA  . GLN A 1 36  ? -4.703  -8.826  -16.268 1.00 61.79  ? 59  GLN A CA  1 
ATOM   255  C C   . GLN A 1 36  ? -3.661  -8.081  -17.109 1.00 59.76  ? 59  GLN A C   1 
ATOM   256  O O   . GLN A 1 36  ? -3.461  -8.399  -18.273 1.00 50.46  ? 59  GLN A O   1 
ATOM   257  C CB  . GLN A 1 36  ? -6.099  -8.686  -16.872 1.00 61.44  ? 59  GLN A CB  1 
ATOM   258  C CG  . GLN A 1 36  ? -7.138  -9.608  -16.242 1.00 66.40  ? 59  GLN A CG  1 
ATOM   259  C CD  . GLN A 1 36  ? -8.547  -9.207  -16.619 1.00 77.20  ? 59  GLN A CD  1 
ATOM   260  O OE1 . GLN A 1 36  ? -8.753  -8.268  -17.397 1.00 105.59 ? 59  GLN A OE1 1 
ATOM   261  N NE2 . GLN A 1 36  ? -9.540  -9.887  -16.067 1.00 77.30  ? 59  GLN A NE2 1 
ATOM   262  N N   . HIS A 1 37  ? -3.009  -7.071  -16.546 1.00 50.17  ? 60  HIS A N   1 
ATOM   263  C CA  . HIS A 1 37  ? -1.980  -6.370  -17.283 1.00 44.17  ? 60  HIS A CA  1 
ATOM   264  C C   . HIS A 1 37  ? -0.841  -6.057  -16.316 1.00 37.44  ? 60  HIS A C   1 
ATOM   265  O O   . HIS A 1 37  ? -0.345  -4.933  -16.294 1.00 33.89  ? 60  HIS A O   1 
ATOM   266  C CB  . HIS A 1 37  ? -2.540  -5.069  -17.881 1.00 39.38  ? 60  HIS A CB  1 
ATOM   267  C CG  . HIS A 1 37  ? -3.720  -5.216  -18.780 1.00 51.56  ? 60  HIS A CG  1 
ATOM   268  N ND1 . HIS A 1 37  ? -5.020  -4.912  -18.398 1.00 49.85  ? 60  HIS A ND1 1 
ATOM   269  C CD2 . HIS A 1 37  ? -3.772  -5.615  -20.073 1.00 49.62  ? 60  HIS A CD2 1 
ATOM   270  C CE1 . HIS A 1 37  ? -5.823  -5.149  -19.429 1.00 58.28  ? 60  HIS A CE1 1 
ATOM   271  N NE2 . HIS A 1 37  ? -5.084  -5.585  -20.446 1.00 54.33  ? 60  HIS A NE2 1 
ATOM   272  N N   . GLN A 1 38  ? -0.458  -7.035  -15.487 1.00 34.19  ? 61  GLN A N   1 
ATOM   273  C CA  . GLN A 1 38  ? 0.620   -6.798  -14.544 1.00 30.14  ? 61  GLN A CA  1 
ATOM   274  C C   . GLN A 1 38  ? 1.950   -6.551  -15.263 1.00 33.92  ? 61  GLN A C   1 
ATOM   275  O O   . GLN A 1 38  ? 2.165   -7.001  -16.372 1.00 40.06  ? 61  GLN A O   1 
ATOM   276  C CB  . GLN A 1 38  ? 0.742   -7.965  -13.581 1.00 36.84  ? 61  GLN A CB  1 
ATOM   277  C CG  . GLN A 1 38  ? -0.492  -8.201  -12.732 1.00 35.93  ? 61  GLN A CG  1 
ATOM   278  C CD  . GLN A 1 38  ? -0.296  -9.339  -11.761 1.00 37.87  ? 61  GLN A CD  1 
ATOM   279  O OE1 . GLN A 1 38  ? 0.754   -9.983  -11.737 1.00 42.19  ? 61  GLN A OE1 1 
ATOM   280  N NE2 . GLN A 1 38  ? -1.287  -9.555  -10.917 1.00 37.34  ? 61  GLN A NE2 1 
ATOM   281  N N   . PRO A 1 39  ? 2.930   -5.869  -14.638 1.00 34.80  ? 62  PRO A N   1 
ATOM   282  C CA  . PRO A 1 39  ? 4.237   -5.642  -15.247 1.00 32.94  ? 62  PRO A CA  1 
ATOM   283  C C   . PRO A 1 39  ? 4.971   -6.959  -15.325 1.00 34.64  ? 62  PRO A C   1 
ATOM   284  O O   . PRO A 1 39  ? 4.597   -7.890  -14.624 1.00 36.03  ? 62  PRO A O   1 
ATOM   285  C CB  . PRO A 1 39  ? 4.995   -4.715  -14.294 1.00 31.05  ? 62  PRO A CB  1 
ATOM   286  C CG  . PRO A 1 39  ? 3.871   -4.178  -13.439 1.00 40.17  ? 62  PRO A CG  1 
ATOM   287  C CD  . PRO A 1 39  ? 2.859   -5.326  -13.279 1.00 31.67  ? 62  PRO A CD  1 
ATOM   288  N N   . ASP A 1 40  ? 6.026   -6.989  -16.142 1.00 37.06  ? 63  ASP A N   1 
ATOM   289  C CA  . ASP A 1 40  ? 6.918   -8.134  -16.171 1.00 38.16  ? 63  ASP A CA  1 
ATOM   290  C C   . ASP A 1 40  ? 7.690   -8.250  -14.860 1.00 33.84  ? 63  ASP A C   1 
ATOM   291  O O   . ASP A 1 40  ? 7.822   -7.276  -14.095 1.00 35.95  ? 63  ASP A O   1 
ATOM   292  C CB  . ASP A 1 40  ? 7.870   -8.090  -17.347 1.00 37.96  ? 63  ASP A CB  1 
ATOM   293  C CG  . ASP A 1 40  ? 8.880   -6.951  -17.395 1.00 48.95  ? 63  ASP A CG  1 
ATOM   294  O OD1 . ASP A 1 40  ? 9.363   -6.462  -16.336 1.00 46.82  ? 63  ASP A OD1 1 
ATOM   295  O OD2 . ASP A 1 40  ? 9.274   -6.640  -18.519 1.00 65.93  ? 63  ASP A OD2 1 
ATOM   296  N N   . SER A 1 41  ? 8.249   -9.440  -14.633 1.00 28.81  ? 64  SER A N   1 
ATOM   297  C CA  . SER A 1 41  ? 8.949   -9.717  -13.383 1.00 33.96  ? 64  SER A CA  1 
ATOM   298  C C   . SER A 1 41  ? 10.098  -8.735  -13.125 1.00 37.84  ? 64  SER A C   1 
ATOM   299  O O   . SER A 1 41  ? 10.385  -8.419  -11.970 1.00 32.66  ? 64  SER A O   1 
ATOM   300  C CB  . SER A 1 41  ? 9.402   -11.114 -13.339 1.00 31.52  ? 64  SER A CB  1 
ATOM   301  O OG  . SER A 1 41  ? 8.218   -11.903 -13.308 1.00 34.58  ? 64  SER A OG  1 
ATOM   302  N N   . ASP A 1 42  ? 10.724  -8.194  -14.191 1.00 31.70  ? 65  ASP A N   1 
ATOM   303  C CA  . ASP A 1 42  ? 11.850  -7.292  -13.981 1.00 27.88  ? 65  ASP A CA  1 
ATOM   304  C C   . ASP A 1 42  ? 11.330  -6.017  -13.339 1.00 25.13  ? 65  ASP A C   1 
ATOM   305  O O   . ASP A 1 42  ? 11.981  -5.426  -12.505 1.00 31.62  ? 65  ASP A O   1 
ATOM   306  C CB  . ASP A 1 42  ? 12.564  -6.991  -15.295 1.00 35.95  ? 65  ASP A CB  1 
ATOM   307  C CG  . ASP A 1 42  ? 13.552  -8.052  -15.780 1.00 32.95  ? 65  ASP A CG  1 
ATOM   308  O OD1 . ASP A 1 42  ? 13.763  -9.030  -15.048 1.00 36.33  ? 65  ASP A OD1 1 
ATOM   309  O OD2 . ASP A 1 42  ? 14.088  -7.898  -16.881 1.00 35.78  ? 65  ASP A OD2 1 
ATOM   310  N N   . TYR A 1 43  ? 10.208  -5.534  -13.876 1.00 23.30  ? 66  TYR A N   1 
ATOM   311  C CA  . TYR A 1 43  ? 9.614   -4.269  -13.511 1.00 27.26  ? 66  TYR A CA  1 
ATOM   312  C C   . TYR A 1 43  ? 9.303   -4.335  -12.027 1.00 28.48  ? 66  TYR A C   1 
ATOM   313  O O   . TYR A 1 43  ? 9.725   -3.451  -11.291 1.00 32.83  ? 66  TYR A O   1 
ATOM   314  C CB  . TYR A 1 43  ? 8.341   -4.043  -14.336 1.00 27.07  ? 66  TYR A CB  1 
ATOM   315  C CG  . TYR A 1 43  ? 7.654   -2.722  -14.051 1.00 28.65  ? 66  TYR A CG  1 
ATOM   316  C CD1 . TYR A 1 43  ? 6.878   -2.565  -12.910 1.00 23.28  ? 66  TYR A CD1 1 
ATOM   317  C CD2 . TYR A 1 43  ? 7.814   -1.622  -14.883 1.00 28.63  ? 66  TYR A CD2 1 
ATOM   318  C CE1 . TYR A 1 43  ? 6.272   -1.363  -12.613 1.00 30.57  ? 66  TYR A CE1 1 
ATOM   319  C CE2 . TYR A 1 43  ? 7.154   -0.419  -14.621 1.00 31.61  ? 66  TYR A CE2 1 
ATOM   320  C CZ  . TYR A 1 43  ? 6.404   -0.280  -13.472 1.00 30.00  ? 66  TYR A CZ  1 
ATOM   321  O OH  . TYR A 1 43  ? 5.775   0.892   -13.197 1.00 37.94  ? 66  TYR A OH  1 
ATOM   322  N N   . LEU A 1 44  ? 8.691   -5.460  -11.596 1.00 27.95  ? 67  LEU A N   1 
ATOM   323  C CA  . LEU A 1 44  ? 8.319   -5.626  -10.196 1.00 26.58  ? 67  LEU A CA  1 
ATOM   324  C C   . LEU A 1 44  ? 9.568   -5.702  -9.325  1.00 30.17  ? 67  LEU A C   1 
ATOM   325  O O   . LEU A 1 44  ? 9.632   -5.076  -8.238  1.00 26.51  ? 67  LEU A O   1 
ATOM   326  C CB  . LEU A 1 44  ? 7.402   -6.848  -10.023 1.00 27.08  ? 67  LEU A CB  1 
ATOM   327  C CG  . LEU A 1 44  ? 5.963   -6.702  -10.550 1.00 26.31  ? 67  LEU A CG  1 
ATOM   328  C CD1 . LEU A 1 44  ? 5.148   -7.982  -10.459 1.00 26.18  ? 67  LEU A CD1 1 
ATOM   329  C CD2 . LEU A 1 44  ? 5.190   -5.577  -9.872  1.00 23.47  ? 67  LEU A CD2 1 
ATOM   330  N N   . GLY A 1 45  ? 10.535  -6.520  -9.774  1.00 28.51  ? 68  GLY A N   1 
ATOM   331  C CA  . GLY A 1 45  ? 11.860  -6.574  -9.157  1.00 24.10  ? 68  GLY A CA  1 
ATOM   332  C C   . GLY A 1 45  ? 12.446  -5.190  -8.896  1.00 29.21  ? 68  GLY A C   1 
ATOM   333  O O   . GLY A 1 45  ? 12.961  -4.882  -7.802  1.00 32.74  ? 68  GLY A O   1 
ATOM   334  N N   . ASN A 1 46  ? 12.446  -4.369  -9.926  1.00 30.04  ? 69  ASN A N   1 
ATOM   335  C CA  . ASN A 1 46  ? 12.974  -3.004  -9.825  1.00 26.79  ? 69  ASN A CA  1 
ATOM   336  C C   . ASN A 1 46  ? 12.188  -2.172  -8.833  1.00 26.06  ? 69  ASN A C   1 
ATOM   337  O O   . ASN A 1 46  ? 12.774  -1.439  -8.024  1.00 28.23  ? 69  ASN A O   1 
ATOM   338  C CB  . ASN A 1 46  ? 13.004  -2.331  -11.185 1.00 25.70  ? 69  ASN A CB  1 
ATOM   339  C CG  . ASN A 1 46  ? 14.133  -2.900  -12.000 1.00 29.12  ? 69  ASN A CG  1 
ATOM   340  O OD1 . ASN A 1 46  ? 15.199  -3.185  -11.444 1.00 30.43  ? 69  ASN A OD1 1 
ATOM   341  N ND2 . ASN A 1 46  ? 13.909  -3.164  -13.273 1.00 33.26  ? 69  ASN A ND2 1 
ATOM   342  N N   . LEU A 1 47  ? 10.865  -2.386  -8.779  1.00 28.23  ? 70  LEU A N   1 
ATOM   343  C CA  . LEU A 1 47  ? 10.069  -1.707  -7.769  1.00 28.74  ? 70  LEU A CA  1 
ATOM   344  C C   . LEU A 1 47  ? 10.531  -2.163  -6.390  1.00 30.06  ? 70  LEU A C   1 
ATOM   345  O O   . LEU A 1 47  ? 10.736  -1.384  -5.453  1.00 29.10  ? 70  LEU A O   1 
ATOM   346  C CB  . LEU A 1 47  ? 8.593   -2.017  -8.003  1.00 31.24  ? 70  LEU A CB  1 
ATOM   347  C CG  . LEU A 1 47  ? 7.641   -0.822  -8.049  1.00 38.38  ? 70  LEU A CG  1 
ATOM   348  C CD1 . LEU A 1 47  ? 8.160   0.530   -8.570  1.00 33.57  ? 70  LEU A CD1 1 
ATOM   349  C CD2 . LEU A 1 47  ? 6.504   -1.310  -8.862  1.00 32.97  ? 70  LEU A CD2 1 
ATOM   350  N N   . LEU A 1 48  ? 10.617  -3.472  -6.258  1.00 26.77  ? 71  LEU A N   1 
ATOM   351  C CA  . LEU A 1 48  ? 10.834  -4.065  -4.955  1.00 26.99  ? 71  LEU A CA  1 
ATOM   352  C C   . LEU A 1 48  ? 12.268  -3.856  -4.516  1.00 29.11  ? 71  LEU A C   1 
ATOM   353  O O   . LEU A 1 48  ? 12.562  -3.865  -3.322  1.00 31.04  ? 71  LEU A O   1 
ATOM   354  C CB  . LEU A 1 48  ? 10.457  -5.539  -5.031  1.00 34.07  ? 71  LEU A CB  1 
ATOM   355  C CG  . LEU A 1 48  ? 8.948   -5.765  -5.177  1.00 31.81  ? 71  LEU A CG  1 
ATOM   356  C CD1 . LEU A 1 48  ? 8.613   -7.207  -5.329  1.00 33.28  ? 71  LEU A CD1 1 
ATOM   357  C CD2 . LEU A 1 48  ? 8.238   -5.179  -3.957  1.00 33.19  ? 71  LEU A CD2 1 
ATOM   358  N N   . ARG A 1 49  ? 13.149  -3.602  -5.478  1.00 28.38  ? 72  ARG A N   1 
ATOM   359  C CA  . ARG A 1 49  ? 14.518  -3.287  -5.118  1.00 30.92  ? 72  ARG A CA  1 
ATOM   360  C C   . ARG A 1 49  ? 14.624  -1.876  -4.552  1.00 27.35  ? 72  ARG A C   1 
ATOM   361  O O   . ARG A 1 49  ? 15.640  -1.556  -3.959  1.00 40.06  ? 72  ARG A O   1 
ATOM   362  C CB  . ARG A 1 49  ? 15.457  -3.310  -6.345  1.00 33.46  ? 72  ARG A CB  1 
ATOM   363  C CG  . ARG A 1 49  ? 16.514  -4.384  -6.239  1.00 39.40  ? 72  ARG A CG  1 
ATOM   364  C CD  . ARG A 1 49  ? 17.449  -4.532  -7.448  1.00 37.55  ? 72  ARG A CD  1 
ATOM   365  N NE  . ARG A 1 49  ? 16.684  -4.710  -8.680  1.00 34.91  ? 72  ARG A NE  1 
ATOM   366  C CZ  . ARG A 1 49  ? 16.048  -5.824  -8.977  1.00 36.12  ? 72  ARG A CZ  1 
ATOM   367  N NH1 . ARG A 1 49  ? 16.235  -6.876  -8.202  1.00 36.61  ? 72  ARG A NH1 1 
ATOM   368  N NH2 . ARG A 1 49  ? 15.280  -5.895  -10.053 1.00 42.56  ? 72  ARG A NH2 1 
ATOM   369  N N   . SER A 1 50  ? 13.714  -0.983  -4.941  1.00 29.40  ? 73  SER A N   1 
ATOM   370  C CA  . SER A 1 50  ? 13.878  0.455   -4.732  1.00 29.49  ? 73  SER A CA  1 
ATOM   371  C C   . SER A 1 50  ? 13.725  0.850   -3.249  1.00 32.40  ? 73  SER A C   1 
ATOM   372  O O   . SER A 1 50  ? 12.975  0.206   -2.528  1.00 33.43  ? 73  SER A O   1 
ATOM   373  C CB  . SER A 1 50  ? 12.899  1.213   -5.616  1.00 29.94  ? 73  SER A CB  1 
ATOM   374  O OG  . SER A 1 50  ? 12.818  2.563   -5.162  1.00 35.40  ? 73  SER A OG  1 
ATOM   375  N N   . LYS A 1 51  ? 14.395  1.943   -2.830  1.00 30.01  ? 74  LYS A N   1 
ATOM   376  C CA  . LYS A 1 51  ? 14.375  2.464   -1.467  1.00 32.19  ? 74  LYS A CA  1 
ATOM   377  C C   . LYS A 1 51  ? 13.126  3.334   -1.319  1.00 32.28  ? 74  LYS A C   1 
ATOM   378  O O   . LYS A 1 51  ? 12.623  3.521   -0.194  1.00 35.74  ? 74  LYS A O   1 
ATOM   379  C CB  . LYS A 1 51  ? 15.644  3.197   -0.954  1.00 29.10  ? 74  LYS A CB  1 
ATOM   380  N N   . THR A 1 52  ? 12.514  3.760   -2.431  1.00 30.97  ? 75  THR A N   1 
ATOM   381  C CA  . THR A 1 52  ? 11.385  4.675   -2.308  1.00 25.96  ? 75  THR A CA  1 
ATOM   382  C C   . THR A 1 52  ? 10.053  4.034   -2.669  1.00 28.45  ? 75  THR A C   1 
ATOM   383  O O   . THR A 1 52  ? 9.052   4.743   -2.790  1.00 29.57  ? 75  THR A O   1 
ATOM   384  C CB  . THR A 1 52  ? 11.597  5.896   -3.192  1.00 33.23  ? 75  THR A CB  1 
ATOM   385  O OG1 . THR A 1 52  ? 11.840  5.348   -4.492  1.00 32.46  ? 75  THR A OG1 1 
ATOM   386  C CG2 . THR A 1 52  ? 12.754  6.744   -2.696  1.00 26.74  ? 75  THR A CG2 1 
ATOM   387  N N   . PHE A 1 53  ? 10.008  2.705   -2.758  1.00 26.71  ? 76  PHE A N   1 
ATOM   388  C CA  . PHE A 1 53  ? 8.734   2.027   -2.843  1.00 30.99  ? 76  PHE A CA  1 
ATOM   389  C C   . PHE A 1 53  ? 8.702   0.934   -1.773  1.00 38.26  ? 76  PHE A C   1 
ATOM   390  O O   . PHE A 1 53  ? 9.696   0.303   -1.520  1.00 38.19  ? 76  PHE A O   1 
ATOM   391  C CB  . PHE A 1 53  ? 8.513   1.496   -4.259  1.00 27.71  ? 76  PHE A CB  1 
ATOM   392  C CG  . PHE A 1 53  ? 7.283   0.597   -4.370  1.00 33.26  ? 76  PHE A CG  1 
ATOM   393  C CD1 . PHE A 1 53  ? 6.015   1.162   -4.373  1.00 31.78  ? 76  PHE A CD1 1 
ATOM   394  C CD2 . PHE A 1 53  ? 7.398   -0.791  -4.453  1.00 24.54  ? 76  PHE A CD2 1 
ATOM   395  C CE1 . PHE A 1 53  ? 4.893   0.365   -4.468  1.00 34.30  ? 76  PHE A CE1 1 
ATOM   396  C CE2 . PHE A 1 53  ? 6.273   -1.572  -4.546  1.00 34.18  ? 76  PHE A CE2 1 
ATOM   397  C CZ  . PHE A 1 53  ? 5.018   -0.997  -4.573  1.00 31.48  ? 76  PHE A CZ  1 
ATOM   398  N N   . ILE A 1 54  ? 7.563   0.766   -1.098  1.00 33.98  ? 77  ILE A N   1 
ATOM   399  C CA  . ILE A 1 54  ? 7.436   -0.213  -0.038  1.00 29.04  ? 77  ILE A CA  1 
ATOM   400  C C   . ILE A 1 54  ? 6.219   -1.061  -0.371  1.00 27.26  ? 77  ILE A C   1 
ATOM   401  O O   . ILE A 1 54  ? 5.132   -0.533  -0.513  1.00 25.88  ? 77  ILE A O   1 
ATOM   402  C CB  . ILE A 1 54  ? 7.261   0.470   1.332   1.00 27.71  ? 77  ILE A CB  1 
ATOM   403  C CG1 . ILE A 1 54  ? 8.396   1.343   1.629   1.00 27.26  ? 77  ILE A CG1 1 
ATOM   404  C CG2 . ILE A 1 54  ? 7.072   -0.539  2.456   1.00 31.18  ? 77  ILE A CG2 1 
ATOM   405  C CD1 . ILE A 1 54  ? 8.108   2.386   2.660   1.00 28.94  ? 77  ILE A CD1 1 
ATOM   406  N N   . ALA A 1 55  ? 6.401   -2.373  -0.436  1.00 25.54  ? 78  ALA A N   1 
ATOM   407  C CA  . ALA A 1 55  ? 5.247   -3.269  -0.564  1.00 24.26  ? 78  ALA A CA  1 
ATOM   408  C C   . ALA A 1 55  ? 5.191   -4.133  0.688   1.00 25.28  ? 78  ALA A C   1 
ATOM   409  O O   . ALA A 1 55  ? 6.186   -4.759  1.060   1.00 20.96  ? 78  ALA A O   1 
ATOM   410  C CB  . ALA A 1 55  ? 5.346   -4.099  -1.805  1.00 24.05  ? 78  ALA A CB  1 
ATOM   411  N N   . LEU A 1 56  ? 4.078   -4.027  1.414   1.00 23.83  ? 79  LEU A N   1 
ATOM   412  C CA  . LEU A 1 56  ? 3.909   -4.793  2.622   1.00 27.19  ? 79  LEU A CA  1 
ATOM   413  C C   . LEU A 1 56  ? 2.837   -5.812  2.314   1.00 24.78  ? 79  LEU A C   1 
ATOM   414  O O   . LEU A 1 56  ? 1.838   -5.441  1.721   1.00 29.29  ? 79  LEU A O   1 
ATOM   415  C CB  . LEU A 1 56  ? 3.505   -3.960  3.838   1.00 24.80  ? 79  LEU A CB  1 
ATOM   416  C CG  . LEU A 1 56  ? 4.372   -2.727  4.100   1.00 22.15  ? 79  LEU A CG  1 
ATOM   417  C CD1 . LEU A 1 56  ? 3.899   -2.083  5.432   1.00 23.36  ? 79  LEU A CD1 1 
ATOM   418  C CD2 . LEU A 1 56  ? 5.884   -2.999  4.064   1.00 20.20  ? 79  LEU A CD2 1 
ATOM   419  N N   . ALA A 1 57  ? 3.012   -7.009  2.862   1.00 29.31  ? 80  ALA A N   1 
ATOM   420  C CA  . ALA A 1 57  ? 2.043   -8.094  2.711   1.00 32.85  ? 80  ALA A CA  1 
ATOM   421  C C   . ALA A 1 57  ? 1.810   -8.827  4.028   1.00 31.72  ? 80  ALA A C   1 
ATOM   422  O O   . ALA A 1 57  ? 2.704   -9.028  4.855   1.00 30.38  ? 80  ALA A O   1 
ATOM   423  C CB  . ALA A 1 57  ? 2.547   -9.076  1.704   1.00 30.58  ? 80  ALA A CB  1 
ATOM   424  N N   . ALA A 1 58  ? 0.572   -9.248  4.199   1.00 29.82  ? 81  ALA A N   1 
ATOM   425  C CA  . ALA A 1 58  ? 0.197   -10.111 5.308   1.00 31.77  ? 81  ALA A CA  1 
ATOM   426  C C   . ALA A 1 58  ? -0.116  -11.486 4.763   1.00 29.07  ? 81  ALA A C   1 
ATOM   427  O O   . ALA A 1 58  ? -0.875  -11.578 3.817   1.00 23.82  ? 81  ALA A O   1 
ATOM   428  C CB  . ALA A 1 58  ? -1.025  -9.531  5.955   1.00 31.95  ? 81  ALA A CB  1 
ATOM   429  N N   . PHE A 1 59  ? 0.418   -12.521 5.411   1.00 37.63  ? 82  PHE A N   1 
ATOM   430  C CA  . PHE A 1 59  ? 0.207   -13.888 4.971   1.00 41.53  ? 82  PHE A CA  1 
ATOM   431  C C   . PHE A 1 59  ? -0.513  -14.664 6.079   1.00 47.48  ? 82  PHE A C   1 
ATOM   432  O O   . PHE A 1 59  ? -0.061  -14.654 7.221   1.00 36.46  ? 82  PHE A O   1 
ATOM   433  C CB  . PHE A 1 59  ? 1.550   -14.542 4.661   1.00 40.57  ? 82  PHE A CB  1 
ATOM   434  C CG  . PHE A 1 59  ? 2.415   -13.880 3.596   1.00 45.33  ? 82  PHE A CG  1 
ATOM   435  C CD1 . PHE A 1 59  ? 3.273   -12.831 3.919   1.00 53.26  ? 82  PHE A CD1 1 
ATOM   436  C CD2 . PHE A 1 59  ? 2.411   -14.339 2.280   1.00 46.46  ? 82  PHE A CD2 1 
ATOM   437  C CE1 . PHE A 1 59  ? 4.106   -12.264 2.962   1.00 46.89  ? 82  PHE A CE1 1 
ATOM   438  C CE2 . PHE A 1 59  ? 3.218   -13.744 1.322   1.00 48.70  ? 82  PHE A CE2 1 
ATOM   439  C CZ  . PHE A 1 59  ? 4.069   -12.706 1.672   1.00 45.80  ? 82  PHE A CZ  1 
ATOM   440  N N   . ASP A 1 60  ? -1.671  -15.241 5.738   1.00 54.26  ? 83  ASP A N   1 
ATOM   441  C CA  . ASP A 1 60  ? -2.215  -16.410 6.406   1.00 57.98  ? 83  ASP A CA  1 
ATOM   442  C C   . ASP A 1 60  ? -1.516  -17.605 5.779   1.00 57.30  ? 83  ASP A C   1 
ATOM   443  O O   . ASP A 1 60  ? -1.860  -18.043 4.681   1.00 57.54  ? 83  ASP A O   1 
ATOM   444  C CB  . ASP A 1 60  ? -3.734  -16.460 6.269   1.00 68.64  ? 83  ASP A CB  1 
ATOM   445  C CG  . ASP A 1 60  ? -4.485  -17.547 7.037   1.00 71.70  ? 83  ASP A CG  1 
ATOM   446  O OD1 . ASP A 1 60  ? -3.824  -18.486 7.539   1.00 72.19  ? 83  ASP A OD1 1 
ATOM   447  O OD2 . ASP A 1 60  ? -5.736  -17.425 7.151   1.00 68.70  ? 83  ASP A OD2 1 
ATOM   448  N N   . GLN A 1 61  ? -0.484  -18.084 6.462   1.00 63.22  ? 84  GLN A N   1 
ATOM   449  C CA  . GLN A 1 61  ? 0.390   -19.102 5.907   1.00 73.22  ? 84  GLN A CA  1 
ATOM   450  C C   . GLN A 1 61  ? 0.830   -18.596 4.540   1.00 74.96  ? 84  GLN A C   1 
ATOM   451  O O   . GLN A 1 61  ? 1.469   -17.554 4.466   1.00 82.81  ? 84  GLN A O   1 
ATOM   452  C CB  . GLN A 1 61  ? -0.220  -20.508 5.927   1.00 61.03  ? 84  GLN A CB  1 
ATOM   453  N N   . GLU A 1 62  ? 0.428   -19.298 3.475   1.00 76.10  ? 85  GLU A N   1 
ATOM   454  C CA  . GLU A 1 62  ? 1.008   -19.126 2.152   1.00 64.86  ? 85  GLU A CA  1 
ATOM   455  C C   . GLU A 1 62  ? 0.295   -18.013 1.376   1.00 53.95  ? 85  GLU A C   1 
ATOM   456  O O   . GLU A 1 62  ? 0.942   -17.340 0.577   1.00 60.57  ? 85  GLU A O   1 
ATOM   457  C CB  . GLU A 1 62  ? 0.948   -20.450 1.381   1.00 67.72  ? 85  GLU A CB  1 
ATOM   458  C CG  . GLU A 1 62  ? -0.419  -20.750 0.757   1.00 75.06  ? 85  GLU A CG  1 
ATOM   459  C CD  . GLU A 1 62  ? -1.662  -20.788 1.656   1.00 76.42  ? 85  GLU A CD  1 
ATOM   460  O OE1 . GLU A 1 62  ? -2.767  -20.834 1.073   1.00 73.42  ? 85  GLU A OE1 1 
ATOM   461  O OE2 . GLU A 1 62  ? -1.569  -20.758 2.913   1.00 80.36  ? 85  GLU A OE2 1 
ATOM   462  N N   . ALA A 1 63  ? -1.035  -17.883 1.547   1.00 43.30  ? 86  ALA A N   1 
ATOM   463  C CA  . ALA A 1 63  ? -1.830  -16.902 0.833   1.00 40.12  ? 86  ALA A CA  1 
ATOM   464  C C   . ALA A 1 63  ? -1.488  -15.513 1.360   1.00 42.09  ? 86  ALA A C   1 
ATOM   465  O O   . ALA A 1 63  ? -1.270  -15.358 2.562   1.00 41.68  ? 86  ALA A O   1 
ATOM   466  C CB  . ALA A 1 63  ? -3.320  -17.107 1.006   1.00 38.83  ? 86  ALA A CB  1 
ATOM   467  N N   . VAL A 1 64  ? -1.577  -14.527 0.462   1.00 35.52  ? 87  VAL A N   1 
ATOM   468  C CA  . VAL A 1 64  ? -1.524  -13.127 0.820   1.00 35.54  ? 87  VAL A CA  1 
ATOM   469  C C   . VAL A 1 64  ? -2.912  -12.666 1.248   1.00 31.33  ? 87  VAL A C   1 
ATOM   470  O O   . VAL A 1 64  ? -3.799  -12.570 0.430   1.00 34.02  ? 87  VAL A O   1 
ATOM   471  C CB  . VAL A 1 64  ? -0.965  -12.286 -0.341  1.00 31.72  ? 87  VAL A CB  1 
ATOM   472  C CG1 . VAL A 1 64  ? -1.226  -10.811 -0.087  1.00 31.97  ? 87  VAL A CG1 1 
ATOM   473  C CG2 . VAL A 1 64  ? 0.525   -12.524 -0.543  1.00 31.87  ? 87  VAL A CG2 1 
ATOM   474  N N   . VAL A 1 65  ? -3.118  -12.313 2.518   1.00 31.86  ? 88  VAL A N   1 
ATOM   475  C CA  . VAL A 1 65  ? -4.457  -11.882 2.912   1.00 34.73  ? 88  VAL A CA  1 
ATOM   476  C C   . VAL A 1 65  ? -4.514  -10.385 3.200   1.00 34.77  ? 88  VAL A C   1 
ATOM   477  O O   . VAL A 1 65  ? -5.606  -9.829  3.329   1.00 46.06  ? 88  VAL A O   1 
ATOM   478  C CB  . VAL A 1 65  ? -5.013  -12.716 4.085   1.00 41.37  ? 88  VAL A CB  1 
ATOM   479  C CG1 . VAL A 1 65  ? -5.132  -14.178 3.664   1.00 37.73  ? 88  VAL A CG1 1 
ATOM   480  C CG2 . VAL A 1 65  ? -4.192  -12.577 5.357   1.00 37.74  ? 88  VAL A CG2 1 
ATOM   481  N N   . GLY A 1 66  ? -3.368  -9.706  3.197   1.00 34.60  ? 89  GLY A N   1 
ATOM   482  C CA  . GLY A 1 66  ? -3.382  -8.245  3.221   1.00 35.49  ? 89  GLY A CA  1 
ATOM   483  C C   . GLY A 1 66  ? -2.181  -7.677  2.470   1.00 32.27  ? 89  GLY A C   1 
ATOM   484  O O   . GLY A 1 66  ? -1.125  -8.294  2.499   1.00 28.41  ? 89  GLY A O   1 
ATOM   485  N N   . ALA A 1 67  ? -2.360  -6.540  1.788   1.00 29.93  ? 90  ALA A N   1 
ATOM   486  C CA  . ALA A 1 67  ? -1.219  -5.818  1.232   1.00 30.63  ? 90  ALA A CA  1 
ATOM   487  C C   . ALA A 1 67  ? -1.354  -4.292  1.319   1.00 27.73  ? 90  ALA A C   1 
ATOM   488  O O   . ALA A 1 67  ? -2.450  -3.737  1.449   1.00 28.34  ? 90  ALA A O   1 
ATOM   489  C CB  . ALA A 1 67  ? -0.973  -6.257  -0.207  1.00 29.93  ? 90  ALA A CB  1 
ATOM   490  N N   . LEU A 1 68  ? -0.199  -3.626  1.164   1.00 24.07  ? 91  LEU A N   1 
ATOM   491  C CA  . LEU A 1 68  ? -0.081  -2.182  1.314   1.00 22.46  ? 91  LEU A CA  1 
ATOM   492  C C   . LEU A 1 68  ? 1.067   -1.754  0.420   1.00 24.33  ? 91  LEU A C   1 
ATOM   493  O O   . LEU A 1 68  ? 2.178   -2.334  0.475   1.00 19.47  ? 91  LEU A O   1 
ATOM   494  C CB  . LEU A 1 68  ? 0.175   -1.847  2.777   1.00 25.16  ? 91  LEU A CB  1 
ATOM   495  C CG  . LEU A 1 68  ? 0.031   -0.380  3.199   1.00 28.11  ? 91  LEU A CG  1 
ATOM   496  C CD1 . LEU A 1 68  ? 0.029   -0.105  4.741   1.00 29.76  ? 91  LEU A CD1 1 
ATOM   497  C CD2 . LEU A 1 68  ? 1.196   0.316   2.563   1.00 27.38  ? 91  LEU A CD2 1 
ATOM   498  N N   . ALA A 1 69  ? 0.758   -0.756  -0.409  1.00 23.87  ? 92  ALA A N   1 
ATOM   499  C CA  . ALA A 1 69  ? 1.698   -0.213  -1.384  1.00 26.38  ? 92  ALA A CA  1 
ATOM   500  C C   . ALA A 1 69  ? 1.884   1.267   -1.095  1.00 25.01  ? 92  ALA A C   1 
ATOM   501  O O   . ALA A 1 69  ? 0.918   2.000   -1.211  1.00 27.32  ? 92  ALA A O   1 
ATOM   502  C CB  . ALA A 1 69  ? 1.166   -0.418  -2.790  1.00 23.63  ? 92  ALA A CB  1 
ATOM   503  N N   . ALA A 1 70  ? 3.107   1.653   -0.712  1.00 25.20  ? 93  ALA A N   1 
ATOM   504  C CA  . ALA A 1 70  ? 3.433   3.022   -0.383  1.00 24.48  ? 93  ALA A CA  1 
ATOM   505  C C   . ALA A 1 70  ? 4.648   3.519   -1.159  1.00 26.77  ? 93  ALA A C   1 
ATOM   506  O O   . ALA A 1 70  ? 5.408   2.739   -1.709  1.00 25.93  ? 93  ALA A O   1 
ATOM   507  C CB  . ALA A 1 70  ? 3.721   3.118   1.108   1.00 25.87  ? 93  ALA A CB  1 
ATOM   508  N N   . TYR A 1 71  ? 4.813   4.850   -1.164  1.00 25.72  ? 94  TYR A N   1 
ATOM   509  C CA  . TYR A 1 71  ? 5.924   5.485   -1.822  1.00 26.05  ? 94  TYR A CA  1 
ATOM   510  C C   . TYR A 1 71  ? 6.582   6.378   -0.788  1.00 28.45  ? 94  TYR A C   1 
ATOM   511  O O   . TYR A 1 71  ? 5.875   6.911   0.048   1.00 30.36  ? 94  TYR A O   1 
ATOM   512  C CB  . TYR A 1 71  ? 5.393   6.309   -2.996  1.00 24.09  ? 94  TYR A CB  1 
ATOM   513  C CG  . TYR A 1 71  ? 4.887   5.472   -4.150  1.00 25.19  ? 94  TYR A CG  1 
ATOM   514  C CD1 . TYR A 1 71  ? 5.743   4.956   -5.105  1.00 25.67  ? 94  TYR A CD1 1 
ATOM   515  C CD2 . TYR A 1 71  ? 3.542   5.295   -4.354  1.00 27.18  ? 94  TYR A CD2 1 
ATOM   516  C CE1 . TYR A 1 71  ? 5.279   4.202   -6.173  1.00 27.87  ? 94  TYR A CE1 1 
ATOM   517  C CE2 . TYR A 1 71  ? 3.069   4.516   -5.387  1.00 29.46  ? 94  TYR A CE2 1 
ATOM   518  C CZ  . TYR A 1 71  ? 3.917   3.998   -6.339  1.00 33.78  ? 94  TYR A CZ  1 
ATOM   519  O OH  . TYR A 1 71  ? 3.361   3.216   -7.359  1.00 31.62  ? 94  TYR A OH  1 
ATOM   520  N N   . VAL A 1 72  ? 7.899   6.512   -0.839  1.00 28.76  ? 95  VAL A N   1 
ATOM   521  C CA  . VAL A 1 72  ? 8.640   7.356   0.078   1.00 28.57  ? 95  VAL A CA  1 
ATOM   522  C C   . VAL A 1 72  ? 8.935   8.613   -0.727  1.00 34.61  ? 95  VAL A C   1 
ATOM   523  O O   . VAL A 1 72  ? 9.450   8.539   -1.849  1.00 32.54  ? 95  VAL A O   1 
ATOM   524  C CB  . VAL A 1 72  ? 9.952   6.704   0.568   1.00 29.10  ? 95  VAL A CB  1 
ATOM   525  C CG1 . VAL A 1 72  ? 10.659  7.521   1.637   1.00 28.38  ? 95  VAL A CG1 1 
ATOM   526  C CG2 . VAL A 1 72  ? 9.761   5.267   1.071   1.00 28.69  ? 95  VAL A CG2 1 
ATOM   527  N N   . LEU A 1 73  ? 8.591   9.747   -0.143  1.00 29.98  ? 96  LEU A N   1 
ATOM   528  C CA  . LEU A 1 73  ? 8.871   11.047  -0.712  1.00 30.43  ? 96  LEU A CA  1 
ATOM   529  C C   . LEU A 1 73  ? 9.974   11.706  0.101   1.00 28.84  ? 96  LEU A C   1 
ATOM   530  O O   . LEU A 1 73  ? 9.711   12.204  1.201   1.00 31.19  ? 96  LEU A O   1 
ATOM   531  C CB  . LEU A 1 73  ? 7.567   11.831  -0.703  1.00 34.31  ? 96  LEU A CB  1 
ATOM   532  C CG  . LEU A 1 73  ? 6.660   11.577  -1.908  1.00 37.77  ? 96  LEU A CG  1 
ATOM   533  C CD1 . LEU A 1 73  ? 6.553   10.158  -2.389  1.00 35.53  ? 96  LEU A CD1 1 
ATOM   534  C CD2 . LEU A 1 73  ? 5.270   12.161  -1.645  1.00 36.93  ? 96  LEU A CD2 1 
ATOM   535  N N   . PRO A 1 74  ? 11.239  11.618  -0.380  1.00 27.95  ? 97  PRO A N   1 
ATOM   536  C CA  . PRO A 1 74  ? 12.346  12.417  0.135   1.00 30.07  ? 97  PRO A CA  1 
ATOM   537  C C   . PRO A 1 74  ? 12.014  13.843  -0.247  1.00 23.66  ? 97  PRO A C   1 
ATOM   538  O O   . PRO A 1 74  ? 11.850  14.103  -1.429  1.00 23.05  ? 97  PRO A O   1 
ATOM   539  C CB  . PRO A 1 74  ? 13.608  11.914  -0.596  1.00 37.69  ? 97  PRO A CB  1 
ATOM   540  C CG  . PRO A 1 74  ? 13.167  10.635  -1.254  1.00 36.82  ? 97  PRO A CG  1 
ATOM   541  C CD  . PRO A 1 74  ? 11.685  10.810  -1.514  1.00 30.58  ? 97  PRO A CD  1 
ATOM   542  N N   . LYS A 1 75  ? 11.861  14.718  0.754   1.00 25.18  ? 98  LYS A N   1 
ATOM   543  C CA  . LYS A 1 75  ? 11.422  16.099  0.550   1.00 26.84  ? 98  LYS A CA  1 
ATOM   544  C C   . LYS A 1 75  ? 12.566  17.026  0.113   1.00 30.63  ? 98  LYS A C   1 
ATOM   545  O O   . LYS A 1 75  ? 13.738  16.721  0.220   1.00 28.92  ? 98  LYS A O   1 
ATOM   546  C CB  . LYS A 1 75  ? 10.776  16.614  1.837   1.00 27.88  ? 98  LYS A CB  1 
ATOM   547  C CG  . LYS A 1 75  ? 9.571   15.794  2.312   1.00 33.21  ? 98  LYS A CG  1 
ATOM   548  C CD  . LYS A 1 75  ? 8.503   15.632  1.246   1.00 32.91  ? 98  LYS A CD  1 
ATOM   549  C CE  . LYS A 1 75  ? 8.037   16.906  0.657   1.00 33.24  ? 98  LYS A CE  1 
ATOM   550  N NZ  . LYS A 1 75  ? 7.316   17.748  1.614   1.00 32.42  ? 98  LYS A NZ  1 
ATOM   551  N N   . PHE A 1 76  ? 12.218  18.185  -0.448  1.00 30.92  ? 99  PHE A N   1 
ATOM   552  C CA  . PHE A 1 76  ? 13.222  19.028  -1.057  1.00 31.80  ? 99  PHE A CA  1 
ATOM   553  C C   . PHE A 1 76  ? 13.498  20.232  -0.157  1.00 31.20  ? 99  PHE A C   1 
ATOM   554  O O   . PHE A 1 76  ? 14.563  20.811  -0.246  1.00 30.07  ? 99  PHE A O   1 
ATOM   555  C CB  . PHE A 1 76  ? 12.778  19.350  -2.496  1.00 37.11  ? 99  PHE A CB  1 
ATOM   556  C CG  . PHE A 1 76  ? 11.280  19.544  -2.566  1.00 33.83  ? 99  PHE A CG  1 
ATOM   557  C CD1 . PHE A 1 76  ? 10.437  18.434  -2.639  1.00 31.80  ? 99  PHE A CD1 1 
ATOM   558  C CD2 . PHE A 1 76  ? 10.717  20.792  -2.412  1.00 29.74  ? 99  PHE A CD2 1 
ATOM   559  C CE1 . PHE A 1 76  ? 9.071   18.600  -2.629  1.00 28.95  ? 99  PHE A CE1 1 
ATOM   560  C CE2 . PHE A 1 76  ? 9.344   20.945  -2.437  1.00 31.67  ? 99  PHE A CE2 1 
ATOM   561  C CZ  . PHE A 1 76  ? 8.534   19.838  -2.507  1.00 26.00  ? 99  PHE A CZ  1 
ATOM   562  N N   . GLU A 1 77  ? 12.556  20.609  0.723   1.00 30.51  ? 100 GLU A N   1 
ATOM   563  C CA  . GLU A 1 77  ? 12.724  21.803  1.538   1.00 34.02  ? 100 GLU A CA  1 
ATOM   564  C C   . GLU A 1 77  ? 13.730  21.567  2.670   1.00 33.81  ? 100 GLU A C   1 
ATOM   565  O O   . GLU A 1 77  ? 14.329  22.497  3.204   1.00 29.61  ? 100 GLU A O   1 
ATOM   566  C CB  . GLU A 1 77  ? 11.383  22.227  2.129   1.00 31.98  ? 100 GLU A CB  1 
ATOM   567  C CG  . GLU A 1 77  ? 10.734  21.177  3.029   1.00 33.76  ? 100 GLU A CG  1 
ATOM   568  C CD  . GLU A 1 77  ? 10.001  20.043  2.328   1.00 34.07  ? 100 GLU A CD  1 
ATOM   569  O OE1 . GLU A 1 77  ? 9.852   19.991  1.087   1.00 32.83  ? 100 GLU A OE1 1 
ATOM   570  O OE2 . GLU A 1 77  ? 9.547   19.216  3.106   1.00 32.39  ? 100 GLU A OE2 1 
ATOM   571  N N   . GLN A 1 78  ? 13.823  20.305  3.067   1.00 32.04  ? 101 GLN A N   1 
ATOM   572  C CA  . GLN A 1 78  ? 14.590  19.858  4.215   1.00 30.58  ? 101 GLN A CA  1 
ATOM   573  C C   . GLN A 1 78  ? 14.881  18.397  3.968   1.00 25.94  ? 101 GLN A C   1 
ATOM   574  O O   . GLN A 1 78  ? 14.156  17.751  3.211   1.00 27.36  ? 101 GLN A O   1 
ATOM   575  C CB  . GLN A 1 78  ? 13.756  19.904  5.501   1.00 33.20  ? 101 GLN A CB  1 
ATOM   576  C CG  . GLN A 1 78  ? 13.502  21.318  6.029   1.00 38.11  ? 101 GLN A CG  1 
ATOM   577  C CD  . GLN A 1 78  ? 12.555  21.354  7.209   1.00 38.94  ? 101 GLN A CD  1 
ATOM   578  O OE1 . GLN A 1 78  ? 12.591  20.504  8.101   1.00 38.41  ? 101 GLN A OE1 1 
ATOM   579  N NE2 . GLN A 1 78  ? 11.645  22.307  7.209   1.00 40.01  ? 101 GLN A NE2 1 
ATOM   580  N N   . ALA A 1 79  ? 15.867  17.897  4.694   1.00 31.58  ? 102 ALA A N   1 
ATOM   581  C CA  . ALA A 1 79  ? 16.319  16.542  4.597   1.00 36.06  ? 102 ALA A CA  1 
ATOM   582  C C   . ALA A 1 79  ? 15.399  15.710  5.488   1.00 36.25  ? 102 ALA A C   1 
ATOM   583  O O   . ALA A 1 79  ? 15.711  15.419  6.625   1.00 34.14  ? 102 ALA A O   1 
ATOM   584  C CB  . ALA A 1 79  ? 17.782  16.470  4.989   1.00 37.00  ? 102 ALA A CB  1 
ATOM   585  N N   . ARG A 1 80  ? 14.222  15.384  4.966   1.00 41.35  ? 103 ARG A N   1 
ATOM   586  C CA  . ARG A 1 80  ? 13.236  14.626  5.718   1.00 36.58  ? 103 ARG A CA  1 
ATOM   587  C C   . ARG A 1 80  ? 12.380  13.924  4.676   1.00 32.66  ? 103 ARG A C   1 
ATOM   588  O O   . ARG A 1 80  ? 12.402  14.305  3.532   1.00 30.69  ? 103 ARG A O   1 
ATOM   589  C CB  . ARG A 1 80  ? 12.439  15.603  6.583   1.00 37.41  ? 103 ARG A CB  1 
ATOM   590  C CG  . ARG A 1 80  ? 11.585  16.542  5.738   1.00 39.49  ? 103 ARG A CG  1 
ATOM   591  C CD  . ARG A 1 80  ? 10.968  17.615  6.600   1.00 38.23  ? 103 ARG A CD  1 
ATOM   592  N NE  . ARG A 1 80  ? 10.016  18.426  5.839   1.00 43.21  ? 103 ARG A NE  1 
ATOM   593  C CZ  . ARG A 1 80  ? 9.128   19.197  6.424   1.00 44.38  ? 103 ARG A CZ  1 
ATOM   594  N NH1 . ARG A 1 80  ? 8.167   19.787  5.736   1.00 41.43  ? 103 ARG A NH1 1 
ATOM   595  N NH2 . ARG A 1 80  ? 9.156   19.330  7.730   1.00 45.92  ? 103 ARG A NH2 1 
ATOM   596  N N   . SER A 1 81  ? 11.677  12.891  5.090   1.00 28.55  ? 104 SER A N   1 
ATOM   597  C CA  . SER A 1 81  ? 10.926  11.993  4.248   1.00 33.81  ? 104 SER A CA  1 
ATOM   598  C C   . SER A 1 81  ? 9.469   12.011  4.683   1.00 34.87  ? 104 SER A C   1 
ATOM   599  O O   . SER A 1 81  ? 9.217   12.094  5.885   1.00 24.85  ? 104 SER A O   1 
ATOM   600  C CB  . SER A 1 81  ? 11.468  10.624  4.411   1.00 38.17  ? 104 SER A CB  1 
ATOM   601  O OG  . SER A 1 81  ? 12.579  10.497  3.551   1.00 44.93  ? 104 SER A OG  1 
ATOM   602  N N   . GLU A 1 82  ? 8.565   11.831  3.719   1.00 25.13  ? 105 GLU A N   1 
ATOM   603  C CA  . GLU A 1 82  ? 7.186   11.500  4.035   1.00 27.55  ? 105 GLU A CA  1 
ATOM   604  C C   . GLU A 1 82  ? 6.838   10.211  3.299   1.00 31.40  ? 105 GLU A C   1 
ATOM   605  O O   . GLU A 1 82  ? 7.352   10.027  2.198   1.00 26.81  ? 105 GLU A O   1 
ATOM   606  C CB  . GLU A 1 82  ? 6.271   12.623  3.551   1.00 23.78  ? 105 GLU A CB  1 
ATOM   607  C CG  . GLU A 1 82  ? 6.716   13.987  4.056   1.00 28.16  ? 105 GLU A CG  1 
ATOM   608  C CD  . GLU A 1 82  ? 5.970   15.151  3.424   1.00 30.62  ? 105 GLU A CD  1 
ATOM   609  O OE1 . GLU A 1 82  ? 5.102   14.929  2.557   1.00 31.35  ? 105 GLU A OE1 1 
ATOM   610  O OE2 . GLU A 1 82  ? 6.309   16.295  3.805   1.00 27.59  ? 105 GLU A OE2 1 
ATOM   611  N N   . ILE A 1 83  ? 5.896   9.429   3.842   1.00 29.05  ? 106 ILE A N   1 
ATOM   612  C CA  . ILE A 1 83  ? 5.419   8.202   3.215   1.00 28.88  ? 106 ILE A CA  1 
ATOM   613  C C   . ILE A 1 83  ? 3.933   8.331   2.858   1.00 28.38  ? 106 ILE A C   1 
ATOM   614  O O   . ILE A 1 83  ? 3.130   8.817   3.661   1.00 31.13  ? 106 ILE A O   1 
ATOM   615  C CB  . ILE A 1 83  ? 5.713   6.960   4.083   1.00 28.79  ? 106 ILE A CB  1 
ATOM   616  C CG1 . ILE A 1 83  ? 7.217   6.796   4.180   1.00 31.50  ? 106 ILE A CG1 1 
ATOM   617  C CG2 . ILE A 1 83  ? 5.018   5.695   3.521   1.00 23.03  ? 106 ILE A CG2 1 
ATOM   618  C CD1 . ILE A 1 83  ? 7.682   5.739   5.166   1.00 31.36  ? 106 ILE A CD1 1 
ATOM   619  N N   . TYR A 1 84  ? 3.614   7.911   1.626   1.00 28.48  ? 107 TYR A N   1 
ATOM   620  C CA  . TYR A 1 84  ? 2.321   8.052   0.982   1.00 31.65  ? 107 TYR A CA  1 
ATOM   621  C C   . TYR A 1 84  ? 1.809   6.638   0.720   1.00 30.26  ? 107 TYR A C   1 
ATOM   622  O O   . TYR A 1 84  ? 2.361   5.947   -0.129  1.00 26.94  ? 107 TYR A O   1 
ATOM   623  C CB  . TYR A 1 84  ? 2.334   8.861   -0.327  1.00 33.28  ? 107 TYR A CB  1 
ATOM   624  C CG  . TYR A 1 84  ? 1.004   8.981   -1.082  1.00 38.20  ? 107 TYR A CG  1 
ATOM   625  C CD1 . TYR A 1 84  ? -0.209  9.037   -0.414  1.00 53.14  ? 107 TYR A CD1 1 
ATOM   626  C CD2 . TYR A 1 84  ? 0.937   9.036   -2.470  1.00 46.84  ? 107 TYR A CD2 1 
ATOM   627  C CE1 . TYR A 1 84  ? -1.425  9.124   -1.089  1.00 62.11  ? 107 TYR A CE1 1 
ATOM   628  C CE2 . TYR A 1 84  ? -0.265  9.117   -3.162  1.00 51.88  ? 107 TYR A CE2 1 
ATOM   629  C CZ  . TYR A 1 84  ? -1.464  9.151   -2.475  1.00 63.14  ? 107 TYR A CZ  1 
ATOM   630  O OH  . TYR A 1 84  ? -2.677  9.243   -3.126  1.00 56.11  ? 107 TYR A OH  1 
ATOM   631  N N   . ILE A 1 85  ? 0.837   6.188   1.535   1.00 31.70  ? 108 ILE A N   1 
ATOM   632  C CA  . ILE A 1 85  ? 0.101   4.952   1.294   1.00 25.82  ? 108 ILE A CA  1 
ATOM   633  C C   . ILE A 1 85  ? -0.687  5.140   0.009   1.00 31.30  ? 108 ILE A C   1 
ATOM   634  O O   . ILE A 1 85  ? -1.500  6.067   -0.101  1.00 27.01  ? 108 ILE A O   1 
ATOM   635  C CB  . ILE A 1 85  ? -0.853  4.560   2.434   1.00 27.96  ? 108 ILE A CB  1 
ATOM   636  C CG1 . ILE A 1 85  ? -0.093  4.257   3.713   1.00 30.23  ? 108 ILE A CG1 1 
ATOM   637  C CG2 . ILE A 1 85  ? -1.724  3.371   2.023   1.00 28.26  ? 108 ILE A CG2 1 
ATOM   638  C CD1 . ILE A 1 85  ? -0.965  4.065   4.917   1.00 28.94  ? 108 ILE A CD1 1 
ATOM   639  N N   . TYR A 1 86  ? -0.433  4.292   -0.989  1.00 27.74  ? 109 TYR A N   1 
ATOM   640  C CA  . TYR A 1 86  ? -1.225  4.473   -2.191  1.00 27.01  ? 109 TYR A CA  1 
ATOM   641  C C   . TYR A 1 86  ? -2.460  3.576   -2.106  1.00 29.28  ? 109 TYR A C   1 
ATOM   642  O O   . TYR A 1 86  ? -3.591  4.045   -2.240  1.00 32.97  ? 109 TYR A O   1 
ATOM   643  C CB  . TYR A 1 86  ? -0.384  4.179   -3.424  1.00 30.01  ? 109 TYR A CB  1 
ATOM   644  C CG  . TYR A 1 86  ? -1.021  4.674   -4.707  1.00 26.96  ? 109 TYR A CG  1 
ATOM   645  C CD1 . TYR A 1 86  ? -2.125  4.033   -5.263  1.00 24.26  ? 109 TYR A CD1 1 
ATOM   646  C CD2 . TYR A 1 86  ? -0.570  5.845   -5.281  1.00 26.46  ? 109 TYR A CD2 1 
ATOM   647  C CE1 . TYR A 1 86  ? -2.711  4.488   -6.425  1.00 24.87  ? 109 TYR A CE1 1 
ATOM   648  C CE2 . TYR A 1 86  ? -1.128  6.303   -6.465  1.00 30.23  ? 109 TYR A CE2 1 
ATOM   649  C CZ  . TYR A 1 86  ? -2.234  5.657   -7.003  1.00 28.93  ? 109 TYR A CZ  1 
ATOM   650  O OH  . TYR A 1 86  ? -2.738  6.137   -8.185  1.00 31.02  ? 109 TYR A OH  1 
ATOM   651  N N   . ASP A 1 87  ? -2.237  2.284   -1.832  1.00 32.26  ? 110 ASP A N   1 
ATOM   652  C CA  . ASP A 1 87  ? -3.315  1.308   -1.794  1.00 33.79  ? 110 ASP A CA  1 
ATOM   653  C C   . ASP A 1 87  ? -3.121  0.373   -0.602  1.00 32.14  ? 110 ASP A C   1 
ATOM   654  O O   . ASP A 1 87  ? -1.985  0.037   -0.238  1.00 33.85  ? 110 ASP A O   1 
ATOM   655  C CB  . ASP A 1 87  ? -3.357  0.432   -3.047  1.00 37.58  ? 110 ASP A CB  1 
ATOM   656  C CG  . ASP A 1 87  ? -4.061  0.922   -4.311  1.00 47.25  ? 110 ASP A CG  1 
ATOM   657  O OD1 . ASP A 1 87  ? -4.868  1.876   -4.212  1.00 44.50  ? 110 ASP A OD1 1 
ATOM   658  O OD2 . ASP A 1 87  ? -3.794  0.317   -5.413  1.00 41.68  ? 110 ASP A OD2 1 
ATOM   659  N N   . LEU A 1 88  ? -4.256  -0.112  -0.069  1.00 33.78  ? 111 LEU A N   1 
ATOM   660  C CA  . LEU A 1 88  ? -4.316  -0.909  1.137   1.00 30.98  ? 111 LEU A CA  1 
ATOM   661  C C   . LEU A 1 88  ? -5.540  -1.808  1.026   1.00 34.17  ? 111 LEU A C   1 
ATOM   662  O O   . LEU A 1 88  ? -6.582  -1.322  0.655   1.00 31.55  ? 111 LEU A O   1 
ATOM   663  C CB  . LEU A 1 88  ? -4.410  0.063   2.301   1.00 38.01  ? 111 LEU A CB  1 
ATOM   664  C CG  . LEU A 1 88  ? -4.669  -0.562  3.673   1.00 39.96  ? 111 LEU A CG  1 
ATOM   665  C CD1 . LEU A 1 88  ? -3.705  -1.687  3.939   1.00 37.51  ? 111 LEU A CD1 1 
ATOM   666  C CD2 . LEU A 1 88  ? -4.541  0.514   4.746   1.00 44.84  ? 111 LEU A CD2 1 
ATOM   667  N N   . ALA A 1 89  ? -5.393  -3.124  1.175   1.00 37.66  ? 112 ALA A N   1 
ATOM   668  C CA  . ALA A 1 89  ? -6.559  -3.999  1.092   1.00 45.13  ? 112 ALA A CA  1 
ATOM   669  C C   . ALA A 1 89  ? -6.343  -5.238  1.955   1.00 37.17  ? 112 ALA A C   1 
ATOM   670  O O   . ALA A 1 89  ? -5.224  -5.699  2.095   1.00 38.48  ? 112 ALA A O   1 
ATOM   671  C CB  . ALA A 1 89  ? -6.889  -4.388  -0.340  1.00 43.91  ? 112 ALA A CB  1 
ATOM   672  N N   . VAL A 1 90  ? -7.428  -5.669  2.585   1.00 32.66  ? 113 VAL A N   1 
ATOM   673  C CA  . VAL A 1 90  ? -7.485  -6.916  3.311   1.00 34.12  ? 113 VAL A CA  1 
ATOM   674  C C   . VAL A 1 90  ? -8.560  -7.758  2.667   1.00 33.23  ? 113 VAL A C   1 
ATOM   675  O O   . VAL A 1 90  ? -9.592  -7.251  2.204   1.00 36.53  ? 113 VAL A O   1 
ATOM   676  C CB  . VAL A 1 90  ? -7.747  -6.620  4.797   1.00 34.98  ? 113 VAL A CB  1 
ATOM   677  C CG1 . VAL A 1 90  ? -8.121  -7.869  5.600   1.00 39.79  ? 113 VAL A CG1 1 
ATOM   678  C CG2 . VAL A 1 90  ? -6.506  -5.967  5.408   1.00 33.47  ? 113 VAL A CG2 1 
ATOM   679  N N   . SER A 1 91  ? -8.219  -9.028  2.560   1.00 35.93  ? 114 SER A N   1 
ATOM   680  C CA  . SER A 1 91  ? -9.130  -10.039 2.103   1.00 39.03  ? 114 SER A CA  1 
ATOM   681  C C   . SER A 1 91  ? -10.457 -9.903  2.842   1.00 49.80  ? 114 SER A C   1 
ATOM   682  O O   . SER A 1 91  ? -10.457 -9.874  4.079   1.00 43.75  ? 114 SER A O   1 
ATOM   683  C CB  . SER A 1 91  ? -8.510  -11.347 2.390   1.00 42.68  ? 114 SER A CB  1 
ATOM   684  O OG  . SER A 1 91  ? -9.506  -12.346 2.452   1.00 57.16  ? 114 SER A OG  1 
ATOM   685  N N   . GLY A 1 92  ? -11.563 -9.867  2.081   1.00 45.30  ? 115 GLY A N   1 
ATOM   686  C CA  . GLY A 1 92  ? -12.901 -9.884  2.653   1.00 49.04  ? 115 GLY A CA  1 
ATOM   687  C C   . GLY A 1 92  ? -13.090 -10.954 3.734   1.00 46.49  ? 115 GLY A C   1 
ATOM   688  O O   . GLY A 1 92  ? -13.713 -10.682 4.745   1.00 57.69  ? 115 GLY A O   1 
ATOM   689  N N   . GLU A 1 93  ? -12.520 -12.148 3.536   1.00 44.66  ? 116 GLU A N   1 
ATOM   690  C CA  . GLU A 1 93  ? -12.655 -13.250 4.477   1.00 52.41  ? 116 GLU A CA  1 
ATOM   691  C C   . GLU A 1 93  ? -11.769 -13.090 5.718   1.00 51.33  ? 116 GLU A C   1 
ATOM   692  O O   . GLU A 1 93  ? -11.597 -14.062 6.446   1.00 51.87  ? 116 GLU A O   1 
ATOM   693  C CB  . GLU A 1 93  ? -12.280 -14.569 3.789   1.00 45.95  ? 116 GLU A CB  1 
ATOM   694  N N   . HIS A 1 94  ? -11.184 -11.904 5.966   1.00 48.42  ? 117 HIS A N   1 
ATOM   695  C CA  . HIS A 1 94  ? -10.157 -11.760 6.989   1.00 41.69  ? 117 HIS A CA  1 
ATOM   696  C C   . HIS A 1 94  ? -10.206 -10.377 7.630   1.00 39.23  ? 117 HIS A C   1 
ATOM   697  O O   . HIS A 1 94  ? -9.249  -9.965  8.289   1.00 43.49  ? 117 HIS A O   1 
ATOM   698  C CB  . HIS A 1 94  ? -8.749  -11.958 6.408   1.00 48.88  ? 117 HIS A CB  1 
ATOM   699  C CG  . HIS A 1 94  ? -8.359  -13.370 6.165   1.00 44.91  ? 117 HIS A CG  1 
ATOM   700  N ND1 . HIS A 1 94  ? -8.694  -14.033 5.005   1.00 41.95  ? 117 HIS A ND1 1 
ATOM   701  C CD2 . HIS A 1 94  ? -7.635  -14.223 6.898   1.00 49.67  ? 117 HIS A CD2 1 
ATOM   702  C CE1 . HIS A 1 94  ? -8.186  -15.260 5.061   1.00 46.10  ? 117 HIS A CE1 1 
ATOM   703  N NE2 . HIS A 1 94  ? -7.541  -15.404 6.201   1.00 48.32  ? 117 HIS A NE2 1 
ATOM   704  N N   . ARG A 1 95  ? -11.347 -9.704  7.488   1.00 40.42  ? 118 ARG A N   1 
ATOM   705  C CA  . ARG A 1 95  ? -11.510 -8.344  7.962   1.00 48.03  ? 118 ARG A CA  1 
ATOM   706  C C   . ARG A 1 95  ? -11.747 -8.290  9.468   1.00 51.16  ? 118 ARG A C   1 
ATOM   707  O O   . ARG A 1 95  ? -11.999 -9.301  10.142  1.00 48.91  ? 118 ARG A O   1 
ATOM   708  C CB  . ARG A 1 95  ? -12.622 -7.638  7.172   1.00 52.59  ? 118 ARG A CB  1 
ATOM   709  C CG  . ARG A 1 95  ? -11.993 -6.973  5.963   1.00 55.17  ? 118 ARG A CG  1 
ATOM   710  C CD  . ARG A 1 95  ? -12.989 -6.409  5.016   1.00 55.75  ? 118 ARG A CD  1 
ATOM   711  N NE  . ARG A 1 95  ? -12.284 -6.327  3.738   1.00 53.68  ? 118 ARG A NE  1 
ATOM   712  C CZ  . ARG A 1 95  ? -12.854 -5.872  2.652   1.00 63.62  ? 118 ARG A CZ  1 
ATOM   713  N NH1 . ARG A 1 95  ? -14.008 -5.234  2.774   1.00 60.79  ? 118 ARG A NH1 1 
ATOM   714  N NH2 . ARG A 1 95  ? -12.275 -6.043  1.467   1.00 66.10  ? 118 ARG A NH2 1 
ATOM   715  N N   . ARG A 1 96  ? -11.638 -7.053  9.966   1.00 44.45  ? 119 ARG A N   1 
ATOM   716  C CA  . ARG A 1 96  ? -11.896 -6.743  11.348  1.00 43.62  ? 119 ARG A CA  1 
ATOM   717  C C   . ARG A 1 96  ? -11.066 -7.671  12.213  1.00 45.20  ? 119 ARG A C   1 
ATOM   718  O O   . ARG A 1 96  ? -11.500 -7.997  13.322  1.00 43.86  ? 119 ARG A O   1 
ATOM   719  C CB  . ARG A 1 96  ? -13.380 -6.869  11.743  1.00 56.36  ? 119 ARG A CB  1 
ATOM   720  C CG  . ARG A 1 96  ? -14.399 -5.970  11.058  1.00 54.88  ? 119 ARG A CG  1 
ATOM   721  C CD  . ARG A 1 96  ? -14.076 -4.485  11.145  1.00 58.73  ? 119 ARG A CD  1 
ATOM   722  N NE  . ARG A 1 96  ? -14.340 -3.874  12.454  1.00 65.11  ? 119 ARG A NE  1 
ATOM   723  C CZ  . ARG A 1 96  ? -15.390 -3.092  12.712  1.00 51.91  ? 119 ARG A CZ  1 
ATOM   724  N NH1 . ARG A 1 96  ? -16.416 -3.058  11.879  1.00 46.49  ? 119 ARG A NH1 1 
ATOM   725  N NH2 . ARG A 1 96  ? -15.429 -2.374  13.816  1.00 46.95  ? 119 ARG A NH2 1 
ATOM   726  N N   . GLN A 1 97  ? -9.890  -8.074  11.708  1.00 42.15  ? 120 GLN A N   1 
ATOM   727  C CA  . GLN A 1 97  ? -8.985  -8.922  12.474  1.00 38.87  ? 120 GLN A CA  1 
ATOM   728  C C   . GLN A 1 97  ? -7.657  -8.208  12.695  1.00 39.22  ? 120 GLN A C   1 
ATOM   729  O O   . GLN A 1 97  ? -6.738  -8.820  13.232  1.00 43.08  ? 120 GLN A O   1 
ATOM   730  C CB  . GLN A 1 97  ? -8.661  -10.254 11.807  1.00 44.74  ? 120 GLN A CB  1 
ATOM   731  C CG  . GLN A 1 97  ? -9.824  -11.216 11.661  1.00 49.71  ? 120 GLN A CG  1 
ATOM   732  C CD  . GLN A 1 97  ? -9.378  -12.569 11.145  1.00 66.50  ? 120 GLN A CD  1 
ATOM   733  O OE1 . GLN A 1 97  ? -8.183  -12.897 11.101  1.00 74.08  ? 120 GLN A OE1 1 
ATOM   734  N NE2 . GLN A 1 97  ? -10.350 -13.385 10.766  1.00 78.30  ? 120 GLN A NE2 1 
ATOM   735  N N   . GLY A 1 98  ? -7.550  -6.920  12.329  1.00 40.41  ? 121 GLY A N   1 
ATOM   736  C CA  . GLY A 1 98  ? -6.383  -6.144  12.754  1.00 40.45  ? 121 GLY A CA  1 
ATOM   737  C C   . GLY A 1 98  ? -5.240  -6.167  11.724  1.00 36.94  ? 121 GLY A C   1 
ATOM   738  O O   . GLY A 1 98  ? -4.177  -5.618  11.965  1.00 31.30  ? 121 GLY A O   1 
ATOM   739  N N   . ILE A 1 99  ? -5.479  -6.763  10.552  1.00 35.53  ? 122 ILE A N   1 
ATOM   740  C CA  . ILE A 1 99  ? -4.465  -6.925  9.511   1.00 36.35  ? 122 ILE A CA  1 
ATOM   741  C C   . ILE A 1 99  ? -4.042  -5.576  8.919   1.00 30.74  ? 122 ILE A C   1 
ATOM   742  O O   . ILE A 1 99  ? -2.850  -5.323  8.787   1.00 31.52  ? 122 ILE A O   1 
ATOM   743  C CB  . ILE A 1 99  ? -4.961  -7.870  8.402   1.00 36.81  ? 122 ILE A CB  1 
ATOM   744  C CG1 . ILE A 1 99  ? -5.423  -9.198  9.003   1.00 33.29  ? 122 ILE A CG1 1 
ATOM   745  C CG2 . ILE A 1 99  ? -3.858  -8.080  7.357   1.00 39.11  ? 122 ILE A CG2 1 
ATOM   746  C CD1 . ILE A 1 99  ? -5.784  -10.253 7.969   1.00 39.10  ? 122 ILE A CD1 1 
ATOM   747  N N   . ALA A 1 100 ? -5.029  -4.745  8.569   1.00 32.44  ? 123 ALA A N   1 
ATOM   748  C CA  . ALA A 1 100 ? -4.771  -3.418  8.032   1.00 33.08  ? 123 ALA A CA  1 
ATOM   749  C C   . ALA A 1 100 ? -3.957  -2.627  9.040   1.00 33.43  ? 123 ALA A C   1 
ATOM   750  O O   . ALA A 1 100 ? -2.990  -1.947  8.703   1.00 32.95  ? 123 ALA A O   1 
ATOM   751  C CB  . ALA A 1 100 ? -6.083  -2.716  7.791   1.00 31.41  ? 123 ALA A CB  1 
ATOM   752  N N   . THR A 1 101 ? -4.391  -2.753  10.294  1.00 33.79  ? 124 THR A N   1 
ATOM   753  C CA  . THR A 1 101 ? -3.792  -2.004  11.374  1.00 33.54  ? 124 THR A CA  1 
ATOM   754  C C   . THR A 1 101 ? -2.349  -2.464  11.495  1.00 35.18  ? 124 THR A C   1 
ATOM   755  O O   . THR A 1 101 ? -1.464  -1.625  11.675  1.00 35.20  ? 124 THR A O   1 
ATOM   756  C CB  . THR A 1 101 ? -4.593  -2.186  12.670  1.00 36.65  ? 124 THR A CB  1 
ATOM   757  O OG1 . THR A 1 101 ? -5.955  -1.786  12.440  1.00 35.21  ? 124 THR A OG1 1 
ATOM   758  C CG2 . THR A 1 101 ? -4.033  -1.378  13.832  1.00 39.50  ? 124 THR A CG2 1 
ATOM   759  N N   . ALA A 1 102 ? -2.120  -3.791  11.459  1.00 25.89  ? 125 ALA A N   1 
ATOM   760  C CA  . ALA A 1 102 ? -0.769  -4.340  11.560  1.00 28.06  ? 125 ALA A CA  1 
ATOM   761  C C   . ALA A 1 102 ? 0.113   -3.928  10.364  1.00 25.59  ? 125 ALA A C   1 
ATOM   762  O O   . ALA A 1 102 ? 1.330   -3.790  10.484  1.00 25.97  ? 125 ALA A O   1 
ATOM   763  C CB  . ALA A 1 102 ? -0.812  -5.862  11.681  1.00 26.09  ? 125 ALA A CB  1 
ATOM   764  N N   . LEU A 1 103 ? -0.466  -3.838  9.175   1.00 24.36  ? 126 LEU A N   1 
ATOM   765  C CA  . LEU A 1 103 ? 0.339   -3.394  8.039   1.00 29.63  ? 126 LEU A CA  1 
ATOM   766  C C   . LEU A 1 103 ? 0.757   -1.923  8.237   1.00 30.52  ? 126 LEU A C   1 
ATOM   767  O O   . LEU A 1 103 ? 1.898   -1.532  7.959   1.00 28.33  ? 126 LEU A O   1 
ATOM   768  C CB  . LEU A 1 103 ? -0.424  -3.582  6.737   1.00 30.34  ? 126 LEU A CB  1 
ATOM   769  C CG  . LEU A 1 103 ? -0.628  -5.027  6.278   1.00 32.98  ? 126 LEU A CG  1 
ATOM   770  C CD1 . LEU A 1 103 ? -1.592  -5.071  5.135   1.00 31.88  ? 126 LEU A CD1 1 
ATOM   771  C CD2 . LEU A 1 103 ? 0.654   -5.651  5.868   1.00 38.92  ? 126 LEU A CD2 1 
ATOM   772  N N   . ILE A 1 104 ? -0.159  -1.098  8.736   1.00 23.61  ? 127 ILE A N   1 
ATOM   773  C CA  . ILE A 1 104 ? 0.188   0.293   8.995   1.00 25.91  ? 127 ILE A CA  1 
ATOM   774  C C   . ILE A 1 104 ? 1.294   0.313   10.038  1.00 25.07  ? 127 ILE A C   1 
ATOM   775  O O   . ILE A 1 104 ? 2.307   0.995   9.900   1.00 28.47  ? 127 ILE A O   1 
ATOM   776  C CB  . ILE A 1 104 ? -1.080  1.102   9.323   1.00 26.79  ? 127 ILE A CB  1 
ATOM   777  C CG1 . ILE A 1 104 ? -1.919  1.170   8.063   1.00 29.41  ? 127 ILE A CG1 1 
ATOM   778  C CG2 . ILE A 1 104 ? -0.756  2.527   9.818   1.00 28.33  ? 127 ILE A CG2 1 
ATOM   779  C CD1 . ILE A 1 104 ? -3.391  1.464   8.271   1.00 35.19  ? 127 ILE A CD1 1 
ATOM   780  N N   . ASN A 1 105 ? 1.115   -0.475  11.098  1.00 29.20  ? 128 ASN A N   1 
ATOM   781  C CA  . ASN A 1 105 ? 2.080   -0.551  12.167  1.00 26.36  ? 128 ASN A CA  1 
ATOM   782  C C   . ASN A 1 105 ? 3.455   -0.892  11.588  1.00 29.97  ? 128 ASN A C   1 
ATOM   783  O O   . ASN A 1 105 ? 4.432   -0.212  11.902  1.00 29.02  ? 128 ASN A O   1 
ATOM   784  C CB  . ASN A 1 105 ? 1.660   -1.574  13.225  1.00 27.33  ? 128 ASN A CB  1 
ATOM   785  C CG  . ASN A 1 105 ? 2.559   -1.559  14.436  1.00 25.77  ? 128 ASN A CG  1 
ATOM   786  O OD1 . ASN A 1 105 ? 2.914   -0.485  14.950  1.00 31.79  ? 128 ASN A OD1 1 
ATOM   787  N ND2 . ASN A 1 105 ? 3.027   -2.731  14.849  1.00 27.01  ? 128 ASN A ND2 1 
ATOM   788  N N   . LEU A 1 106 ? 3.519   -1.977  10.789  1.00 24.76  ? 129 LEU A N   1 
ATOM   789  C CA  . LEU A 1 106 ? 4.719   -2.338  10.047  1.00 24.42  ? 129 LEU A CA  1 
ATOM   790  C C   . LEU A 1 106 ? 5.277   -1.132  9.273   1.00 24.82  ? 129 LEU A C   1 
ATOM   791  O O   . LEU A 1 106 ? 6.476   -0.908  9.198   1.00 27.73  ? 129 LEU A O   1 
ATOM   792  C CB  . LEU A 1 106 ? 4.435   -3.463  9.069   1.00 24.29  ? 129 LEU A CB  1 
ATOM   793  C CG  . LEU A 1 106 ? 5.630   -3.980  8.246   1.00 26.95  ? 129 LEU A CG  1 
ATOM   794  C CD1 . LEU A 1 106 ? 6.788   -4.199  9.192   1.00 26.83  ? 129 LEU A CD1 1 
ATOM   795  C CD2 . LEU A 1 106 ? 5.293   -5.301  7.490   1.00 26.50  ? 129 LEU A CD2 1 
ATOM   796  N N   . LEU A 1 107 ? 4.390   -0.426  8.620   1.00 25.84  ? 130 LEU A N   1 
ATOM   797  C CA  . LEU A 1 107 ? 4.753   0.732   7.832   1.00 26.48  ? 130 LEU A CA  1 
ATOM   798  C C   . LEU A 1 107 ? 5.427   1.781   8.728   1.00 28.59  ? 130 LEU A C   1 
ATOM   799  O O   . LEU A 1 107 ? 6.453   2.336   8.376   1.00 28.67  ? 130 LEU A O   1 
ATOM   800  C CB  . LEU A 1 107 ? 3.484   1.277   7.135   1.00 27.03  ? 130 LEU A CB  1 
ATOM   801  C CG  . LEU A 1 107 ? 3.826   2.354   6.086   1.00 25.00  ? 130 LEU A CG  1 
ATOM   802  C CD1 . LEU A 1 107 ? 4.790   1.794   5.066   1.00 22.89  ? 130 LEU A CD1 1 
ATOM   803  C CD2 . LEU A 1 107 ? 2.688   3.009   5.379   1.00 29.80  ? 130 LEU A CD2 1 
ATOM   804  N N   . LYS A 1 108 ? 4.896   1.992   9.937   1.00 27.84  ? 131 LYS A N   1 
ATOM   805  C CA  . LYS A 1 108 ? 5.518   2.898   10.893  1.00 25.85  ? 131 LYS A CA  1 
ATOM   806  C C   . LYS A 1 108 ? 6.940   2.486   11.278  1.00 33.58  ? 131 LYS A C   1 
ATOM   807  O O   . LYS A 1 108 ? 7.813   3.340   11.500  1.00 33.76  ? 131 LYS A O   1 
ATOM   808  C CB  . LYS A 1 108 ? 4.682   2.990   12.161  1.00 25.74  ? 131 LYS A CB  1 
ATOM   809  C CG  . LYS A 1 108 ? 3.196   3.361   11.986  1.00 26.99  ? 131 LYS A CG  1 
ATOM   810  C CD  . LYS A 1 108 ? 2.560   3.619   13.329  1.00 29.41  ? 131 LYS A CD  1 
ATOM   811  C CE  . LYS A 1 108 ? 1.089   3.665   13.414  1.00 33.12  ? 131 LYS A CE  1 
ATOM   812  N NZ  . LYS A 1 108 ? 0.716   3.636   14.841  1.00 31.01  ? 131 LYS A NZ  1 
ATOM   813  N N   . HIS A 1 109 ? 7.193   1.179   11.383  1.00 34.46  ? 132 HIS A N   1 
ATOM   814  C CA  . HIS A 1 109 ? 8.541   0.705   11.639  1.00 31.35  ? 132 HIS A CA  1 
ATOM   815  C C   . HIS A 1 109 ? 9.447   1.047   10.446  1.00 33.19  ? 132 HIS A C   1 
ATOM   816  O O   . HIS A 1 109 ? 10.616  1.342   10.617  1.00 34.13  ? 132 HIS A O   1 
ATOM   817  C CB  . HIS A 1 109 ? 8.559   -0.786  11.972  1.00 35.12  ? 132 HIS A CB  1 
ATOM   818  C CG  . HIS A 1 109 ? 8.055   -1.072  13.350  1.00 38.65  ? 132 HIS A CG  1 
ATOM   819  N ND1 . HIS A 1 109 ? 8.777   -0.905  14.511  1.00 38.94  ? 132 HIS A ND1 1 
ATOM   820  C CD2 . HIS A 1 109 ? 6.859   -1.507  13.740  1.00 42.79  ? 132 HIS A CD2 1 
ATOM   821  C CE1 . HIS A 1 109 ? 8.044   -1.254  15.554  1.00 36.38  ? 132 HIS A CE1 1 
ATOM   822  N NE2 . HIS A 1 109 ? 6.869   -1.613  15.102  1.00 41.82  ? 132 HIS A NE2 1 
ATOM   823  N N   . GLU A 1 110 ? 8.939   0.961   9.220   1.00 31.35  ? 133 GLU A N   1 
ATOM   824  C CA  . GLU A 1 110 ? 9.766   1.241   8.056   1.00 29.35  ? 133 GLU A CA  1 
ATOM   825  C C   . GLU A 1 110 ? 10.074  2.729   8.038   1.00 30.85  ? 133 GLU A C   1 
ATOM   826  O O   . GLU A 1 110 ? 11.219  3.153   7.867   1.00 33.54  ? 133 GLU A O   1 
ATOM   827  C CB  . GLU A 1 110 ? 9.036   0.721   6.827   1.00 28.37  ? 133 GLU A CB  1 
ATOM   828  C CG  . GLU A 1 110 ? 8.777   -0.787  6.946   1.00 31.45  ? 133 GLU A CG  1 
ATOM   829  C CD  . GLU A 1 110 ? 9.924   -1.707  6.526   1.00 33.38  ? 133 GLU A CD  1 
ATOM   830  O OE1 . GLU A 1 110 ? 10.876  -1.200  5.936   1.00 32.70  ? 133 GLU A OE1 1 
ATOM   831  O OE2 . GLU A 1 110 ? 9.863   -2.936  6.735   1.00 43.44  ? 133 GLU A OE2 1 
ATOM   832  N N   . ALA A 1 111 ? 9.036   3.515   8.254   1.00 28.14  ? 134 ALA A N   1 
ATOM   833  C CA  . ALA A 1 111 ? 9.176   4.961   8.365   1.00 29.76  ? 134 ALA A CA  1 
ATOM   834  C C   . ALA A 1 111 ? 10.224  5.367   9.406   1.00 30.39  ? 134 ALA A C   1 
ATOM   835  O O   . ALA A 1 111 ? 11.049  6.235   9.170   1.00 33.05  ? 134 ALA A O   1 
ATOM   836  C CB  . ALA A 1 111 ? 7.835   5.537   8.694   1.00 32.64  ? 134 ALA A CB  1 
ATOM   837  N N   . ASN A 1 112 ? 10.187  4.737   10.574  1.00 30.81  ? 135 ASN A N   1 
ATOM   838  C CA  . ASN A 1 112 ? 11.111  5.057   11.640  1.00 32.64  ? 135 ASN A CA  1 
ATOM   839  C C   . ASN A 1 112 ? 12.510  4.714   11.153  1.00 36.56  ? 135 ASN A C   1 
ATOM   840  O O   . ASN A 1 112 ? 13.439  5.523   11.293  1.00 37.35  ? 135 ASN A O   1 
ATOM   841  C CB  . ASN A 1 112 ? 10.748  4.319   12.930  1.00 33.57  ? 135 ASN A CB  1 
ATOM   842  C CG  . ASN A 1 112 ? 9.506   4.904   13.570  1.00 36.90  ? 135 ASN A CG  1 
ATOM   843  O OD1 . ASN A 1 112 ? 9.226   6.105   13.445  1.00 35.02  ? 135 ASN A OD1 1 
ATOM   844  N ND2 . ASN A 1 112 ? 8.743   4.081   14.272  1.00 36.25  ? 135 ASN A ND2 1 
ATOM   845  N N   . ALA A 1 113 ? 12.647  3.520   10.556  1.00 32.93  ? 136 ALA A N   1 
ATOM   846  C CA  . ALA A 1 113 ? 13.938  3.104   10.015  1.00 32.56  ? 136 ALA A CA  1 
ATOM   847  C C   . ALA A 1 113 ? 14.415  4.080   8.938   1.00 33.98  ? 136 ALA A C   1 
ATOM   848  O O   . ALA A 1 113 ? 15.601  4.274   8.776   1.00 44.10  ? 136 ALA A O   1 
ATOM   849  C CB  . ALA A 1 113 ? 13.869  1.695   9.437   1.00 29.77  ? 136 ALA A CB  1 
ATOM   850  N N   . LEU A 1 114 ? 13.510  4.732   8.218   1.00 31.01  ? 137 LEU A N   1 
ATOM   851  C CA  . LEU A 1 114 ? 13.910  5.667   7.181   1.00 28.79  ? 137 LEU A CA  1 
ATOM   852  C C   . LEU A 1 114 ? 14.107  7.081   7.698   1.00 30.68  ? 137 LEU A C   1 
ATOM   853  O O   . LEU A 1 114 ? 14.686  7.887   6.999   1.00 34.85  ? 137 LEU A O   1 
ATOM   854  C CB  . LEU A 1 114 ? 12.859  5.626   6.090   1.00 28.84  ? 137 LEU A CB  1 
ATOM   855  C CG  . LEU A 1 114 ? 12.931  4.348   5.262   1.00 29.22  ? 137 LEU A CG  1 
ATOM   856  C CD1 . LEU A 1 114 ? 11.644  4.093   4.533   1.00 28.49  ? 137 LEU A CD1 1 
ATOM   857  C CD2 . LEU A 1 114 ? 14.128  4.454   4.302   1.00 29.74  ? 137 LEU A CD2 1 
ATOM   858  N N   . GLY A 1 115 ? 13.633  7.372   8.910   1.00 37.25  ? 138 GLY A N   1 
ATOM   859  C CA  . GLY A 1 115 ? 13.628  8.728   9.443   1.00 40.50  ? 138 GLY A CA  1 
ATOM   860  C C   . GLY A 1 115 ? 12.444  9.550   8.921   1.00 40.11  ? 138 GLY A C   1 
ATOM   861  O O   . GLY A 1 115 ? 12.355  10.744  9.204   1.00 41.46  ? 138 GLY A O   1 
ATOM   862  N N   . ALA A 1 116 ? 11.514  8.924   8.186   1.00 32.10  ? 139 ALA A N   1 
ATOM   863  C CA  . ALA A 1 116 ? 10.317  9.615   7.734   1.00 29.95  ? 139 ALA A CA  1 
ATOM   864  C C   . ALA A 1 116 ? 9.415   10.081  8.897   1.00 34.63  ? 139 ALA A C   1 
ATOM   865  O O   . ALA A 1 116 ? 9.014   9.242   9.705   1.00 36.59  ? 139 ALA A O   1 
ATOM   866  C CB  . ALA A 1 116 ? 9.554   8.653   6.849   1.00 34.46  ? 139 ALA A CB  1 
ATOM   867  N N   . TYR A 1 117 ? 8.955   11.358  8.915   1.00 23.93  ? 140 TYR A N   1 
ATOM   868  C CA  . TYR A 1 117 ? 8.288   11.908  10.088  1.00 27.62  ? 140 TYR A CA  1 
ATOM   869  C C   . TYR A 1 117 ? 6.782   11.724  10.001  1.00 29.40  ? 140 TYR A C   1 
ATOM   870  O O   . TYR A 1 117 ? 6.057   11.912  10.984  1.00 26.99  ? 140 TYR A O   1 
ATOM   871  C CB  . TYR A 1 117 ? 8.667   13.379  10.222  1.00 27.71  ? 140 TYR A CB  1 
ATOM   872  C CG  . TYR A 1 117 ? 8.051   14.290  9.180   1.00 31.31  ? 140 TYR A CG  1 
ATOM   873  C CD1 . TYR A 1 117 ? 8.604   14.381  7.912   1.00 28.64  ? 140 TYR A CD1 1 
ATOM   874  C CD2 . TYR A 1 117 ? 6.896   15.013  9.439   1.00 35.34  ? 140 TYR A CD2 1 
ATOM   875  C CE1 . TYR A 1 117 ? 8.045   15.197  6.948   1.00 27.48  ? 140 TYR A CE1 1 
ATOM   876  C CE2 . TYR A 1 117 ? 6.347   15.862  8.479   1.00 39.90  ? 140 TYR A CE2 1 
ATOM   877  C CZ  . TYR A 1 117 ? 6.910   15.933  7.218   1.00 30.03  ? 140 TYR A CZ  1 
ATOM   878  O OH  . TYR A 1 117 ? 6.436   16.776  6.247   1.00 32.74  ? 140 TYR A OH  1 
ATOM   879  N N   . VAL A 1 118 ? 6.281   11.437  8.808   1.00 28.55  ? 141 VAL A N   1 
ATOM   880  C CA  . VAL A 1 118 ? 4.859   11.212  8.684   1.00 28.78  ? 141 VAL A CA  1 
ATOM   881  C C   . VAL A 1 118 ? 4.574   10.250  7.543   1.00 28.47  ? 141 VAL A C   1 
ATOM   882  O O   . VAL A 1 118 ? 5.429   10.025  6.693   1.00 27.93  ? 141 VAL A O   1 
ATOM   883  C CB  . VAL A 1 118 ? 4.185   12.566  8.468   1.00 29.46  ? 141 VAL A CB  1 
ATOM   884  C CG1 . VAL A 1 118 ? 4.758   13.225  7.230   1.00 31.97  ? 141 VAL A CG1 1 
ATOM   885  C CG2 . VAL A 1 118 ? 2.647   12.463  8.413   1.00 29.88  ? 141 VAL A CG2 1 
ATOM   886  N N   . ILE A 1 119 ? 3.366   9.700   7.588   1.00 23.88  ? 142 ILE A N   1 
ATOM   887  C CA  . ILE A 1 119 ? 2.770   8.795   6.617   1.00 27.19  ? 142 ILE A CA  1 
ATOM   888  C C   . ILE A 1 119 ? 1.412   9.417   6.354   1.00 28.40  ? 142 ILE A C   1 
ATOM   889  O O   . ILE A 1 119 ? 0.841   9.862   7.329   1.00 27.26  ? 142 ILE A O   1 
ATOM   890  C CB  . ILE A 1 119 ? 2.525   7.395   7.196   1.00 25.69  ? 142 ILE A CB  1 
ATOM   891  C CG1 . ILE A 1 119 ? 3.803   6.609   7.472   1.00 30.28  ? 142 ILE A CG1 1 
ATOM   892  C CG2 . ILE A 1 119 ? 1.593   6.587   6.297   1.00 27.70  ? 142 ILE A CG2 1 
ATOM   893  C CD1 . ILE A 1 119 ? 3.691   5.579   8.589   1.00 25.02  ? 142 ILE A CD1 1 
ATOM   894  N N   . TYR A 1 120 ? 0.922   9.431   5.114   1.00 25.27  ? 143 TYR A N   1 
ATOM   895  C CA  . TYR A 1 120 ? -0.448  9.895   4.840   1.00 27.98  ? 143 TYR A CA  1 
ATOM   896  C C   . TYR A 1 120 ? -1.086  8.956   3.821   1.00 27.83  ? 143 TYR A C   1 
ATOM   897  O O   . TYR A 1 120 ? -0.415  8.282   3.063   1.00 27.91  ? 143 TYR A O   1 
ATOM   898  C CB  . TYR A 1 120 ? -0.641  11.325  4.267   1.00 32.54  ? 143 TYR A CB  1 
ATOM   899  C CG  . TYR A 1 120 ? 0.468   11.781  3.339   1.00 38.64  ? 143 TYR A CG  1 
ATOM   900  C CD1 . TYR A 1 120 ? 1.655   12.238  3.868   1.00 43.97  ? 143 TYR A CD1 1 
ATOM   901  C CD2 . TYR A 1 120 ? 0.363   11.705  1.955   1.00 53.03  ? 143 TYR A CD2 1 
ATOM   902  C CE1 . TYR A 1 120 ? 2.711   12.604  3.057   1.00 51.27  ? 143 TYR A CE1 1 
ATOM   903  C CE2 . TYR A 1 120 ? 1.411   12.081  1.123   1.00 51.18  ? 143 TYR A CE2 1 
ATOM   904  C CZ  . TYR A 1 120 ? 2.590   12.537  1.683   1.00 55.43  ? 143 TYR A CZ  1 
ATOM   905  O OH  . TYR A 1 120 ? 3.677   12.924  0.956   1.00 60.33  ? 143 TYR A OH  1 
ATOM   906  N N   . VAL A 1 121 ? -2.399  9.044   3.702   1.00 28.04  ? 144 VAL A N   1 
ATOM   907  C CA  . VAL A 1 121 ? -3.195  8.222   2.806   1.00 30.32  ? 144 VAL A CA  1 
ATOM   908  C C   . VAL A 1 121 ? -4.432  9.054   2.471   1.00 35.21  ? 144 VAL A C   1 
ATOM   909  O O   . VAL A 1 121 ? -4.856  9.884   3.264   1.00 35.84  ? 144 VAL A O   1 
ATOM   910  C CB  . VAL A 1 121 ? -3.579  6.911   3.521   1.00 33.59  ? 144 VAL A CB  1 
ATOM   911  C CG1 . VAL A 1 121 ? -4.485  7.163   4.727   1.00 32.86  ? 144 VAL A CG1 1 
ATOM   912  C CG2 . VAL A 1 121 ? -4.230  5.913   2.577   1.00 37.19  ? 144 VAL A CG2 1 
ATOM   913  N N   . GLN A 1 122 ? -5.007  8.816   1.308   1.00 44.27  ? 145 GLN A N   1 
ATOM   914  C CA  . GLN A 1 122 ? -6.192  9.522   0.885   1.00 46.83  ? 145 GLN A CA  1 
ATOM   915  C C   . GLN A 1 122 ? -7.333  8.511   0.936   1.00 45.77  ? 145 GLN A C   1 
ATOM   916  O O   . GLN A 1 122 ? -7.112  7.344   0.621   1.00 46.80  ? 145 GLN A O   1 
ATOM   917  C CB  . GLN A 1 122 ? -5.764  10.076  -0.475  1.00 47.53  ? 145 GLN A CB  1 
ATOM   918  C CG  . GLN A 1 122 ? -6.900  10.716  -1.252  1.00 55.77  ? 145 GLN A CG  1 
ATOM   919  C CD  . GLN A 1 122 ? -6.586  10.996  -2.715  1.00 64.44  ? 145 GLN A CD  1 
ATOM   920  O OE1 . GLN A 1 122 ? -7.026  10.272  -3.614  1.00 64.15  ? 145 GLN A OE1 1 
ATOM   921  N NE2 . GLN A 1 122 ? -5.869  12.079  -2.988  1.00 70.70  ? 145 GLN A NE2 1 
ATOM   922  N N   . ALA A 1 123 ? -8.539  8.944   1.331   1.00 41.06  ? 146 ALA A N   1 
ATOM   923  C CA  . ALA A 1 123 ? -9.714  8.085   1.217   1.00 50.43  ? 146 ALA A CA  1 
ATOM   924  C C   . ALA A 1 123 ? -10.839 8.777   0.438   1.00 51.50  ? 146 ALA A C   1 
ATOM   925  O O   . ALA A 1 123 ? -10.899 10.008  0.377   1.00 50.68  ? 146 ALA A O   1 
ATOM   926  C CB  . ALA A 1 123 ? -10.190 7.691   2.606   1.00 51.80  ? 146 ALA A CB  1 
ATOM   927  N N   . ASP A 1 124 ? -11.761 7.972   -0.116  1.00 57.87  ? 147 ASP A N   1 
ATOM   928  C CA  . ASP A 1 124 ? -12.895 8.520   -0.857  1.00 55.33  ? 147 ASP A CA  1 
ATOM   929  C C   . ASP A 1 124 ? -14.097 8.701   0.062   1.00 54.95  ? 147 ASP A C   1 
ATOM   930  O O   . ASP A 1 124 ? -14.199 8.028   1.087   1.00 50.91  ? 147 ASP A O   1 
ATOM   931  C CB  . ASP A 1 124 ? -13.184 7.755   -2.134  1.00 50.06  ? 147 ASP A CB  1 
ATOM   932  C CG  . ASP A 1 124 ? -12.077 7.949   -3.148  1.00 56.49  ? 147 ASP A CG  1 
ATOM   933  O OD1 . ASP A 1 124 ? -11.696 9.128   -3.380  1.00 57.64  ? 147 ASP A OD1 1 
ATOM   934  O OD2 . ASP A 1 124 ? -11.570 6.924   -3.632  1.00 60.24  ? 147 ASP A OD2 1 
ATOM   935  N N   . TYR A 1 125 ? -14.963 9.674   -0.283  1.00 58.92  ? 148 TYR A N   1 
ATOM   936  C CA  . TYR A 1 125 ? -16.216 9.863   0.440   1.00 47.39  ? 148 TYR A CA  1 
ATOM   937  C C   . TYR A 1 125 ? -17.074 8.615   0.218   1.00 44.61  ? 148 TYR A C   1 
ATOM   938  O O   . TYR A 1 125 ? -17.120 8.089   -0.897  1.00 46.47  ? 148 TYR A O   1 
ATOM   939  C CB  . TYR A 1 125 ? -16.850 11.192  0.042   1.00 43.07  ? 148 TYR A CB  1 
ATOM   940  C CG  . TYR A 1 125 ? -16.154 12.373  0.691   1.00 42.59  ? 148 TYR A CG  1 
ATOM   941  C CD1 . TYR A 1 125 ? -16.395 12.681  2.016   1.00 44.85  ? 148 TYR A CD1 1 
ATOM   942  C CD2 . TYR A 1 125 ? -15.210 13.131  0.014   1.00 43.34  ? 148 TYR A CD2 1 
ATOM   943  C CE1 . TYR A 1 125 ? -15.758 13.749  2.633   1.00 49.99  ? 148 TYR A CE1 1 
ATOM   944  C CE2 . TYR A 1 125 ? -14.555 14.193  0.625   1.00 38.58  ? 148 TYR A CE2 1 
ATOM   945  C CZ  . TYR A 1 125 ? -14.825 14.509  1.939   1.00 43.05  ? 148 TYR A CZ  1 
ATOM   946  O OH  . TYR A 1 125 ? -14.152 15.528  2.586   1.00 50.73  ? 148 TYR A OH  1 
ATOM   947  N N   . GLY A 1 126 ? -17.593 8.061   1.331   1.00 56.56  ? 149 GLY A N   1 
ATOM   948  C CA  . GLY A 1 126 ? -18.425 6.861   1.338   1.00 58.70  ? 149 GLY A CA  1 
ATOM   949  C C   . GLY A 1 126 ? -17.639 5.569   1.575   1.00 59.60  ? 149 GLY A C   1 
ATOM   950  O O   . GLY A 1 126 ? -18.216 4.514   1.796   1.00 56.30  ? 149 GLY A O   1 
ATOM   951  N N   . ASP A 1 127 ? -16.314 5.616   1.479   1.00 60.91  ? 150 ASP A N   1 
ATOM   952  C CA  . ASP A 1 127 ? -15.493 4.451   1.756   1.00 60.76  ? 150 ASP A CA  1 
ATOM   953  C C   . ASP A 1 127 ? -15.443 4.315   3.275   1.00 53.88  ? 150 ASP A C   1 
ATOM   954  O O   . ASP A 1 127 ? -14.432 4.674   3.859   1.00 53.42  ? 150 ASP A O   1 
ATOM   955  C CB  . ASP A 1 127 ? -14.085 4.710   1.228   1.00 63.61  ? 150 ASP A CB  1 
ATOM   956  C CG  . ASP A 1 127 ? -13.460 3.713   0.274   1.00 66.75  ? 150 ASP A CG  1 
ATOM   957  O OD1 . ASP A 1 127 ? -14.153 2.756   -0.134  1.00 71.97  ? 150 ASP A OD1 1 
ATOM   958  O OD2 . ASP A 1 127 ? -12.280 3.943   -0.065  1.00 73.79  ? 150 ASP A OD2 1 
ATOM   959  N N   . ASP A 1 128 ? -16.544 3.894   3.925   1.00 52.91  ? 151 ASP A N   1 
ATOM   960  C CA  . ASP A 1 128 ? -16.704 4.129   5.357   1.00 48.45  ? 151 ASP A CA  1 
ATOM   961  C C   . ASP A 1 128 ? -15.703 3.326   6.186   1.00 45.64  ? 151 ASP A C   1 
ATOM   962  O O   . ASP A 1 128 ? -15.182 3.833   7.178   1.00 45.58  ? 151 ASP A O   1 
ATOM   963  C CB  . ASP A 1 128 ? -18.077 3.778   5.892   1.00 48.50  ? 151 ASP A CB  1 
ATOM   964  C CG  . ASP A 1 128 ? -19.222 4.603   5.351   1.00 51.21  ? 151 ASP A CG  1 
ATOM   965  O OD1 . ASP A 1 128 ? -19.009 5.809   5.129   1.00 52.95  ? 151 ASP A OD1 1 
ATOM   966  O OD2 . ASP A 1 128 ? -20.310 4.018   5.181   1.00 58.89  ? 151 ASP A OD2 1 
ATOM   967  N N   . PRO A 1 129 ? -15.442 2.045   5.842   1.00 43.40  ? 152 PRO A N   1 
ATOM   968  C CA  . PRO A 1 129 ? -14.423 1.264   6.538   1.00 46.67  ? 152 PRO A CA  1 
ATOM   969  C C   . PRO A 1 129 ? -13.064 1.975   6.519   1.00 48.35  ? 152 PRO A C   1 
ATOM   970  O O   . PRO A 1 129 ? -12.420 2.132   7.551   1.00 44.99  ? 152 PRO A O   1 
ATOM   971  C CB  . PRO A 1 129 ? -14.423 -0.065  5.760   1.00 48.77  ? 152 PRO A CB  1 
ATOM   972  C CG  . PRO A 1 129 ? -15.838 -0.155  5.216   1.00 50.45  ? 152 PRO A CG  1 
ATOM   973  C CD  . PRO A 1 129 ? -16.108 1.277   4.775   1.00 47.60  ? 152 PRO A CD  1 
ATOM   974  N N   . ALA A 1 130 ? -12.654 2.437   5.341   1.00 44.89  ? 153 ALA A N   1 
ATOM   975  C CA  . ALA A 1 130 ? -11.366 3.098   5.189   1.00 48.18  ? 153 ALA A CA  1 
ATOM   976  C C   . ALA A 1 130 ? -11.326 4.380   6.016   1.00 43.99  ? 153 ALA A C   1 
ATOM   977  O O   . ALA A 1 130 ? -10.313 4.692   6.651   1.00 48.03  ? 153 ALA A O   1 
ATOM   978  C CB  . ALA A 1 130 ? -11.093 3.362   3.706   1.00 46.84  ? 153 ALA A CB  1 
ATOM   979  N N   . VAL A 1 131 ? -12.448 5.115   6.015   1.00 41.67  ? 154 VAL A N   1 
ATOM   980  C CA  . VAL A 1 131 ? -12.518 6.394   6.701   1.00 41.76  ? 154 VAL A CA  1 
ATOM   981  C C   . VAL A 1 131 ? -12.418 6.175   8.204   1.00 36.76  ? 154 VAL A C   1 
ATOM   982  O O   . VAL A 1 131 ? -11.748 6.939   8.919   1.00 40.82  ? 154 VAL A O   1 
ATOM   983  C CB  . VAL A 1 131 ? -13.793 7.201   6.397   1.00 43.18  ? 154 VAL A CB  1 
ATOM   984  C CG1 . VAL A 1 131 ? -13.694 8.565   7.055   1.00 41.57  ? 154 VAL A CG1 1 
ATOM   985  C CG2 . VAL A 1 131 ? -14.064 7.345   4.909   1.00 40.39  ? 154 VAL A CG2 1 
ATOM   986  N N   . ALA A 1 132 ? -13.065 5.109   8.681   1.00 43.30  ? 155 ALA A N   1 
ATOM   987  C CA  . ALA A 1 132 ? -13.030 4.771   10.104  1.00 43.33  ? 155 ALA A CA  1 
ATOM   988  C C   . ALA A 1 132 ? -11.610 4.367   10.527  1.00 41.74  ? 155 ALA A C   1 
ATOM   989  O O   . ALA A 1 132 ? -11.014 4.962   11.437  1.00 36.23  ? 155 ALA A O   1 
ATOM   990  C CB  . ALA A 1 132 ? -14.036 3.665   10.348  1.00 50.92  ? 155 ALA A CB  1 
ATOM   991  N N   . LEU A 1 133 ? -11.033 3.414   9.776   1.00 37.56  ? 156 LEU A N   1 
ATOM   992  C CA  . LEU A 1 133 ? -9.671  2.950   10.010  1.00 30.49  ? 156 LEU A CA  1 
ATOM   993  C C   . LEU A 1 133 ? -8.713  4.149   10.083  1.00 34.51  ? 156 LEU A C   1 
ATOM   994  O O   . LEU A 1 133 ? -8.014  4.310   11.077  1.00 41.96  ? 156 LEU A O   1 
ATOM   995  C CB  . LEU A 1 133 ? -9.286  1.970   8.907   1.00 36.00  ? 156 LEU A CB  1 
ATOM   996  C CG  . LEU A 1 133 ? -7.829  1.488   8.907   1.00 42.92  ? 156 LEU A CG  1 
ATOM   997  C CD1 . LEU A 1 133 ? -7.557  0.510   10.036  1.00 46.63  ? 156 LEU A CD1 1 
ATOM   998  C CD2 . LEU A 1 133 ? -7.471  0.867   7.557   1.00 43.26  ? 156 LEU A CD2 1 
ATOM   999  N N   . TYR A 1 134 ? -8.690  5.023   9.061   1.00 33.18  ? 157 TYR A N   1 
ATOM   1000 C CA  . TYR A 1 134 ? -7.744  6.131   9.094   1.00 35.06  ? 157 TYR A CA  1 
ATOM   1001 C C   . TYR A 1 134 ? -8.128  7.177   10.143  1.00 37.27  ? 157 TYR A C   1 
ATOM   1002 O O   . TYR A 1 134 ? -7.238  7.833   10.714  1.00 43.01  ? 157 TYR A O   1 
ATOM   1003 C CB  . TYR A 1 134 ? -7.571  6.765   7.718   1.00 40.45  ? 157 TYR A CB  1 
ATOM   1004 C CG  . TYR A 1 134 ? -7.207  5.783   6.610   1.00 36.67  ? 157 TYR A CG  1 
ATOM   1005 C CD1 . TYR A 1 134 ? -6.276  4.771   6.797   1.00 31.17  ? 157 TYR A CD1 1 
ATOM   1006 C CD2 . TYR A 1 134 ? -7.787  5.904   5.357   1.00 33.97  ? 157 TYR A CD2 1 
ATOM   1007 C CE1 . TYR A 1 134 ? -5.960  3.902   5.761   1.00 36.29  ? 157 TYR A CE1 1 
ATOM   1008 C CE2 . TYR A 1 134 ? -7.453  5.071   4.315   1.00 36.09  ? 157 TYR A CE2 1 
ATOM   1009 C CZ  . TYR A 1 134 ? -6.546  4.054   4.520   1.00 36.40  ? 157 TYR A CZ  1 
ATOM   1010 O OH  . TYR A 1 134 ? -6.274  3.231   3.471   1.00 44.93  ? 157 TYR A OH  1 
ATOM   1011 N N   . THR A 1 135 ? -9.430  7.352   10.413  1.00 39.21  ? 158 THR A N   1 
ATOM   1012 C CA  . THR A 1 135 ? -9.852  8.279   11.457  1.00 42.36  ? 158 THR A CA  1 
ATOM   1013 C C   . THR A 1 135 ? -9.385  7.773   12.821  1.00 46.43  ? 158 THR A C   1 
ATOM   1014 O O   . THR A 1 135 ? -9.000  8.558   13.700  1.00 41.41  ? 158 THR A O   1 
ATOM   1015 C CB  . THR A 1 135 ? -11.364 8.476   11.453  1.00 44.80  ? 158 THR A CB  1 
ATOM   1016 O OG1 . THR A 1 135 ? -11.707 9.190   10.274  1.00 44.20  ? 158 THR A OG1 1 
ATOM   1017 C CG2 . THR A 1 135 ? -11.831 9.329   12.617  1.00 44.06  ? 158 THR A CG2 1 
ATOM   1018 N N   . LYS A 1 136 ? -9.475  6.456   13.014  1.00 43.19  ? 159 LYS A N   1 
ATOM   1019 C CA  . LYS A 1 136 ? -8.979  5.882   14.246  1.00 42.19  ? 159 LYS A CA  1 
ATOM   1020 C C   . LYS A 1 136 ? -7.463  6.036   14.300  1.00 50.03  ? 159 LYS A C   1 
ATOM   1021 O O   . LYS A 1 136 ? -6.928  6.222   15.378  1.00 53.15  ? 159 LYS A O   1 
ATOM   1022 C CB  . LYS A 1 136 ? -9.367  4.407   14.350  1.00 47.57  ? 159 LYS A CB  1 
ATOM   1023 C CG  . LYS A 1 136 ? -8.796  3.704   15.566  1.00 46.06  ? 159 LYS A CG  1 
ATOM   1024 C CD  . LYS A 1 136 ? -9.273  2.258   15.650  1.00 56.07  ? 159 LYS A CD  1 
ATOM   1025 C CE  . LYS A 1 136 ? -8.550  1.481   16.729  1.00 53.44  ? 159 LYS A CE  1 
ATOM   1026 N NZ  . LYS A 1 136 ? -8.700  0.044   16.489  1.00 52.19  ? 159 LYS A NZ  1 
ATOM   1027 N N   . LEU A 1 137 ? -6.771  5.909   13.156  1.00 52.65  ? 160 LEU A N   1 
ATOM   1028 C CA  . LEU A 1 137 ? -5.312  5.851   13.158  1.00 50.84  ? 160 LEU A CA  1 
ATOM   1029 C C   . LEU A 1 137 ? -4.698  7.221   12.893  1.00 48.33  ? 160 LEU A C   1 
ATOM   1030 O O   . LEU A 1 137 ? -3.565  7.435   13.325  1.00 45.77  ? 160 LEU A O   1 
ATOM   1031 C CB  . LEU A 1 137 ? -4.799  4.827   12.158  1.00 48.35  ? 160 LEU A CB  1 
ATOM   1032 C CG  . LEU A 1 137 ? -5.189  3.387   12.477  1.00 55.72  ? 160 LEU A CG  1 
ATOM   1033 C CD1 . LEU A 1 137 ? -4.485  2.434   11.546  1.00 50.09  ? 160 LEU A CD1 1 
ATOM   1034 C CD2 . LEU A 1 137 ? -4.904  3.031   13.942  1.00 60.03  ? 160 LEU A CD2 1 
ATOM   1035 N N   . GLY A 1 138 ? -5.443  8.121   12.217  1.00 38.57  ? 161 GLY A N   1 
ATOM   1036 C CA  . GLY A 1 138 ? -4.875  9.384   11.792  1.00 40.33  ? 161 GLY A CA  1 
ATOM   1037 C C   . GLY A 1 138 ? -5.764  10.602  12.063  1.00 43.19  ? 161 GLY A C   1 
ATOM   1038 O O   . GLY A 1 138 ? -6.848  10.496  12.614  1.00 50.77  ? 161 GLY A O   1 
ATOM   1039 N N   . ILE A 1 139 ? -5.210  11.753  11.668  1.00 45.01  ? 162 ILE A N   1 
ATOM   1040 C CA  . ILE A 1 139 ? -5.810  13.061  11.683  1.00 39.18  ? 162 ILE A CA  1 
ATOM   1041 C C   . ILE A 1 139 ? -6.296  13.356  10.273  1.00 41.61  ? 162 ILE A C   1 
ATOM   1042 O O   . ILE A 1 139 ? -5.486  13.456  9.371   1.00 36.43  ? 162 ILE A O   1 
ATOM   1043 C CB  . ILE A 1 139 ? -4.761  14.101  12.107  1.00 50.86  ? 162 ILE A CB  1 
ATOM   1044 C CG1 . ILE A 1 139 ? -4.085  13.699  13.423  1.00 57.99  ? 162 ILE A CG1 1 
ATOM   1045 C CG2 . ILE A 1 139 ? -5.347  15.515  12.160  1.00 52.48  ? 162 ILE A CG2 1 
ATOM   1046 C CD1 . ILE A 1 139 ? -5.024  13.145  14.484  1.00 62.97  ? 162 ILE A CD1 1 
ATOM   1047 N N   . ARG A 1 140 ? -7.604  13.594  10.134  1.00 35.19  ? 163 ARG A N   1 
ATOM   1048 C CA  . ARG A 1 140 ? -8.261  13.798  8.870   1.00 41.54  ? 163 ARG A CA  1 
ATOM   1049 C C   . ARG A 1 140 ? -8.242  15.266  8.452   1.00 42.61  ? 163 ARG A C   1 
ATOM   1050 O O   . ARG A 1 140 ? -8.336  16.168  9.265   1.00 40.80  ? 163 ARG A O   1 
ATOM   1051 C CB  . ARG A 1 140 ? -9.713  13.373  9.031   1.00 49.11  ? 163 ARG A CB  1 
ATOM   1052 C CG  . ARG A 1 140 ? -10.577 13.714  7.831   1.00 49.79  ? 163 ARG A CG  1 
ATOM   1053 C CD  . ARG A 1 140 ? -11.952 13.125  8.098   1.00 53.98  ? 163 ARG A CD  1 
ATOM   1054 N NE  . ARG A 1 140 ? -13.004 13.870  7.401   1.00 57.49  ? 163 ARG A NE  1 
ATOM   1055 C CZ  . ARG A 1 140 ? -14.249 13.421  7.285   1.00 61.99  ? 163 ARG A CZ  1 
ATOM   1056 N NH1 . ARG A 1 140 ? -15.167 14.105  6.600   1.00 54.29  ? 163 ARG A NH1 1 
ATOM   1057 N NH2 . ARG A 1 140 ? -14.548 12.266  7.856   1.00 64.08  ? 163 ARG A NH2 1 
ATOM   1058 N N   . GLU A 1 141 ? -8.070  15.470  7.148   1.00 48.37  ? 164 GLU A N   1 
ATOM   1059 C CA  . GLU A 1 141 ? -8.186  16.766  6.513   1.00 48.85  ? 164 GLU A CA  1 
ATOM   1060 C C   . GLU A 1 141 ? -8.991  16.459  5.269   1.00 45.87  ? 164 GLU A C   1 
ATOM   1061 O O   . GLU A 1 141 ? -8.937  15.341  4.775   1.00 43.42  ? 164 GLU A O   1 
ATOM   1062 C CB  . GLU A 1 141 ? -6.908  17.453  6.023   1.00 47.80  ? 164 GLU A CB  1 
ATOM   1063 C CG  . GLU A 1 141 ? -5.687  17.295  6.924   1.00 56.18  ? 164 GLU A CG  1 
ATOM   1064 C CD  . GLU A 1 141 ? -4.344  17.394  6.180   1.00 65.83  ? 164 GLU A CD  1 
ATOM   1065 O OE1 . GLU A 1 141 ? -4.271  17.869  5.002   1.00 51.34  ? 164 GLU A OE1 1 
ATOM   1066 O OE2 . GLU A 1 141 ? -3.342  16.933  6.793   1.00 72.76  ? 164 GLU A OE2 1 
ATOM   1067 N N   . GLU A 1 142 ? -9.815  17.412  4.852   1.00 48.57  ? 165 GLU A N   1 
ATOM   1068 C CA  . GLU A 1 142 ? -10.579 17.262  3.629   1.00 49.02  ? 165 GLU A CA  1 
ATOM   1069 C C   . GLU A 1 142 ? -9.897  18.172  2.629   1.00 42.26  ? 165 GLU A C   1 
ATOM   1070 O O   . GLU A 1 142 ? -9.412  19.248  3.010   1.00 42.12  ? 165 GLU A O   1 
ATOM   1071 C CB  . GLU A 1 142 ? -12.052 17.649  3.783   1.00 59.45  ? 165 GLU A CB  1 
ATOM   1072 C CG  . GLU A 1 142 ? -12.808 16.888  4.871   1.00 65.29  ? 165 GLU A CG  1 
ATOM   1073 C CD  . GLU A 1 142 ? -12.439 17.264  6.296   1.00 77.30  ? 165 GLU A CD  1 
ATOM   1074 O OE1 . GLU A 1 142 ? -12.197 18.460  6.571   1.00 92.64  ? 165 GLU A OE1 1 
ATOM   1075 O OE2 . GLU A 1 142 ? -12.417 16.352  7.152   1.00 80.89  ? 165 GLU A OE2 1 
ATOM   1076 N N   . VAL A 1 143 ? -9.789  17.705  1.386   1.00 36.88  ? 166 VAL A N   1 
ATOM   1077 C CA  . VAL A 1 143 ? -9.020  18.451  0.395   1.00 36.72  ? 166 VAL A CA  1 
ATOM   1078 C C   . VAL A 1 143 ? -9.586  18.107  -0.973  1.00 36.13  ? 166 VAL A C   1 
ATOM   1079 O O   . VAL A 1 143 ? -10.490 17.264  -1.090  1.00 35.19  ? 166 VAL A O   1 
ATOM   1080 C CB  . VAL A 1 143 ? -7.498  18.169  0.441   1.00 46.15  ? 166 VAL A CB  1 
ATOM   1081 C CG1 . VAL A 1 143 ? -6.822  18.740  1.688   1.00 46.63  ? 166 VAL A CG1 1 
ATOM   1082 C CG2 . VAL A 1 143 ? -7.199  16.674  0.312   1.00 41.27  ? 166 VAL A CG2 1 
ATOM   1083 N N   . MET A 1 144 ? -9.098  18.839  -1.984  1.00 29.94  ? 167 MET A N   1 
ATOM   1084 C CA  . MET A 1 144 ? -9.404  18.525  -3.367  1.00 33.53  ? 167 MET A CA  1 
ATOM   1085 C C   . MET A 1 144 ? -8.206  17.868  -4.048  1.00 39.88  ? 167 MET A C   1 
ATOM   1086 O O   . MET A 1 144 ? -7.053  18.008  -3.646  1.00 39.62  ? 167 MET A O   1 
ATOM   1087 C CB  . MET A 1 144 ? -9.806  19.763  -4.161  1.00 34.86  ? 167 MET A CB  1 
ATOM   1088 C CG  . MET A 1 144 ? -11.208 20.261  -3.762  1.00 38.37  ? 167 MET A CG  1 
ATOM   1089 S SD  . MET A 1 144 ? -11.379 22.035  -4.054  1.00 45.65  ? 167 MET A SD  1 
ATOM   1090 C CE  . MET A 1 144 ? -10.122 22.809  -3.027  1.00 53.37  ? 167 MET A CE  1 
ATOM   1091 N N   . HIS A 1 145 ? -8.522  17.160  -5.118  1.00 38.50  ? 168 HIS A N   1 
ATOM   1092 C CA  . HIS A 1 145 ? -7.524  16.505  -5.932  1.00 44.19  ? 168 HIS A CA  1 
ATOM   1093 C C   . HIS A 1 145 ? -7.963  16.758  -7.373  1.00 41.68  ? 168 HIS A C   1 
ATOM   1094 O O   . HIS A 1 145 ? -9.163  16.808  -7.618  1.00 39.58  ? 168 HIS A O   1 
ATOM   1095 C CB  . HIS A 1 145 ? -7.442  15.067  -5.422  1.00 45.06  ? 168 HIS A CB  1 
ATOM   1096 C CG  . HIS A 1 145 ? -6.656  14.133  -6.226  1.00 46.38  ? 168 HIS A CG  1 
ATOM   1097 N ND1 . HIS A 1 145 ? -5.615  13.438  -5.667  1.00 49.89  ? 168 HIS A ND1 1 
ATOM   1098 C CD2 . HIS A 1 145 ? -6.821  13.664  -7.463  1.00 58.37  ? 168 HIS A CD2 1 
ATOM   1099 C CE1 . HIS A 1 145 ? -5.112  12.629  -6.592  1.00 58.88  ? 168 HIS A CE1 1 
ATOM   1100 N NE2 . HIS A 1 145 ? -5.847  12.731  -7.691  1.00 50.64  ? 168 HIS A NE2 1 
ATOM   1101 N N   . PHE A 1 146 ? -6.995  16.926  -8.295  1.00 34.73  ? 169 PHE A N   1 
ATOM   1102 C CA  . PHE A 1 146 ? -7.259  17.145  -9.702  1.00 31.36  ? 169 PHE A CA  1 
ATOM   1103 C C   . PHE A 1 146 ? -6.375  16.289  -10.602 1.00 36.58  ? 169 PHE A C   1 
ATOM   1104 O O   . PHE A 1 146 ? -5.148  16.361  -10.490 1.00 32.31  ? 169 PHE A O   1 
ATOM   1105 C CB  . PHE A 1 146 ? -6.936  18.621  -9.953  1.00 34.05  ? 169 PHE A CB  1 
ATOM   1106 C CG  . PHE A 1 146 ? -7.705  19.612  -9.082  1.00 35.58  ? 169 PHE A CG  1 
ATOM   1107 C CD1 . PHE A 1 146 ? -7.344  19.824  -7.764  1.00 32.48  ? 169 PHE A CD1 1 
ATOM   1108 C CD2 . PHE A 1 146 ? -8.758  20.358  -9.600  1.00 41.99  ? 169 PHE A CD2 1 
ATOM   1109 C CE1 . PHE A 1 146 ? -8.024  20.734  -6.983  1.00 38.17  ? 169 PHE A CE1 1 
ATOM   1110 C CE2 . PHE A 1 146 ? -9.438  21.275  -8.812  1.00 38.12  ? 169 PHE A CE2 1 
ATOM   1111 C CZ  . PHE A 1 146 ? -9.051  21.479  -7.529  1.00 36.51  ? 169 PHE A CZ  1 
ATOM   1112 N N   . ASP A 1 147 ? -6.971  15.578  -11.580 1.00 36.40  ? 170 ASP A N   1 
ATOM   1113 C CA  . ASP A 1 147 ? -6.161  14.868  -12.567 1.00 39.64  ? 170 ASP A CA  1 
ATOM   1114 C C   . ASP A 1 147 ? -5.942  15.791  -13.751 1.00 37.76  ? 170 ASP A C   1 
ATOM   1115 O O   . ASP A 1 147 ? -6.856  16.534  -14.084 1.00 35.33  ? 170 ASP A O   1 
ATOM   1116 C CB  . ASP A 1 147 ? -6.815  13.576  -13.014 1.00 43.40  ? 170 ASP A CB  1 
ATOM   1117 C CG  . ASP A 1 147 ? -6.976  12.545  -11.909 1.00 45.15  ? 170 ASP A CG  1 
ATOM   1118 O OD1 . ASP A 1 147 ? -6.712  12.912  -10.743 1.00 57.67  ? 170 ASP A OD1 1 
ATOM   1119 O OD2 . ASP A 1 147 ? -7.309  11.393  -12.227 1.00 46.91  ? 170 ASP A OD2 1 
ATOM   1120 N N   . ILE A 1 148 ? -4.755  15.743  -14.381 1.00 37.61  ? 171 ILE A N   1 
ATOM   1121 C CA  . ILE A 1 148 ? -4.496  16.519  -15.585 1.00 32.44  ? 171 ILE A CA  1 
ATOM   1122 C C   . ILE A 1 148 ? -3.915  15.603  -16.657 1.00 36.93  ? 171 ILE A C   1 
ATOM   1123 O O   . ILE A 1 148 ? -3.010  14.791  -16.403 1.00 37.29  ? 171 ILE A O   1 
ATOM   1124 C CB  . ILE A 1 148 ? -3.572  17.713  -15.236 1.00 35.98  ? 171 ILE A CB  1 
ATOM   1125 C CG1 . ILE A 1 148 ? -4.331  18.726  -14.364 1.00 32.71  ? 171 ILE A CG1 1 
ATOM   1126 C CG2 . ILE A 1 148 ? -3.011  18.396  -16.491 1.00 34.88  ? 171 ILE A CG2 1 
ATOM   1127 C CD1 . ILE A 1 148 ? -3.440  19.577  -13.447 1.00 34.48  ? 171 ILE A CD1 1 
ATOM   1128 N N   . ASP A 1 149 ? -4.457  15.749  -17.874 1.00 37.93  ? 172 ASP A N   1 
ATOM   1129 C CA  . ASP A 1 149 ? -4.009  15.000  -19.030 1.00 34.38  ? 172 ASP A CA  1 
ATOM   1130 C C   . ASP A 1 149 ? -2.737  15.642  -19.553 1.00 37.06  ? 172 ASP A C   1 
ATOM   1131 O O   . ASP A 1 149 ? -2.725  16.825  -19.877 1.00 34.28  ? 172 ASP A O   1 
ATOM   1132 C CB  . ASP A 1 149 ? -5.093  14.840  -20.076 1.00 39.33  ? 172 ASP A CB  1 
ATOM   1133 C CG  . ASP A 1 149 ? -4.654  14.152  -21.355 1.00 46.70  ? 172 ASP A CG  1 
ATOM   1134 O OD1 . ASP A 1 149 ? -3.877  13.179  -21.268 1.00 46.46  ? 172 ASP A OD1 1 
ATOM   1135 O OD2 . ASP A 1 149 ? -5.120  14.572  -22.424 1.00 54.72  ? 172 ASP A OD2 1 
ATOM   1136 N N   . PRO A 1 150 ? -1.617  14.884  -19.588 1.00 33.48  ? 173 PRO A N   1 
ATOM   1137 C CA  . PRO A 1 150 ? -0.386  15.357  -20.215 1.00 33.29  ? 173 PRO A CA  1 
ATOM   1138 C C   . PRO A 1 150 ? -0.437  15.363  -21.734 1.00 29.90  ? 173 PRO A C   1 
ATOM   1139 O O   . PRO A 1 150 ? 0.414   15.994  -22.339 1.00 31.32  ? 173 PRO A O   1 
ATOM   1140 C CB  . PRO A 1 150 ? 0.635   14.363  -19.715 1.00 34.79  ? 173 PRO A CB  1 
ATOM   1141 C CG  . PRO A 1 150 ? -0.143  13.101  -19.551 1.00 33.52  ? 173 PRO A CG  1 
ATOM   1142 C CD  . PRO A 1 150 ? -1.471  13.540  -19.018 1.00 34.16  ? 173 PRO A CD  1 
ATOM   1143 N N   . SER A 1 151 ? -1.385  14.620  -22.312 1.00 33.30  ? 174 SER A N   1 
ATOM   1144 C CA  . SER A 1 151 ? -1.656  14.584  -23.754 1.00 40.88  ? 174 SER A CA  1 
ATOM   1145 C C   . SER A 1 151 ? -1.701  15.943  -24.425 1.00 37.74  ? 174 SER A C   1 
ATOM   1146 O O   . SER A 1 151 ? -1.492  16.035  -25.623 1.00 32.97  ? 174 SER A O   1 
ATOM   1147 C CB  . SER A 1 151 ? -3.019  13.998  -24.076 1.00 42.87  ? 174 SER A CB  1 
ATOM   1148 O OG  . SER A 1 151 ? -3.081  12.635  -23.729 1.00 51.11  ? 174 SER A OG  1 
ATOM   1149 N N   . THR A 1 152 ? -2.209  16.923  -23.697 1.00 36.91  ? 175 THR A N   1 
ATOM   1150 C CA  . THR A 1 152 ? -2.460  18.224  -24.278 1.00 42.98  ? 175 THR A CA  1 
ATOM   1151 C C   . THR A 1 152 ? -1.203  19.098  -24.257 1.00 42.50  ? 175 THR A C   1 
ATOM   1152 O O   . THR A 1 152 ? -1.307  20.287  -24.520 1.00 43.72  ? 175 THR A O   1 
ATOM   1153 C CB  . THR A 1 152 ? -3.622  18.857  -23.515 1.00 42.89  ? 175 THR A CB  1 
ATOM   1154 O OG1 . THR A 1 152 ? -3.214  19.100  -22.172 1.00 39.28  ? 175 THR A OG1 1 
ATOM   1155 C CG2 . THR A 1 152 ? -4.841  17.952  -23.542 1.00 45.11  ? 175 THR A CG2 1 
ATOM   1156 N N   . ALA A 1 153 ? -0.032  18.527  -23.944 1.00 33.34  ? 176 ALA A N   1 
ATOM   1157 C CA  . ALA A 1 153 ? 1.199   19.302  -23.907 1.00 37.48  ? 176 ALA A CA  1 
ATOM   1158 C C   . ALA A 1 153 ? 1.336   20.147  -25.173 1.00 44.26  ? 176 ALA A C   1 
ATOM   1159 O O   . ALA A 1 153 ? 1.040   19.667  -26.265 1.00 38.14  ? 176 ALA A O   1 
ATOM   1160 C CB  . ALA A 1 153 ? 2.385   18.404  -23.756 1.00 35.41  ? 176 ALA A CB  1 
ATOM   1161 N N   . THR A 1 154 ? 1.778   21.411  -25.023 1.00 41.31  ? 177 THR A N   1 
ATOM   1162 C CA  . THR A 1 154 ? 1.875   22.294  -26.172 1.00 40.54  ? 177 THR A CA  1 
ATOM   1163 C C   . THR A 1 154 ? 3.267   22.857  -26.359 1.00 43.14  ? 177 THR A C   1 
ATOM   1164 O O   . THR A 1 154 ? 4.020   22.878  -25.402 1.00 41.06  ? 177 THR A O   1 
ATOM   1165 C CB  . THR A 1 154 ? 0.899   23.444  -26.009 1.00 48.53  ? 177 THR A CB  1 
ATOM   1166 O OG1 . THR A 1 154 ? -0.335  22.758  -25.831 1.00 73.21  ? 177 THR A OG1 1 
ATOM   1167 C CG2 . THR A 1 154 ? 0.849   24.302  -27.258 1.00 49.60  ? 177 THR A CG2 1 
ATOM   1168 O OXT . THR A 1 154 ? 3.507   23.350  -27.447 1.00 36.18  ? 177 THR A OXT 1 
HETATM 1169 N N1A . COA B 2 .   ? -16.870 -0.361  9.399   1.00 58.20  ? 201 COA A N1A 1 
HETATM 1170 C C2A . COA B 2 .   ? -16.437 0.585   10.242  1.00 53.82  ? 201 COA A C2A 1 
HETATM 1171 N N3A . COA B 2 .   ? -15.212 0.791   10.718  1.00 54.45  ? 201 COA A N3A 1 
HETATM 1172 C C4A . COA B 2 .   ? -14.359 -0.130  10.240  1.00 54.37  ? 201 COA A C4A 1 
HETATM 1173 C C5A . COA B 2 .   ? -14.655 -1.180  9.389   1.00 57.42  ? 201 COA A C5A 1 
HETATM 1174 C C6A . COA B 2 .   ? -15.986 -1.285  8.953   1.00 53.55  ? 201 COA A C6A 1 
HETATM 1175 N N6A . COA B 2 .   ? -16.418 -2.232  8.140   1.00 55.20  ? 201 COA A N6A 1 
HETATM 1176 N N7A . COA B 2 .   ? -13.526 -1.956  9.142   1.00 52.46  ? 201 COA A N7A 1 
HETATM 1177 C C8A . COA B 2 .   ? -12.577 -1.361  9.830   1.00 49.12  ? 201 COA A C8A 1 
HETATM 1178 N N9A . COA B 2 .   ? -13.026 -0.233  10.540  1.00 54.97  ? 201 COA A N9A 1 
HETATM 1179 C C1B . COA B 2 .   ? -12.286 0.703   11.466  1.00 54.12  ? 201 COA A C1B 1 
HETATM 1180 C C2B . COA B 2 .   ? -12.534 0.573   12.972  1.00 55.30  ? 201 COA A C2B 1 
HETATM 1181 O O2B . COA B 2 .   ? -11.963 1.580   13.780  1.00 49.63  ? 201 COA A O2B 1 
HETATM 1182 C C3B . COA B 2 .   ? -11.704 -0.664  13.325  1.00 63.14  ? 201 COA A C3B 1 
HETATM 1183 O O3B . COA B 2 .   ? -11.216 -0.614  14.685  1.00 63.06  ? 201 COA A O3B 1 
HETATM 1184 P P3B . COA B 2 .   ? -12.118 -1.449  15.747  1.00 57.99  ? 201 COA A P3B 1 
HETATM 1185 O O7A . COA B 2 .   ? -11.299 -1.634  17.028  1.00 65.25  ? 201 COA A O7A 1 
HETATM 1186 O O8A . COA B 2 .   ? -13.277 -0.480  15.944  1.00 58.64  ? 201 COA A O8A 1 
HETATM 1187 O O9A . COA B 2 .   ? -12.537 -2.793  15.136  1.00 49.62  ? 201 COA A O9A 1 
HETATM 1188 C C4B . COA B 2 .   ? -10.544 -0.580  12.318  1.00 65.22  ? 201 COA A C4B 1 
HETATM 1189 O O4B . COA B 2 .   ? -10.907 0.449   11.358  1.00 60.13  ? 201 COA A O4B 1 
HETATM 1190 C C5B . COA B 2 .   ? -10.302 -1.840  11.532  1.00 57.70  ? 201 COA A C5B 1 
HETATM 1191 O O5B . COA B 2 .   ? -9.023  -2.335  11.825  1.00 52.61  ? 201 COA A O5B 1 
HETATM 1192 P P1A . COA B 2 .   ? -8.558  -3.607  10.955  1.00 48.75  ? 201 COA A P1A 1 
HETATM 1193 O O1A . COA B 2 .   ? -9.378  -4.802  11.281  1.00 35.27  ? 201 COA A O1A 1 
HETATM 1194 O O2A . COA B 2 .   ? -7.076  -3.715  11.115  1.00 41.11  ? 201 COA A O2A 1 
HETATM 1195 O O3A . COA B 2 .   ? -9.012  -3.223  9.449   1.00 47.80  ? 201 COA A O3A 1 
HETATM 1196 P P2A . COA B 2 .   ? -9.140  -4.399  8.369   1.00 42.94  ? 201 COA A P2A 1 
HETATM 1197 O O4A . COA B 2 .   ? -10.511 -5.032  8.337   1.00 39.13  ? 201 COA A O4A 1 
HETATM 1198 O O5A . COA B 2 .   ? -7.995  -5.336  8.680   1.00 40.30  ? 201 COA A O5A 1 
HETATM 1199 O O6A . COA B 2 .   ? -8.957  -3.652  6.952   1.00 43.43  ? 201 COA A O6A 1 
HETATM 1200 C CBP . COA B 2 .   ? -9.786  -2.350  4.985   1.00 45.10  ? 201 COA A CBP 1 
HETATM 1201 C CCP . COA B 2 .   ? -9.959  -2.689  6.483   1.00 41.01  ? 201 COA A CCP 1 
HETATM 1202 C CDP . COA B 2 .   ? -10.375 -0.943  4.815   1.00 39.03  ? 201 COA A CDP 1 
HETATM 1203 C CEP . COA B 2 .   ? -8.304  -2.238  4.603   1.00 34.54  ? 201 COA A CEP 1 
HETATM 1204 C CAP . COA B 2 .   ? -10.440 -3.342  3.981   1.00 54.14  ? 201 COA A CAP 1 
HETATM 1205 O OAP . COA B 2 .   ? -11.703 -3.639  4.572   1.00 52.20  ? 201 COA A OAP 1 
HETATM 1206 C C9P . COA B 2 .   ? -10.664 -2.891  2.531   1.00 58.20  ? 201 COA A C9P 1 
HETATM 1207 O O9P . COA B 2 .   ? -11.795 -2.856  2.059   1.00 49.54  ? 201 COA A O9P 1 
HETATM 1208 N N8P . COA B 2 .   ? -9.633  -2.490  1.800   1.00 75.79  ? 201 COA A N8P 1 
HETATM 1209 C C7P . COA B 2 .   ? -9.784  -1.577  0.659   1.00 62.54  ? 201 COA A C7P 1 
HETATM 1210 C C6P . COA B 2 .   ? -10.101 -0.138  1.097   1.00 55.75  ? 201 COA A C6P 1 
HETATM 1211 C C5P . COA B 2 .   ? -9.173  1.012   0.729   1.00 70.15  ? 201 COA A C5P 1 
HETATM 1212 O O5P . COA B 2 .   ? -8.884  1.888   1.544   1.00 59.91  ? 201 COA A O5P 1 
HETATM 1213 N N4P . COA B 2 .   ? -8.729  1.078   -0.533  1.00 74.48  ? 201 COA A N4P 1 
HETATM 1214 C C3P . COA B 2 .   ? -8.107  2.244   -1.140  1.00 69.13  ? 201 COA A C3P 1 
HETATM 1215 C C2P . COA B 2 .   ? -6.671  2.376   -0.781  1.00 69.38  ? 201 COA A C2P 1 
HETATM 1216 S S1P . COA B 2 .   ? -6.555  3.302   0.769   1.00 95.82  ? 201 COA A S1P 1 
HETATM 1217 C C11 . SIS C 3 .   ? -7.735  3.111   -4.470  1.00 63.11  ? 202 SIS A C11 1 
HETATM 1218 C C12 . SIS C 3 .   ? -7.891  7.132   -4.291  1.00 62.70  ? 202 SIS A C12 1 
HETATM 1219 C C13 . SIS C 3 .   ? -6.477  9.118   -6.454  1.00 58.67  ? 202 SIS A C13 1 
HETATM 1220 C C21 . SIS C 3 .   ? -7.942  2.290   -5.752  1.00 64.73  ? 202 SIS A C21 1 
HETATM 1221 C C22 . SIS C 3 .   ? -7.877  6.663   -2.839  1.00 66.87  ? 202 SIS A C22 1 
HETATM 1222 C C23 . SIS C 3 .   ? -7.541  9.515   -7.493  1.00 55.31  ? 202 SIS A C23 1 
HETATM 1223 C C31 . SIS C 3 .   ? -9.293  2.588   -6.426  1.00 60.05  ? 202 SIS A C31 1 
HETATM 1224 C C32 . SIS C 3 .   ? -7.038  5.399   -2.642  1.00 67.86  ? 202 SIS A C32 1 
HETATM 1225 C C33 . SIS C 3 .   ? -7.182  9.144   -8.930  1.00 51.68  ? 202 SIS A C33 1 
HETATM 1226 C C41 . SIS C 3 .   ? -10.414 2.815   -5.456  1.00 65.67  ? 202 SIS A C41 1 
HETATM 1227 C C42 . SIS C 3 .   ? -6.272  4.995   -3.910  1.00 62.93  ? 202 SIS A C42 1 
HETATM 1228 C C43 . SIS C 3 .   ? -5.696  9.408   -9.257  1.00 52.12  ? 202 SIS A C43 1 
HETATM 1229 C C51 . SIS C 3 .   ? -10.190 3.172   -4.202  1.00 71.59  ? 202 SIS A C51 1 
HETATM 1230 C C52 . SIS C 3 .   ? -5.587  6.172   -4.643  1.00 56.78  ? 202 SIS A C52 1 
HETATM 1231 C C53 . SIS C 3 .   ? -4.819  8.810   -8.152  1.00 53.30  ? 202 SIS A C53 1 
HETATM 1232 C C61 . SIS C 3 .   ? -11.249 3.493   -3.176  1.00 67.40  ? 202 SIS A C61 1 
HETATM 1233 C C62 . SIS C 3 .   ? -6.482  7.388   -4.799  1.00 62.21  ? 202 SIS A C62 1 
HETATM 1234 C C83 . SIS C 3 .   ? -5.342  8.916   -10.659 1.00 46.45  ? 202 SIS A C83 1 
HETATM 1235 C C93 . SIS C 3 .   ? -8.841  9.049   -10.734 1.00 57.64  ? 202 SIS A C93 1 
HETATM 1236 N N12 . SIS C 3 .   ? -8.671  8.401   -4.411  1.00 55.35  ? 202 SIS A N12 1 
HETATM 1237 N N21 . SIS C 3 .   ? -6.786  2.490   -6.653  1.00 55.63  ? 202 SIS A N21 1 
HETATM 1238 N N32 . SIS C 3 .   ? -6.108  5.556   -1.477  1.00 61.56  ? 202 SIS A N32 1 
HETATM 1239 N N33 . SIS C 3 .   ? -8.026  9.880   -9.880  1.00 55.23  ? 202 SIS A N33 1 
HETATM 1240 N N61 . SIS C 3 .   ? -11.014 4.765   -2.465  1.00 70.66  ? 202 SIS A N61 1 
HETATM 1241 O O11 . SIS C 3 .   ? -7.205  4.381   -4.816  1.00 68.57  ? 202 SIS A O11 1 
HETATM 1242 O O23 . SIS C 3 .   ? -8.788  8.866   -7.223  1.00 50.71  ? 202 SIS A O23 1 
HETATM 1243 O O43 . SIS C 3 .   ? -5.534  10.832  -9.278  1.00 45.91  ? 202 SIS A O43 1 
HETATM 1244 O O51 . SIS C 3 .   ? -8.925  3.268   -3.693  1.00 74.51  ? 202 SIS A O51 1 
HETATM 1245 O O52 . SIS C 3 .   ? -4.393  6.610   -3.980  1.00 55.95  ? 202 SIS A O52 1 
HETATM 1246 O O53 . SIS C 3 .   ? -5.135  9.405   -6.878  1.00 55.18  ? 202 SIS A O53 1 
HETATM 1247 O O62 . SIS C 3 .   ? -6.596  7.740   -6.181  1.00 55.70  ? 202 SIS A O62 1 
HETATM 1248 O O   . HOH D 4 .   ? -3.568  7.004   -0.650  1.00 24.11  ? 301 HOH A O   1 
HETATM 1249 O O   . HOH D 4 .   ? 13.107  7.781   12.495  1.00 42.43  ? 302 HOH A O   1 
HETATM 1250 O O   . HOH D 4 .   ? 12.070  1.217   12.756  1.00 48.97  ? 303 HOH A O   1 
HETATM 1251 O O   . HOH D 4 .   ? -10.792 -1.416  -13.577 1.00 62.65  ? 304 HOH A O   1 
HETATM 1252 O O   . HOH D 4 .   ? 12.994  1.786   1.735   1.00 28.85  ? 305 HOH A O   1 
HETATM 1253 O O   . HOH D 4 .   ? 9.498   -14.505 -5.785  1.00 32.21  ? 306 HOH A O   1 
HETATM 1254 O O   . HOH D 4 .   ? -13.984 10.947  -2.386  1.00 42.32  ? 307 HOH A O   1 
HETATM 1255 O O   . HOH D 4 .   ? -10.688 -15.958 10.157  1.00 51.48  ? 308 HOH A O   1 
HETATM 1256 O O   . HOH D 4 .   ? 6.515   2.958   -14.745 1.00 34.20  ? 309 HOH A O   1 
HETATM 1257 O O   . HOH D 4 .   ? -8.767  12.385  12.700  1.00 39.42  ? 310 HOH A O   1 
HETATM 1258 O O   . HOH D 4 .   ? 15.140  -0.156  -8.511  1.00 31.67  ? 311 HOH A O   1 
HETATM 1259 O O   . HOH D 4 .   ? -7.332  1.376   -9.092  1.00 42.02  ? 312 HOH A O   1 
HETATM 1260 O O   . HOH D 4 .   ? -12.836 17.060  0.380   0.50 32.30  ? 313 HOH A O   1 
HETATM 1261 O O   . HOH D 4 .   ? 9.054   -3.257  -0.446  1.00 25.44  ? 314 HOH A O   1 
HETATM 1262 O O   . HOH D 4 .   ? -13.754 11.344  10.378  1.00 47.85  ? 315 HOH A O   1 
HETATM 1263 O O   . HOH D 4 .   ? 7.123   20.759  0.716   1.00 26.83  ? 316 HOH A O   1 
HETATM 1264 O O   . HOH D 4 .   ? 10.286  1.745   14.857  1.00 36.57  ? 317 HOH A O   1 
HETATM 1265 O O   . HOH D 4 .   ? -9.311  19.489  6.802   1.00 49.68  ? 318 HOH A O   1 
HETATM 1266 O O   . HOH D 4 .   ? -19.044 -1.859  12.516  1.00 63.31  ? 319 HOH A O   1 
HETATM 1267 O O   . HOH D 4 .   ? 7.487   -14.676 -3.039  1.00 23.52  ? 320 HOH A O   1 
HETATM 1268 O O   . HOH D 4 .   ? -3.642  -13.496 -3.991  1.00 44.08  ? 321 HOH A O   1 
HETATM 1269 O O   . HOH D 4 .   ? 6.508   -4.923  -18.267 1.00 33.59  ? 322 HOH A O   1 
HETATM 1270 O O   . HOH D 4 .   ? 7.795   -11.416 9.448   1.00 50.80  ? 323 HOH A O   1 
HETATM 1271 O O   . HOH D 4 .   ? -7.058  0.551   -15.753 1.00 46.54  ? 324 HOH A O   1 
HETATM 1272 O O   . HOH D 4 .   ? -12.929 -14.853 9.785   1.00 51.64  ? 325 HOH A O   1 
HETATM 1273 O O   . HOH D 4 .   ? 6.536   21.548  7.767   1.00 37.49  ? 326 HOH A O   1 
HETATM 1274 O O   . HOH D 4 .   ? 10.134  -9.438  -19.712 1.00 60.23  ? 327 HOH A O   1 
HETATM 1275 O O   . HOH D 4 .   ? -15.622 17.199  7.369   1.00 58.25  ? 328 HOH A O   1 
HETATM 1276 O O   . HOH D 4 .   ? 18.212  13.804  7.932   1.00 46.94  ? 329 HOH A O   1 
HETATM 1277 O O   . HOH D 4 .   ? 6.618   21.394  3.356   1.00 37.77  ? 330 HOH A O   1 
HETATM 1278 O O   . HOH D 4 .   ? -11.648 -6.997  -18.240 1.00 49.23  ? 331 HOH A O   1 
HETATM 1279 O O   . HOH D 4 .   ? -1.494  20.011  -28.337 1.00 43.66  ? 332 HOH A O   1 
HETATM 1280 O O   . HOH D 4 .   ? -8.010  -16.175 10.759  1.00 59.50  ? 333 HOH A O   1 
HETATM 1281 O O   . HOH D 4 .   ? -13.653 9.647   -6.045  1.00 48.51  ? 334 HOH A O   1 
HETATM 1282 O O   . HOH D 4 .   ? -9.616  -4.716  14.687  1.00 45.12  ? 335 HOH A O   1 
HETATM 1283 O O   . HOH D 4 .   ? -21.446 5.630   1.084   1.00 43.96  ? 336 HOH A O   1 
HETATM 1284 O O   . HOH D 4 .   ? 4.795   -16.662 5.092   1.00 61.35  ? 337 HOH A O   1 
HETATM 1285 O O   . HOH D 4 .   ? 13.743  6.208   14.721  1.00 44.94  ? 338 HOH A O   1 
HETATM 1286 O O   . HOH D 4 .   ? 2.567   -13.362 -14.927 1.00 60.43  ? 339 HOH A O   1 
HETATM 1287 O O   . HOH D 4 .   ? 16.989  7.375   10.677  1.00 47.30  ? 340 HOH A O   1 
HETATM 1288 O O   . HOH D 4 .   ? -5.483  -13.888 -11.606 1.00 57.83  ? 341 HOH A O   1 
HETATM 1289 O O   . HOH D 4 .   ? -9.125  -17.738 8.887   1.00 53.06  ? 342 HOH A O   1 
HETATM 1290 O O   . HOH D 4 .   ? 3.918   -10.814 -17.063 1.00 52.57  ? 343 HOH A O   1 
HETATM 1291 O O   . HOH D 4 .   ? -6.119  -12.907 -14.867 1.00 50.17  ? 344 HOH A O   1 
HETATM 1292 O O   . HOH D 4 .   ? 10.407  0.474   -12.294 1.00 33.42  ? 345 HOH A O   1 
HETATM 1293 O O   . HOH D 4 .   ? -11.472 22.416  5.689   1.00 47.13  ? 346 HOH A O   1 
HETATM 1294 O O   . HOH D 4 .   ? -1.564  -24.815 1.143   1.00 44.93  ? 347 HOH A O   1 
HETATM 1295 O O   . HOH D 4 .   ? 12.569  -2.312  15.568  1.00 63.15  ? 348 HOH A O   1 
HETATM 1296 O O   . HOH D 4 .   ? -1.003  -16.306 -6.865  1.00 39.91  ? 349 HOH A O   1 
HETATM 1297 O O   . HOH D 4 .   ? 18.159  9.448   8.841   1.00 52.27  ? 350 HOH A O   1 
HETATM 1298 O O   . HOH D 4 .   ? -0.387  21.777  -29.972 1.00 39.49  ? 351 HOH A O   1 
HETATM 1299 O O   . HOH D 4 .   ? -10.754 -0.290  -16.975 1.00 51.82  ? 352 HOH A O   1 
HETATM 1300 O O   . HOH D 4 .   ? -9.038  -2.057  -17.903 1.00 50.36  ? 353 HOH A O   1 
HETATM 1301 O O   . HOH D 4 .   ? -23.227 7.319   4.570   1.00 46.07  ? 354 HOH A O   1 
HETATM 1302 O O   . HOH D 4 .   ? 16.571  1.515   2.748   1.00 55.17  ? 355 HOH A O   1 
HETATM 1303 O O   . HOH D 4 .   ? -12.643 12.855  15.401  1.00 38.66  ? 356 HOH A O   1 
HETATM 1304 O O   . HOH D 4 .   ? -12.327 -6.885  -23.211 1.00 67.54  ? 357 HOH A O   1 
HETATM 1305 O O   . HOH D 4 .   ? 21.113  8.524   2.814   1.00 43.67  ? 358 HOH A O   1 
HETATM 1306 O O   . HOH D 4 .   ? -12.020 -8.775  -24.774 1.00 52.67  ? 359 HOH A O   1 
HETATM 1307 O O   . HOH D 4 .   ? 16.031  9.850   17.795  1.00 51.12  ? 360 HOH A O   1 
HETATM 1308 O O   . HOH D 4 .   ? -15.470 15.965  16.523  1.00 49.34  ? 361 HOH A O   1 
# 
